data_1LRY
# 
_entry.id   1LRY 
# 
_audit_conform.dict_name       mmcif_pdbx.dic 
_audit_conform.dict_version    5.386 
_audit_conform.dict_location   http://mmcif.pdb.org/dictionaries/ascii/mmcif_pdbx.dic 
# 
loop_
_database_2.database_id 
_database_2.database_code 
_database_2.pdbx_database_accession 
_database_2.pdbx_DOI 
PDB   1LRY         pdb_00001lry 10.2210/pdb1lry/pdb 
RCSB  RCSB016229   ?            ?                   
WWPDB D_1000016229 ?            ?                   
# 
loop_
_pdbx_audit_revision_history.ordinal 
_pdbx_audit_revision_history.data_content_type 
_pdbx_audit_revision_history.major_revision 
_pdbx_audit_revision_history.minor_revision 
_pdbx_audit_revision_history.revision_date 
1 'Structure model' 1 0 2002-07-24 
2 'Structure model' 1 1 2008-04-28 
3 'Structure model' 1 2 2011-07-13 
4 'Structure model' 1 3 2024-02-14 
# 
_pdbx_audit_revision_details.ordinal             1 
_pdbx_audit_revision_details.revision_ordinal    1 
_pdbx_audit_revision_details.data_content_type   'Structure model' 
_pdbx_audit_revision_details.provider            repository 
_pdbx_audit_revision_details.type                'Initial release' 
_pdbx_audit_revision_details.description         ? 
_pdbx_audit_revision_details.details             ? 
# 
loop_
_pdbx_audit_revision_group.ordinal 
_pdbx_audit_revision_group.revision_ordinal 
_pdbx_audit_revision_group.data_content_type 
_pdbx_audit_revision_group.group 
1 2 'Structure model' 'Version format compliance' 
2 3 'Structure model' 'Version format compliance' 
3 4 'Structure model' 'Data collection'           
4 4 'Structure model' 'Database references'       
5 4 'Structure model' 'Derived calculations'      
# 
loop_
_pdbx_audit_revision_category.ordinal 
_pdbx_audit_revision_category.revision_ordinal 
_pdbx_audit_revision_category.data_content_type 
_pdbx_audit_revision_category.category 
1 4 'Structure model' chem_comp_atom         
2 4 'Structure model' chem_comp_bond         
3 4 'Structure model' database_2             
4 4 'Structure model' pdbx_struct_conn_angle 
5 4 'Structure model' struct_conn            
6 4 'Structure model' struct_site            
# 
loop_
_pdbx_audit_revision_item.ordinal 
_pdbx_audit_revision_item.revision_ordinal 
_pdbx_audit_revision_item.data_content_type 
_pdbx_audit_revision_item.item 
1  4 'Structure model' '_database_2.pdbx_DOI'                        
2  4 'Structure model' '_database_2.pdbx_database_accession'         
3  4 'Structure model' '_pdbx_struct_conn_angle.ptnr1_auth_comp_id'  
4  4 'Structure model' '_pdbx_struct_conn_angle.ptnr1_auth_seq_id'   
5  4 'Structure model' '_pdbx_struct_conn_angle.ptnr1_label_asym_id' 
6  4 'Structure model' '_pdbx_struct_conn_angle.ptnr1_label_atom_id' 
7  4 'Structure model' '_pdbx_struct_conn_angle.ptnr1_label_comp_id' 
8  4 'Structure model' '_pdbx_struct_conn_angle.ptnr1_label_seq_id'  
9  4 'Structure model' '_pdbx_struct_conn_angle.ptnr3_auth_comp_id'  
10 4 'Structure model' '_pdbx_struct_conn_angle.ptnr3_auth_seq_id'   
11 4 'Structure model' '_pdbx_struct_conn_angle.ptnr3_label_asym_id' 
12 4 'Structure model' '_pdbx_struct_conn_angle.ptnr3_label_atom_id' 
13 4 'Structure model' '_pdbx_struct_conn_angle.ptnr3_label_comp_id' 
14 4 'Structure model' '_pdbx_struct_conn_angle.ptnr3_label_seq_id'  
15 4 'Structure model' '_pdbx_struct_conn_angle.value'               
16 4 'Structure model' '_struct_conn.pdbx_dist_value'                
17 4 'Structure model' '_struct_conn.ptnr1_auth_comp_id'             
18 4 'Structure model' '_struct_conn.ptnr1_auth_seq_id'              
19 4 'Structure model' '_struct_conn.ptnr1_label_asym_id'            
20 4 'Structure model' '_struct_conn.ptnr1_label_atom_id'            
21 4 'Structure model' '_struct_conn.ptnr1_label_comp_id'            
22 4 'Structure model' '_struct_conn.ptnr1_label_seq_id'             
23 4 'Structure model' '_struct_conn.ptnr2_auth_comp_id'             
24 4 'Structure model' '_struct_conn.ptnr2_auth_seq_id'              
25 4 'Structure model' '_struct_conn.ptnr2_label_asym_id'            
26 4 'Structure model' '_struct_conn.ptnr2_label_atom_id'            
27 4 'Structure model' '_struct_conn.ptnr2_label_comp_id'            
28 4 'Structure model' '_struct_conn.ptnr2_label_seq_id'             
29 4 'Structure model' '_struct_site.pdbx_auth_asym_id'              
30 4 'Structure model' '_struct_site.pdbx_auth_comp_id'              
31 4 'Structure model' '_struct_site.pdbx_auth_seq_id'               
# 
_pdbx_database_status.status_code                     REL 
_pdbx_database_status.entry_id                        1LRY 
_pdbx_database_status.recvd_initial_deposition_date   2002-05-16 
_pdbx_database_status.deposit_site                    RCSB 
_pdbx_database_status.process_site                    RCSB 
_pdbx_database_status.SG_entry                        . 
_pdbx_database_status.pdb_format_compatible           Y 
_pdbx_database_status.status_code_mr                  ? 
_pdbx_database_status.status_code_sf                  ? 
_pdbx_database_status.status_code_cs                  ? 
_pdbx_database_status.status_code_nmr_data            ? 
_pdbx_database_status.methods_development_category    ? 
# 
loop_
_pdbx_database_related.db_name 
_pdbx_database_related.db_id 
_pdbx_database_related.details 
_pdbx_database_related.content_type 
PDB 1LQW '1LQW IS the crystal structure of S.aureus deformylase.'             unspecified 
PDB 1LQY '1LQY IS the crystal structure of B.stearothermophilus deformylase.' unspecified 
PDB 1LRU '1LRU IS the crystal structure of E.coli deformylase.'               unspecified 
# 
loop_
_audit_author.name 
_audit_author.pdbx_ordinal 
'Guilloteau, J.-P.' 1  
'Mathieu, M.'       2  
'Giglione, C.'      3  
'Blanc, V.'         4  
'Dupuy, A.'         5  
'Chevrier, M.'      6  
'Gil, P.'           7  
'Famechon, A.'      8  
'Meinnel, T.'       9  
'Mikol, V.'         10 
# 
_citation.id                        primary 
_citation.title                     
;The crystal structures of four peptide deformylases bound to the antibiotic actinonin reveal two distinct types: a platform for the structure-based design of antibacterial agents.
;
_citation.journal_abbrev            J.Mol.Biol. 
_citation.journal_volume            320 
_citation.page_first                951 
_citation.page_last                 962 
_citation.year                      2002 
_citation.journal_id_ASTM           JMOBAK 
_citation.country                   UK 
_citation.journal_id_ISSN           0022-2836 
_citation.journal_id_CSD            0070 
_citation.book_publisher            ? 
_citation.pdbx_database_id_PubMed   12126617 
_citation.pdbx_database_id_DOI      '10.1016/S0022-2836(02)00549-1' 
# 
loop_
_citation_author.citation_id 
_citation_author.name 
_citation_author.ordinal 
_citation_author.identifier_ORCID 
primary 'Guilloteau, J.P.' 1  ? 
primary 'Mathieu, M.'      2  ? 
primary 'Giglione, C.'     3  ? 
primary 'Blanc, V.'        4  ? 
primary 'Dupuy, A.'        5  ? 
primary 'Chevrier, M.'     6  ? 
primary 'Gil, P.'          7  ? 
primary 'Famechon, A.'     8  ? 
primary 'Meinnel, T.'      9  ? 
primary 'Mikol, V.'        10 ? 
# 
loop_
_entity.id 
_entity.type 
_entity.src_method 
_entity.pdbx_description 
_entity.formula_weight 
_entity.pdbx_number_of_molecules 
_entity.pdbx_ec 
_entity.pdbx_mutation 
_entity.pdbx_fragment 
_entity.details 
1 polymer     man 'PEPTIDE deformylase' 19259.961 1   3.5.1.88 ? ? ? 
2 non-polymer syn 'ZINC ION'            65.409    1   ?        ? ? ? 
3 non-polymer syn ACTINONIN             385.498   1   ?        ? ? ? 
4 water       nat water                 18.015    150 ?        ? ? ? 
# 
_entity_name_com.entity_id   1 
_entity_name_com.name        'PDF, POLYPEPTIDE DEFORMYLASE' 
# 
_entity_poly.entity_id                      1 
_entity_poly.type                           'polypeptide(L)' 
_entity_poly.nstd_linkage                   no 
_entity_poly.nstd_monomer                   no 
_entity_poly.pdbx_seq_one_letter_code       
;AILNILEFPDPRLRTIAKPVEVVDDAVRQLIDDMFETMYEAPGIGLAATQVNVHKRIVVMDLSEDKSEPRVFINPEFEPL
TEDMDQYQEGCLSVPGFYENVDRPQKVRIKALDRDGNPFEEVAEGLLAVCIQHECDHLNGKLFVDYLSTLKRDRIRKKLE
KQHRQQA
;
_entity_poly.pdbx_seq_one_letter_code_can   
;AILNILEFPDPRLRTIAKPVEVVDDAVRQLIDDMFETMYEAPGIGLAATQVNVHKRIVVMDLSEDKSEPRVFINPEFEPL
TEDMDQYQEGCLSVPGFYENVDRPQKVRIKALDRDGNPFEEVAEGLLAVCIQHECDHLNGKLFVDYLSTLKRDRIRKKLE
KQHRQQA
;
_entity_poly.pdbx_strand_id                 A 
_entity_poly.pdbx_target_identifier         ? 
# 
loop_
_pdbx_entity_nonpoly.entity_id 
_pdbx_entity_nonpoly.name 
_pdbx_entity_nonpoly.comp_id 
2 'ZINC ION' ZN  
3 ACTINONIN  BB2 
4 water      HOH 
# 
loop_
_entity_poly_seq.entity_id 
_entity_poly_seq.num 
_entity_poly_seq.mon_id 
_entity_poly_seq.hetero 
1 1   ALA n 
1 2   ILE n 
1 3   LEU n 
1 4   ASN n 
1 5   ILE n 
1 6   LEU n 
1 7   GLU n 
1 8   PHE n 
1 9   PRO n 
1 10  ASP n 
1 11  PRO n 
1 12  ARG n 
1 13  LEU n 
1 14  ARG n 
1 15  THR n 
1 16  ILE n 
1 17  ALA n 
1 18  LYS n 
1 19  PRO n 
1 20  VAL n 
1 21  GLU n 
1 22  VAL n 
1 23  VAL n 
1 24  ASP n 
1 25  ASP n 
1 26  ALA n 
1 27  VAL n 
1 28  ARG n 
1 29  GLN n 
1 30  LEU n 
1 31  ILE n 
1 32  ASP n 
1 33  ASP n 
1 34  MET n 
1 35  PHE n 
1 36  GLU n 
1 37  THR n 
1 38  MET n 
1 39  TYR n 
1 40  GLU n 
1 41  ALA n 
1 42  PRO n 
1 43  GLY n 
1 44  ILE n 
1 45  GLY n 
1 46  LEU n 
1 47  ALA n 
1 48  ALA n 
1 49  THR n 
1 50  GLN n 
1 51  VAL n 
1 52  ASN n 
1 53  VAL n 
1 54  HIS n 
1 55  LYS n 
1 56  ARG n 
1 57  ILE n 
1 58  VAL n 
1 59  VAL n 
1 60  MET n 
1 61  ASP n 
1 62  LEU n 
1 63  SER n 
1 64  GLU n 
1 65  ASP n 
1 66  LYS n 
1 67  SER n 
1 68  GLU n 
1 69  PRO n 
1 70  ARG n 
1 71  VAL n 
1 72  PHE n 
1 73  ILE n 
1 74  ASN n 
1 75  PRO n 
1 76  GLU n 
1 77  PHE n 
1 78  GLU n 
1 79  PRO n 
1 80  LEU n 
1 81  THR n 
1 82  GLU n 
1 83  ASP n 
1 84  MET n 
1 85  ASP n 
1 86  GLN n 
1 87  TYR n 
1 88  GLN n 
1 89  GLU n 
1 90  GLY n 
1 91  CYS n 
1 92  LEU n 
1 93  SER n 
1 94  VAL n 
1 95  PRO n 
1 96  GLY n 
1 97  PHE n 
1 98  TYR n 
1 99  GLU n 
1 100 ASN n 
1 101 VAL n 
1 102 ASP n 
1 103 ARG n 
1 104 PRO n 
1 105 GLN n 
1 106 LYS n 
1 107 VAL n 
1 108 ARG n 
1 109 ILE n 
1 110 LYS n 
1 111 ALA n 
1 112 LEU n 
1 113 ASP n 
1 114 ARG n 
1 115 ASP n 
1 116 GLY n 
1 117 ASN n 
1 118 PRO n 
1 119 PHE n 
1 120 GLU n 
1 121 GLU n 
1 122 VAL n 
1 123 ALA n 
1 124 GLU n 
1 125 GLY n 
1 126 LEU n 
1 127 LEU n 
1 128 ALA n 
1 129 VAL n 
1 130 CYS n 
1 131 ILE n 
1 132 GLN n 
1 133 HIS n 
1 134 GLU n 
1 135 CYS n 
1 136 ASP n 
1 137 HIS n 
1 138 LEU n 
1 139 ASN n 
1 140 GLY n 
1 141 LYS n 
1 142 LEU n 
1 143 PHE n 
1 144 VAL n 
1 145 ASP n 
1 146 TYR n 
1 147 LEU n 
1 148 SER n 
1 149 THR n 
1 150 LEU n 
1 151 LYS n 
1 152 ARG n 
1 153 ASP n 
1 154 ARG n 
1 155 ILE n 
1 156 ARG n 
1 157 LYS n 
1 158 LYS n 
1 159 LEU n 
1 160 GLU n 
1 161 LYS n 
1 162 GLN n 
1 163 HIS n 
1 164 ARG n 
1 165 GLN n 
1 166 GLN n 
1 167 ALA n 
# 
_entity_src_gen.entity_id                          1 
_entity_src_gen.pdbx_src_id                        1 
_entity_src_gen.pdbx_alt_source_flag               sample 
_entity_src_gen.pdbx_seq_type                      ? 
_entity_src_gen.pdbx_beg_seq_num                   ? 
_entity_src_gen.pdbx_end_seq_num                   ? 
_entity_src_gen.gene_src_common_name               ? 
_entity_src_gen.gene_src_genus                     Pseudomonas 
_entity_src_gen.pdbx_gene_src_gene                 ? 
_entity_src_gen.gene_src_species                   ? 
_entity_src_gen.gene_src_strain                    ? 
_entity_src_gen.gene_src_tissue                    ? 
_entity_src_gen.gene_src_tissue_fraction           ? 
_entity_src_gen.gene_src_details                   ? 
_entity_src_gen.pdbx_gene_src_fragment             ? 
_entity_src_gen.pdbx_gene_src_scientific_name      'Pseudomonas aeruginosa' 
_entity_src_gen.pdbx_gene_src_ncbi_taxonomy_id     287 
_entity_src_gen.pdbx_gene_src_variant              ? 
_entity_src_gen.pdbx_gene_src_cell_line            ? 
_entity_src_gen.pdbx_gene_src_atcc                 ? 
_entity_src_gen.pdbx_gene_src_organ                ? 
_entity_src_gen.pdbx_gene_src_organelle            ? 
_entity_src_gen.pdbx_gene_src_cell                 ? 
_entity_src_gen.pdbx_gene_src_cellular_location    ? 
_entity_src_gen.host_org_common_name               ? 
_entity_src_gen.pdbx_host_org_scientific_name      'Escherichia coli' 
_entity_src_gen.pdbx_host_org_ncbi_taxonomy_id     562 
_entity_src_gen.host_org_genus                     Escherichia 
_entity_src_gen.pdbx_host_org_gene                 ? 
_entity_src_gen.pdbx_host_org_organ                ? 
_entity_src_gen.host_org_species                   ? 
_entity_src_gen.pdbx_host_org_tissue               ? 
_entity_src_gen.pdbx_host_org_tissue_fraction      ? 
_entity_src_gen.pdbx_host_org_strain               ? 
_entity_src_gen.pdbx_host_org_variant              ? 
_entity_src_gen.pdbx_host_org_cell_line            ? 
_entity_src_gen.pdbx_host_org_atcc                 ? 
_entity_src_gen.pdbx_host_org_culture_collection   ? 
_entity_src_gen.pdbx_host_org_cell                 ? 
_entity_src_gen.pdbx_host_org_organelle            ? 
_entity_src_gen.pdbx_host_org_cellular_location    ? 
_entity_src_gen.pdbx_host_org_vector_type          ? 
_entity_src_gen.pdbx_host_org_vector               ? 
_entity_src_gen.host_org_details                   ? 
_entity_src_gen.expression_system_id               ? 
_entity_src_gen.plasmid_name                       ? 
_entity_src_gen.plasmid_details                    ? 
_entity_src_gen.pdbx_description                   ? 
# 
loop_
_chem_comp.id 
_chem_comp.type 
_chem_comp.mon_nstd_flag 
_chem_comp.name 
_chem_comp.pdbx_synonyms 
_chem_comp.formula 
_chem_comp.formula_weight 
ALA 'L-peptide linking' y ALANINE         ? 'C3 H7 N O2'     89.093  
ARG 'L-peptide linking' y ARGININE        ? 'C6 H15 N4 O2 1' 175.209 
ASN 'L-peptide linking' y ASPARAGINE      ? 'C4 H8 N2 O3'    132.118 
ASP 'L-peptide linking' y 'ASPARTIC ACID' ? 'C4 H7 N O4'     133.103 
BB2 non-polymer         . ACTINONIN       
'2-[(FORMYL-HYDROXY-AMINO)-METHYL]-HEPTANOIC ACID [1-(2-HYDROXYMETHYL-PYRROLIDINE-1-CARBONYL)-2-METHYL-PROPYL]-AMIDE' 
'C19 H35 N3 O5'  385.498 
CYS 'L-peptide linking' y CYSTEINE        ? 'C3 H7 N O2 S'   121.158 
GLN 'L-peptide linking' y GLUTAMINE       ? 'C5 H10 N2 O3'   146.144 
GLU 'L-peptide linking' y 'GLUTAMIC ACID' ? 'C5 H9 N O4'     147.129 
GLY 'peptide linking'   y GLYCINE         ? 'C2 H5 N O2'     75.067  
HIS 'L-peptide linking' y HISTIDINE       ? 'C6 H10 N3 O2 1' 156.162 
HOH non-polymer         . WATER           ? 'H2 O'           18.015  
ILE 'L-peptide linking' y ISOLEUCINE      ? 'C6 H13 N O2'    131.173 
LEU 'L-peptide linking' y LEUCINE         ? 'C6 H13 N O2'    131.173 
LYS 'L-peptide linking' y LYSINE          ? 'C6 H15 N2 O2 1' 147.195 
MET 'L-peptide linking' y METHIONINE      ? 'C5 H11 N O2 S'  149.211 
PHE 'L-peptide linking' y PHENYLALANINE   ? 'C9 H11 N O2'    165.189 
PRO 'L-peptide linking' y PROLINE         ? 'C5 H9 N O2'     115.130 
SER 'L-peptide linking' y SERINE          ? 'C3 H7 N O3'     105.093 
THR 'L-peptide linking' y THREONINE       ? 'C4 H9 N O3'     119.119 
TYR 'L-peptide linking' y TYROSINE        ? 'C9 H11 N O3'    181.189 
VAL 'L-peptide linking' y VALINE          ? 'C5 H11 N O2'    117.146 
ZN  non-polymer         . 'ZINC ION'      ? 'Zn 2'           65.409  
# 
loop_
_pdbx_poly_seq_scheme.asym_id 
_pdbx_poly_seq_scheme.entity_id 
_pdbx_poly_seq_scheme.seq_id 
_pdbx_poly_seq_scheme.mon_id 
_pdbx_poly_seq_scheme.ndb_seq_num 
_pdbx_poly_seq_scheme.pdb_seq_num 
_pdbx_poly_seq_scheme.auth_seq_num 
_pdbx_poly_seq_scheme.pdb_mon_id 
_pdbx_poly_seq_scheme.auth_mon_id 
_pdbx_poly_seq_scheme.pdb_strand_id 
_pdbx_poly_seq_scheme.pdb_ins_code 
_pdbx_poly_seq_scheme.hetero 
A 1 1   ALA 1   1   1   ALA ALA A . n 
A 1 2   ILE 2   2   2   ILE ILE A . n 
A 1 3   LEU 3   3   3   LEU LEU A . n 
A 1 4   ASN 4   4   4   ASN ASN A . n 
A 1 5   ILE 5   5   5   ILE ILE A . n 
A 1 6   LEU 6   6   6   LEU LEU A . n 
A 1 7   GLU 7   7   7   GLU GLU A . n 
A 1 8   PHE 8   8   8   PHE PHE A . n 
A 1 9   PRO 9   9   9   PRO PRO A . n 
A 1 10  ASP 10  10  10  ASP ASP A . n 
A 1 11  PRO 11  11  11  PRO PRO A . n 
A 1 12  ARG 12  12  12  ARG ARG A . n 
A 1 13  LEU 13  13  13  LEU LEU A . n 
A 1 14  ARG 14  14  14  ARG ARG A . n 
A 1 15  THR 15  15  15  THR THR A . n 
A 1 16  ILE 16  16  16  ILE ILE A . n 
A 1 17  ALA 17  17  17  ALA ALA A . n 
A 1 18  LYS 18  18  18  LYS LYS A . n 
A 1 19  PRO 19  19  19  PRO PRO A . n 
A 1 20  VAL 20  20  20  VAL VAL A . n 
A 1 21  GLU 21  21  21  GLU GLU A . n 
A 1 22  VAL 22  22  22  VAL VAL A . n 
A 1 23  VAL 23  23  23  VAL VAL A . n 
A 1 24  ASP 24  24  24  ASP ASP A . n 
A 1 25  ASP 25  25  25  ASP ASP A . n 
A 1 26  ALA 26  26  26  ALA ALA A . n 
A 1 27  VAL 27  27  27  VAL VAL A . n 
A 1 28  ARG 28  28  28  ARG ARG A . n 
A 1 29  GLN 29  29  29  GLN GLN A . n 
A 1 30  LEU 30  30  30  LEU LEU A . n 
A 1 31  ILE 31  31  31  ILE ILE A . n 
A 1 32  ASP 32  32  32  ASP ASP A . n 
A 1 33  ASP 33  33  33  ASP ASP A . n 
A 1 34  MET 34  34  34  MET MET A . n 
A 1 35  PHE 35  35  35  PHE PHE A . n 
A 1 36  GLU 36  36  36  GLU GLU A . n 
A 1 37  THR 37  37  37  THR THR A . n 
A 1 38  MET 38  38  38  MET MET A . n 
A 1 39  TYR 39  39  39  TYR TYR A . n 
A 1 40  GLU 40  40  40  GLU GLU A . n 
A 1 41  ALA 41  41  41  ALA ALA A . n 
A 1 42  PRO 42  42  42  PRO PRO A . n 
A 1 43  GLY 43  43  43  GLY GLY A . n 
A 1 44  ILE 44  44  44  ILE ILE A . n 
A 1 45  GLY 45  45  45  GLY GLY A . n 
A 1 46  LEU 46  46  46  LEU LEU A . n 
A 1 47  ALA 47  47  47  ALA ALA A . n 
A 1 48  ALA 48  48  48  ALA ALA A . n 
A 1 49  THR 49  49  49  THR THR A . n 
A 1 50  GLN 50  50  50  GLN GLN A . n 
A 1 51  VAL 51  51  51  VAL VAL A . n 
A 1 52  ASN 52  52  52  ASN ASN A . n 
A 1 53  VAL 53  53  53  VAL VAL A . n 
A 1 54  HIS 54  54  54  HIS HIS A . n 
A 1 55  LYS 55  55  55  LYS LYS A . n 
A 1 56  ARG 56  56  56  ARG ARG A . n 
A 1 57  ILE 57  57  57  ILE ILE A . n 
A 1 58  VAL 58  58  58  VAL VAL A . n 
A 1 59  VAL 59  59  59  VAL VAL A . n 
A 1 60  MET 60  60  60  MET MET A . n 
A 1 61  ASP 61  61  61  ASP ASP A . n 
A 1 62  LEU 62  62  62  LEU LEU A . n 
A 1 63  SER 63  63  63  SER SER A . n 
A 1 64  GLU 64  64  64  GLU GLU A . n 
A 1 65  ASP 65  65  65  ASP ASP A . n 
A 1 66  LYS 66  66  66  LYS LYS A . n 
A 1 67  SER 67  67  67  SER SER A . n 
A 1 68  GLU 68  68  68  GLU GLU A . n 
A 1 69  PRO 69  69  69  PRO PRO A . n 
A 1 70  ARG 70  70  70  ARG ARG A . n 
A 1 71  VAL 71  71  71  VAL VAL A . n 
A 1 72  PHE 72  72  72  PHE PHE A . n 
A 1 73  ILE 73  73  73  ILE ILE A . n 
A 1 74  ASN 74  74  74  ASN ASN A . n 
A 1 75  PRO 75  75  75  PRO PRO A . n 
A 1 76  GLU 76  76  76  GLU GLU A . n 
A 1 77  PHE 77  77  77  PHE PHE A . n 
A 1 78  GLU 78  78  78  GLU GLU A . n 
A 1 79  PRO 79  79  79  PRO PRO A . n 
A 1 80  LEU 80  80  80  LEU LEU A . n 
A 1 81  THR 81  81  81  THR THR A . n 
A 1 82  GLU 82  82  82  GLU GLU A . n 
A 1 83  ASP 83  83  83  ASP ASP A . n 
A 1 84  MET 84  84  84  MET MET A . n 
A 1 85  ASP 85  85  85  ASP ASP A . n 
A 1 86  GLN 86  86  86  GLN ALA A . n 
A 1 87  TYR 87  87  87  TYR TYR A . n 
A 1 88  GLN 88  88  88  GLN GLN A . n 
A 1 89  GLU 89  89  89  GLU GLU A . n 
A 1 90  GLY 90  90  90  GLY GLY A . n 
A 1 91  CYS 91  91  91  CYS CYS A . n 
A 1 92  LEU 92  92  92  LEU LEU A . n 
A 1 93  SER 93  93  93  SER SER A . n 
A 1 94  VAL 94  94  94  VAL VAL A . n 
A 1 95  PRO 95  95  95  PRO PRO A . n 
A 1 96  GLY 96  96  96  GLY GLY A . n 
A 1 97  PHE 97  97  97  PHE PHE A . n 
A 1 98  TYR 98  98  98  TYR TYR A . n 
A 1 99  GLU 99  99  99  GLU GLU A . n 
A 1 100 ASN 100 100 100 ASN ASN A . n 
A 1 101 VAL 101 101 101 VAL VAL A . n 
A 1 102 ASP 102 102 102 ASP ASP A . n 
A 1 103 ARG 103 103 103 ARG ARG A . n 
A 1 104 PRO 104 104 104 PRO PRO A . n 
A 1 105 GLN 105 105 105 GLN GLN A . n 
A 1 106 LYS 106 106 106 LYS LYS A . n 
A 1 107 VAL 107 107 107 VAL VAL A . n 
A 1 108 ARG 108 108 108 ARG ARG A . n 
A 1 109 ILE 109 109 109 ILE ILE A . n 
A 1 110 LYS 110 110 110 LYS LYS A . n 
A 1 111 ALA 111 111 111 ALA ALA A . n 
A 1 112 LEU 112 112 112 LEU LEU A . n 
A 1 113 ASP 113 113 113 ASP ASP A . n 
A 1 114 ARG 114 114 114 ARG ARG A . n 
A 1 115 ASP 115 115 115 ASP ASP A . n 
A 1 116 GLY 116 116 116 GLY GLY A . n 
A 1 117 ASN 117 117 117 ASN ASN A . n 
A 1 118 PRO 118 118 118 PRO PRO A . n 
A 1 119 PHE 119 119 119 PHE PHE A . n 
A 1 120 GLU 120 120 120 GLU GLU A . n 
A 1 121 GLU 121 121 121 GLU GLU A . n 
A 1 122 VAL 122 122 122 VAL VAL A . n 
A 1 123 ALA 123 123 123 ALA ALA A . n 
A 1 124 GLU 124 124 124 GLU GLU A . n 
A 1 125 GLY 125 125 125 GLY GLY A . n 
A 1 126 LEU 126 126 126 LEU LEU A . n 
A 1 127 LEU 127 127 127 LEU LEU A . n 
A 1 128 ALA 128 128 128 ALA ALA A . n 
A 1 129 VAL 129 129 129 VAL VAL A . n 
A 1 130 CYS 130 130 130 CYS CYS A . n 
A 1 131 ILE 131 131 131 ILE ILE A . n 
A 1 132 GLN 132 132 132 GLN GLN A . n 
A 1 133 HIS 133 133 133 HIS HIS A . n 
A 1 134 GLU 134 134 134 GLU GLU A . n 
A 1 135 CYS 135 135 135 CYS CYS A . n 
A 1 136 ASP 136 136 136 ASP ASP A . n 
A 1 137 HIS 137 137 137 HIS HIS A . n 
A 1 138 LEU 138 138 138 LEU LEU A . n 
A 1 139 ASN 139 139 139 ASN ASN A . n 
A 1 140 GLY 140 140 140 GLY GLY A . n 
A 1 141 LYS 141 141 141 LYS LYS A . n 
A 1 142 LEU 142 142 142 LEU LEU A . n 
A 1 143 PHE 143 143 143 PHE PHE A . n 
A 1 144 VAL 144 144 144 VAL VAL A . n 
A 1 145 ASP 145 145 145 ASP ASP A . n 
A 1 146 TYR 146 146 146 TYR TYR A . n 
A 1 147 LEU 147 147 147 LEU LEU A . n 
A 1 148 SER 148 148 148 SER SER A . n 
A 1 149 THR 149 149 149 THR THR A . n 
A 1 150 LEU 150 150 150 LEU LEU A . n 
A 1 151 LYS 151 151 151 LYS LYS A . n 
A 1 152 ARG 152 152 152 ARG ARG A . n 
A 1 153 ASP 153 153 153 ASP ASP A . n 
A 1 154 ARG 154 154 154 ARG ARG A . n 
A 1 155 ILE 155 155 155 ILE ILE A . n 
A 1 156 ARG 156 156 156 ARG ARG A . n 
A 1 157 LYS 157 157 157 LYS LYS A . n 
A 1 158 LYS 158 158 158 LYS LYS A . n 
A 1 159 LEU 159 159 159 LEU LEU A . n 
A 1 160 GLU 160 160 160 GLU GLU A . n 
A 1 161 LYS 161 161 161 LYS LYS A . n 
A 1 162 GLN 162 162 162 GLN GLN A . n 
A 1 163 HIS 163 163 163 HIS HIS A . n 
A 1 164 ARG 164 164 164 ARG ARG A . n 
A 1 165 GLN 165 165 165 GLN GLN A . n 
A 1 166 GLN 166 166 ?   ?   ?   A . n 
A 1 167 ALA 167 167 ?   ?   ?   A . n 
# 
loop_
_pdbx_nonpoly_scheme.asym_id 
_pdbx_nonpoly_scheme.entity_id 
_pdbx_nonpoly_scheme.mon_id 
_pdbx_nonpoly_scheme.ndb_seq_num 
_pdbx_nonpoly_scheme.pdb_seq_num 
_pdbx_nonpoly_scheme.auth_seq_num 
_pdbx_nonpoly_scheme.pdb_mon_id 
_pdbx_nonpoly_scheme.auth_mon_id 
_pdbx_nonpoly_scheme.pdb_strand_id 
_pdbx_nonpoly_scheme.pdb_ins_code 
B 2 ZN  1   168 168 ZN  ZN  A . 
C 3 BB2 1   170 170 BB2 ATN A . 
D 4 HOH 1   201 201 HOH HOH A . 
D 4 HOH 2   202 202 HOH HOH A . 
D 4 HOH 3   203 203 HOH HOH A . 
D 4 HOH 4   204 204 HOH HOH A . 
D 4 HOH 5   205 205 HOH HOH A . 
D 4 HOH 6   206 206 HOH HOH A . 
D 4 HOH 7   207 207 HOH HOH A . 
D 4 HOH 8   208 208 HOH HOH A . 
D 4 HOH 9   209 209 HOH HOH A . 
D 4 HOH 10  210 210 HOH HOH A . 
D 4 HOH 11  211 211 HOH HOH A . 
D 4 HOH 12  212 212 HOH HOH A . 
D 4 HOH 13  213 213 HOH HOH A . 
D 4 HOH 14  214 214 HOH HOH A . 
D 4 HOH 15  215 215 HOH HOH A . 
D 4 HOH 16  216 216 HOH HOH A . 
D 4 HOH 17  217 217 HOH HOH A . 
D 4 HOH 18  218 218 HOH HOH A . 
D 4 HOH 19  219 219 HOH HOH A . 
D 4 HOH 20  220 220 HOH HOH A . 
D 4 HOH 21  221 221 HOH HOH A . 
D 4 HOH 22  222 222 HOH HOH A . 
D 4 HOH 23  223 223 HOH HOH A . 
D 4 HOH 24  224 224 HOH HOH A . 
D 4 HOH 25  225 225 HOH HOH A . 
D 4 HOH 26  226 226 HOH HOH A . 
D 4 HOH 27  227 227 HOH HOH A . 
D 4 HOH 28  228 228 HOH HOH A . 
D 4 HOH 29  229 229 HOH HOH A . 
D 4 HOH 30  230 230 HOH HOH A . 
D 4 HOH 31  231 231 HOH HOH A . 
D 4 HOH 32  232 232 HOH HOH A . 
D 4 HOH 33  233 233 HOH HOH A . 
D 4 HOH 34  234 234 HOH HOH A . 
D 4 HOH 35  235 235 HOH HOH A . 
D 4 HOH 36  236 236 HOH HOH A . 
D 4 HOH 37  237 237 HOH HOH A . 
D 4 HOH 38  238 238 HOH HOH A . 
D 4 HOH 39  239 239 HOH HOH A . 
D 4 HOH 40  240 240 HOH HOH A . 
D 4 HOH 41  241 241 HOH HOH A . 
D 4 HOH 42  242 242 HOH HOH A . 
D 4 HOH 43  243 243 HOH HOH A . 
D 4 HOH 44  244 244 HOH HOH A . 
D 4 HOH 45  245 245 HOH HOH A . 
D 4 HOH 46  246 246 HOH HOH A . 
D 4 HOH 47  247 247 HOH HOH A . 
D 4 HOH 48  248 248 HOH HOH A . 
D 4 HOH 49  249 249 HOH HOH A . 
D 4 HOH 50  250 250 HOH HOH A . 
D 4 HOH 51  251 251 HOH HOH A . 
D 4 HOH 52  252 252 HOH HOH A . 
D 4 HOH 53  253 253 HOH HOH A . 
D 4 HOH 54  254 254 HOH HOH A . 
D 4 HOH 55  255 255 HOH HOH A . 
D 4 HOH 56  256 256 HOH HOH A . 
D 4 HOH 57  257 257 HOH HOH A . 
D 4 HOH 58  258 258 HOH HOH A . 
D 4 HOH 59  259 259 HOH HOH A . 
D 4 HOH 60  260 260 HOH HOH A . 
D 4 HOH 61  261 261 HOH HOH A . 
D 4 HOH 62  262 262 HOH HOH A . 
D 4 HOH 63  263 263 HOH HOH A . 
D 4 HOH 64  264 264 HOH HOH A . 
D 4 HOH 65  265 265 HOH HOH A . 
D 4 HOH 66  266 266 HOH HOH A . 
D 4 HOH 67  267 267 HOH HOH A . 
D 4 HOH 68  268 268 HOH HOH A . 
D 4 HOH 69  269 269 HOH HOH A . 
D 4 HOH 70  270 270 HOH HOH A . 
D 4 HOH 71  271 271 HOH HOH A . 
D 4 HOH 72  272 272 HOH HOH A . 
D 4 HOH 73  273 273 HOH HOH A . 
D 4 HOH 74  274 274 HOH HOH A . 
D 4 HOH 75  275 275 HOH HOH A . 
D 4 HOH 76  276 276 HOH HOH A . 
D 4 HOH 77  277 277 HOH HOH A . 
D 4 HOH 78  278 278 HOH HOH A . 
D 4 HOH 79  279 279 HOH HOH A . 
D 4 HOH 80  280 280 HOH HOH A . 
D 4 HOH 81  281 281 HOH HOH A . 
D 4 HOH 82  282 282 HOH HOH A . 
D 4 HOH 83  283 283 HOH HOH A . 
D 4 HOH 84  284 284 HOH HOH A . 
D 4 HOH 85  285 285 HOH HOH A . 
D 4 HOH 86  286 286 HOH HOH A . 
D 4 HOH 87  287 287 HOH HOH A . 
D 4 HOH 88  288 288 HOH HOH A . 
D 4 HOH 89  289 289 HOH HOH A . 
D 4 HOH 90  290 290 HOH HOH A . 
D 4 HOH 91  291 291 HOH HOH A . 
D 4 HOH 92  292 292 HOH HOH A . 
D 4 HOH 93  293 293 HOH HOH A . 
D 4 HOH 94  294 294 HOH HOH A . 
D 4 HOH 95  295 295 HOH HOH A . 
D 4 HOH 96  296 296 HOH HOH A . 
D 4 HOH 97  297 297 HOH HOH A . 
D 4 HOH 98  298 298 HOH HOH A . 
D 4 HOH 99  299 299 HOH HOH A . 
D 4 HOH 100 300 300 HOH HOH A . 
D 4 HOH 101 301 301 HOH HOH A . 
D 4 HOH 102 302 302 HOH HOH A . 
D 4 HOH 103 303 303 HOH HOH A . 
D 4 HOH 104 304 304 HOH HOH A . 
D 4 HOH 105 305 305 HOH HOH A . 
D 4 HOH 106 306 306 HOH HOH A . 
D 4 HOH 107 307 307 HOH HOH A . 
D 4 HOH 108 308 308 HOH HOH A . 
D 4 HOH 109 309 309 HOH HOH A . 
D 4 HOH 110 310 310 HOH HOH A . 
D 4 HOH 111 311 311 HOH HOH A . 
D 4 HOH 112 312 312 HOH HOH A . 
D 4 HOH 113 313 313 HOH HOH A . 
D 4 HOH 114 314 314 HOH HOH A . 
D 4 HOH 115 315 315 HOH HOH A . 
D 4 HOH 116 316 316 HOH HOH A . 
D 4 HOH 117 317 317 HOH HOH A . 
D 4 HOH 118 318 318 HOH HOH A . 
D 4 HOH 119 319 319 HOH HOH A . 
D 4 HOH 120 320 320 HOH HOH A . 
D 4 HOH 121 321 321 HOH HOH A . 
D 4 HOH 122 322 322 HOH HOH A . 
D 4 HOH 123 323 323 HOH HOH A . 
D 4 HOH 124 324 324 HOH HOH A . 
D 4 HOH 125 325 325 HOH HOH A . 
D 4 HOH 126 326 326 HOH HOH A . 
D 4 HOH 127 327 327 HOH HOH A . 
D 4 HOH 128 328 328 HOH HOH A . 
D 4 HOH 129 329 329 HOH HOH A . 
D 4 HOH 130 330 330 HOH HOH A . 
D 4 HOH 131 331 331 HOH HOH A . 
D 4 HOH 132 332 332 HOH HOH A . 
D 4 HOH 133 333 333 HOH HOH A . 
D 4 HOH 134 334 334 HOH HOH A . 
D 4 HOH 135 335 335 HOH HOH A . 
D 4 HOH 136 336 336 HOH HOH A . 
D 4 HOH 137 337 337 HOH HOH A . 
D 4 HOH 138 338 338 HOH HOH A . 
D 4 HOH 139 339 339 HOH HOH A . 
D 4 HOH 140 340 340 HOH HOH A . 
D 4 HOH 141 341 341 HOH HOH A . 
D 4 HOH 142 342 342 HOH HOH A . 
D 4 HOH 143 343 343 HOH HOH A . 
D 4 HOH 144 344 344 HOH HOH A . 
D 4 HOH 145 345 345 HOH HOH A . 
D 4 HOH 146 346 346 HOH HOH A . 
D 4 HOH 147 347 347 HOH HOH A . 
D 4 HOH 148 348 348 HOH HOH A . 
D 4 HOH 149 349 349 HOH HOH A . 
D 4 HOH 150 350 350 HOH HOH A . 
# 
loop_
_pdbx_unobs_or_zero_occ_atoms.id 
_pdbx_unobs_or_zero_occ_atoms.PDB_model_num 
_pdbx_unobs_or_zero_occ_atoms.polymer_flag 
_pdbx_unobs_or_zero_occ_atoms.occupancy_flag 
_pdbx_unobs_or_zero_occ_atoms.auth_asym_id 
_pdbx_unobs_or_zero_occ_atoms.auth_comp_id 
_pdbx_unobs_or_zero_occ_atoms.auth_seq_id 
_pdbx_unobs_or_zero_occ_atoms.PDB_ins_code 
_pdbx_unobs_or_zero_occ_atoms.auth_atom_id 
_pdbx_unobs_or_zero_occ_atoms.label_alt_id 
_pdbx_unobs_or_zero_occ_atoms.label_asym_id 
_pdbx_unobs_or_zero_occ_atoms.label_comp_id 
_pdbx_unobs_or_zero_occ_atoms.label_seq_id 
_pdbx_unobs_or_zero_occ_atoms.label_atom_id 
1 1 Y 1 A GLN 86 ? CG  ? A GLN 86 CG  
2 1 Y 1 A GLN 86 ? CD  ? A GLN 86 CD  
3 1 Y 1 A GLN 86 ? OE1 ? A GLN 86 OE1 
4 1 Y 1 A GLN 86 ? NE2 ? A GLN 86 NE2 
# 
loop_
_software.name 
_software.classification 
_software.version 
_software.citation_id 
_software.pdbx_ordinal 
AMoRE     phasing          . ? 1 
X-PLOR    refinement       . ? 2 
DENZO     'data reduction' . ? 3 
SCALEPACK 'data scaling'   . ? 4 
# 
_cell.entry_id           1LRY 
_cell.length_a           50.430 
_cell.length_b           60.130 
_cell.length_c           73.290 
_cell.angle_alpha        90.00 
_cell.angle_beta         90.00 
_cell.angle_gamma        90.00 
_cell.Z_PDB              4 
_cell.pdbx_unique_axis   ? 
# 
_symmetry.entry_id                         1LRY 
_symmetry.space_group_name_H-M             'P 21 21 21' 
_symmetry.pdbx_full_space_group_name_H-M   ? 
_symmetry.cell_setting                     ? 
_symmetry.Int_Tables_number                19 
# 
_exptl.entry_id          1LRY 
_exptl.method            'X-RAY DIFFRACTION' 
_exptl.crystals_number   1 
# 
_exptl_crystal.id                    1 
_exptl_crystal.density_meas          ? 
_exptl_crystal.density_percent_sol   57.34 
_exptl_crystal.density_Matthews      2.7 
_exptl_crystal.description           ? 
# 
_exptl_crystal_grow.crystal_id      1 
_exptl_crystal_grow.method          'VAPOR DIFFUSION, HANGING DROP' 
_exptl_crystal_grow.temp            290 
_exptl_crystal_grow.temp_details    ? 
_exptl_crystal_grow.pH              9.5 
_exptl_crystal_grow.pdbx_details    '32% PEG6000, pH 9.5, VAPOR DIFFUSION, HANGING DROP, temperature 290K' 
_exptl_crystal_grow.pdbx_pH_range   . 
# 
_diffrn.id                     1 
_diffrn.ambient_temp           95 
_diffrn.ambient_temp_details   ? 
_diffrn.crystal_id             1 
# 
_diffrn_detector.diffrn_id              1 
_diffrn_detector.detector               'IMAGE PLATE' 
_diffrn_detector.type                   'MAC Science DIP-2000' 
_diffrn_detector.pdbx_collection_date   1997-10-22 
_diffrn_detector.details                ? 
# 
_diffrn_radiation.diffrn_id                        1 
_diffrn_radiation.wavelength_id                    1 
_diffrn_radiation.pdbx_monochromatic_or_laue_m_l   M 
_diffrn_radiation.monochromator                    'Ni MIRROR + Ni FILTER' 
_diffrn_radiation.pdbx_diffrn_protocol             'SINGLE WAVELENGTH' 
_diffrn_radiation.pdbx_scattering_type             x-ray 
# 
_diffrn_radiation_wavelength.id           1 
_diffrn_radiation_wavelength.wavelength   1.5418 
_diffrn_radiation_wavelength.wt           1.0 
# 
_diffrn_source.diffrn_id                   1 
_diffrn_source.source                      'ROTATING ANODE' 
_diffrn_source.type                        ENRAF-NONIUS 
_diffrn_source.pdbx_synchrotron_site       ? 
_diffrn_source.pdbx_synchrotron_beamline   ? 
_diffrn_source.pdbx_wavelength             ? 
_diffrn_source.pdbx_wavelength_list        1.5418 
# 
_reflns.entry_id                     1LRY 
_reflns.observed_criterion_sigma_F   0 
_reflns.observed_criterion_sigma_I   0 
_reflns.d_resolution_high            2.6 
_reflns.d_resolution_low             15 
_reflns.number_all                   7756 
_reflns.number_obs                   7756 
_reflns.percent_possible_obs         85.5 
_reflns.pdbx_Rmerge_I_obs            ? 
_reflns.pdbx_Rsym_value              0.0880000 
_reflns.pdbx_netI_over_sigmaI        ? 
_reflns.B_iso_Wilson_estimate        ? 
_reflns.pdbx_redundancy              2.7 
_reflns.R_free_details               ? 
_reflns.limit_h_max                  ? 
_reflns.limit_h_min                  ? 
_reflns.limit_k_max                  ? 
_reflns.limit_k_min                  ? 
_reflns.limit_l_max                  ? 
_reflns.limit_l_min                  ? 
_reflns.observed_criterion_F_max     ? 
_reflns.observed_criterion_F_min     ? 
_reflns.pdbx_diffrn_id               1 
_reflns.pdbx_ordinal                 1 
# 
_reflns_shell.d_res_high             2.60 
_reflns_shell.d_res_low              2.69 
_reflns_shell.percent_possible_all   85.3 
_reflns_shell.Rmerge_I_obs           ? 
_reflns_shell.pdbx_Rsym_value        0.2460000 
_reflns_shell.meanI_over_sigI_obs    ? 
_reflns_shell.pdbx_redundancy        ? 
_reflns_shell.percent_possible_obs   ? 
_reflns_shell.number_unique_all      580 
_reflns_shell.pdbx_diffrn_id         ? 
_reflns_shell.pdbx_ordinal           1 
# 
_refine.entry_id                                 1LRY 
_refine.ls_d_res_high                            2.6 
_refine.ls_d_res_low                             15 
_refine.pdbx_ls_sigma_F                          0 
_refine.pdbx_ls_sigma_I                          ? 
_refine.ls_number_reflns_all                     7747 
_refine.ls_number_reflns_obs                     7747 
_refine.ls_number_reflns_R_free                  ? 
_refine.ls_percent_reflns_obs                    ? 
_refine.ls_R_factor_all                          0.2210000 
_refine.ls_R_factor_obs                          0.2210000 
_refine.ls_R_factor_R_work                       0.2210000 
_refine.ls_R_factor_R_free                       ? 
_refine.ls_redundancy_reflns_obs                 ? 
_refine.pdbx_data_cutoff_high_absF               ? 
_refine.pdbx_data_cutoff_low_absF                ? 
_refine.ls_number_parameters                     ? 
_refine.ls_number_restraints                     ? 
_refine.ls_percent_reflns_R_free                 ? 
_refine.ls_R_factor_R_free_error                 ? 
_refine.ls_R_factor_R_free_error_details         ? 
_refine.pdbx_method_to_determine_struct          'MOLECULAR REPLACEMENT' 
_refine.pdbx_starting_model                      ? 
_refine.pdbx_ls_cross_valid_method               ? 
_refine.pdbx_R_Free_selection_details            ? 
_refine.pdbx_stereochem_target_val_spec_case     ? 
_refine.pdbx_stereochemistry_target_values       'Engh & Huber' 
_refine.solvent_model_details                    ? 
_refine.solvent_model_param_bsol                 ? 
_refine.solvent_model_param_ksol                 ? 
_refine.occupancy_max                            ? 
_refine.occupancy_min                            ? 
_refine.pdbx_isotropic_thermal_model             ? 
_refine.B_iso_mean                               ? 
_refine.aniso_B[1][1]                            ? 
_refine.aniso_B[1][2]                            ? 
_refine.aniso_B[1][3]                            ? 
_refine.aniso_B[2][2]                            ? 
_refine.aniso_B[2][3]                            ? 
_refine.aniso_B[3][3]                            ? 
_refine.details                                  ? 
_refine.B_iso_min                                ? 
_refine.B_iso_max                                ? 
_refine.correlation_coeff_Fo_to_Fc               ? 
_refine.correlation_coeff_Fo_to_Fc_free          ? 
_refine.pdbx_solvent_vdw_probe_radii             ? 
_refine.pdbx_solvent_ion_probe_radii             ? 
_refine.pdbx_solvent_shrinkage_radii             ? 
_refine.overall_SU_R_Cruickshank_DPI             ? 
_refine.overall_SU_R_free                        ? 
_refine.overall_SU_B                             ? 
_refine.overall_SU_ML                            ? 
_refine.pdbx_overall_ESU_R                       ? 
_refine.pdbx_overall_ESU_R_Free                  ? 
_refine.pdbx_data_cutoff_high_rms_absF           ? 
_refine.pdbx_refine_id                           'X-RAY DIFFRACTION' 
_refine.pdbx_diffrn_id                           1 
_refine.pdbx_TLS_residual_ADP_flag               ? 
_refine.pdbx_overall_phase_error                 ? 
_refine.pdbx_overall_SU_R_free_Cruickshank_DPI   ? 
_refine.pdbx_overall_SU_R_Blow_DPI               ? 
_refine.pdbx_overall_SU_R_free_Blow_DPI          ? 
# 
_refine_hist.pdbx_refine_id                   'X-RAY DIFFRACTION' 
_refine_hist.cycle_id                         LAST 
_refine_hist.pdbx_number_atoms_protein        1332 
_refine_hist.pdbx_number_atoms_nucleic_acid   0 
_refine_hist.pdbx_number_atoms_ligand         28 
_refine_hist.number_atoms_solvent             150 
_refine_hist.number_atoms_total               1510 
_refine_hist.d_res_high                       2.6 
_refine_hist.d_res_low                        15 
# 
loop_
_refine_ls_restr.type 
_refine_ls_restr.dev_ideal 
_refine_ls_restr.dev_ideal_target 
_refine_ls_restr.weight 
_refine_ls_restr.number 
_refine_ls_restr.pdbx_refine_id 
_refine_ls_restr.pdbx_restraint_function 
x_bond_d    0.012 ? ? ? 'X-RAY DIFFRACTION' ? 
x_angle_deg 1.5   ? ? ? 'X-RAY DIFFRACTION' ? 
# 
_struct.entry_id                  1LRY 
_struct.title                     'Crystal Structure of P. aeruginosa Peptide Deformylase Complexed with Antibiotic Actinonin' 
_struct.pdbx_model_details        ? 
_struct.pdbx_CASP_flag            ? 
_struct.pdbx_model_type_details   ? 
# 
_struct_keywords.entry_id        1LRY 
_struct_keywords.pdbx_keywords   HYDROLASE 
_struct_keywords.text            'ACTINONIN, INHIBITION, POLYPEPTIDE DEFORMYLASE, HYDROLASE' 
# 
loop_
_struct_asym.id 
_struct_asym.pdbx_blank_PDB_chainid_flag 
_struct_asym.pdbx_modified 
_struct_asym.entity_id 
_struct_asym.details 
A N N 1 ? 
B N N 2 ? 
C N N 3 ? 
D N N 4 ? 
# 
_struct_ref.id                         1 
_struct_ref.db_name                    UNP 
_struct_ref.db_code                    DEF_PSEAE 
_struct_ref.entity_id                  1 
_struct_ref.pdbx_seq_one_letter_code   
;MAILNILEFPDPRLRTIAKPVEVVDDAVRQLIDDMFETMYEAPGIGLAATQVNVHKRIVVMDLSEDKSEPRVFINPEFEP
LTEDMDQYQEGCLSVPGFYENVDRPQKVRIKALDRDGNPFEEVAEGLLAVCIQHECDHLNGKLFVDYLSTLKRDRIRKKL
EKQHRQQA
;
_struct_ref.pdbx_align_begin           1 
_struct_ref.pdbx_db_accession          Q9I7A8 
_struct_ref.pdbx_db_isoform            ? 
# 
_struct_ref_seq.align_id                      1 
_struct_ref_seq.ref_id                        1 
_struct_ref_seq.pdbx_PDB_id_code              1LRY 
_struct_ref_seq.pdbx_strand_id                A 
_struct_ref_seq.seq_align_beg                 1 
_struct_ref_seq.pdbx_seq_align_beg_ins_code   ? 
_struct_ref_seq.seq_align_end                 167 
_struct_ref_seq.pdbx_seq_align_end_ins_code   ? 
_struct_ref_seq.pdbx_db_accession             Q9I7A8 
_struct_ref_seq.db_align_beg                  2 
_struct_ref_seq.pdbx_db_align_beg_ins_code    ? 
_struct_ref_seq.db_align_end                  168 
_struct_ref_seq.pdbx_db_align_end_ins_code    ? 
_struct_ref_seq.pdbx_auth_seq_align_beg       1 
_struct_ref_seq.pdbx_auth_seq_align_end       167 
# 
_pdbx_struct_assembly.id                   1 
_pdbx_struct_assembly.details              author_defined_assembly 
_pdbx_struct_assembly.method_details       ? 
_pdbx_struct_assembly.oligomeric_details   monomeric 
_pdbx_struct_assembly.oligomeric_count     1 
# 
_pdbx_struct_assembly_gen.assembly_id       1 
_pdbx_struct_assembly_gen.oper_expression   1 
_pdbx_struct_assembly_gen.asym_id_list      A,B,C,D 
# 
_pdbx_struct_oper_list.id                   1 
_pdbx_struct_oper_list.type                 'identity operation' 
_pdbx_struct_oper_list.name                 1_555 
_pdbx_struct_oper_list.symmetry_operation   x,y,z 
_pdbx_struct_oper_list.matrix[1][1]         1.0000000000 
_pdbx_struct_oper_list.matrix[1][2]         0.0000000000 
_pdbx_struct_oper_list.matrix[1][3]         0.0000000000 
_pdbx_struct_oper_list.vector[1]            0.0000000000 
_pdbx_struct_oper_list.matrix[2][1]         0.0000000000 
_pdbx_struct_oper_list.matrix[2][2]         1.0000000000 
_pdbx_struct_oper_list.matrix[2][3]         0.0000000000 
_pdbx_struct_oper_list.vector[2]            0.0000000000 
_pdbx_struct_oper_list.matrix[3][1]         0.0000000000 
_pdbx_struct_oper_list.matrix[3][2]         0.0000000000 
_pdbx_struct_oper_list.matrix[3][3]         1.0000000000 
_pdbx_struct_oper_list.vector[3]            0.0000000000 
# 
_struct_biol.id                    1 
_struct_biol.details               'the biological assembly is the monomer' 
_struct_biol.pdbx_parent_biol_id   ? 
# 
loop_
_struct_conf.conf_type_id 
_struct_conf.id 
_struct_conf.pdbx_PDB_helix_id 
_struct_conf.beg_label_comp_id 
_struct_conf.beg_label_asym_id 
_struct_conf.beg_label_seq_id 
_struct_conf.pdbx_beg_PDB_ins_code 
_struct_conf.end_label_comp_id 
_struct_conf.end_label_asym_id 
_struct_conf.end_label_seq_id 
_struct_conf.pdbx_end_PDB_ins_code 
_struct_conf.beg_auth_comp_id 
_struct_conf.beg_auth_asym_id 
_struct_conf.beg_auth_seq_id 
_struct_conf.end_auth_comp_id 
_struct_conf.end_auth_asym_id 
_struct_conf.end_auth_seq_id 
_struct_conf.pdbx_PDB_helix_class 
_struct_conf.details 
_struct_conf.pdbx_PDB_helix_length 
HELX_P HELX_P1 1 ASP A 10  ? THR A 15  ? ASP A 10  THR A 15  5 ? 6  
HELX_P HELX_P2 2 ASP A 24  ? ALA A 41  ? ASP A 24  ALA A 41  1 ? 18 
HELX_P HELX_P3 3 THR A 49  ? ASN A 52  ? THR A 49  ASN A 52  5 ? 4  
HELX_P HELX_P4 4 GLU A 124 ? ASN A 139 ? GLU A 124 ASN A 139 1 ? 16 
HELX_P HELX_P5 5 LEU A 142 ? TYR A 146 ? LEU A 142 TYR A 146 5 ? 5  
HELX_P HELX_P6 6 SER A 148 ? ARG A 164 ? SER A 148 ARG A 164 1 ? 17 
# 
_struct_conf_type.id          HELX_P 
_struct_conf_type.criteria    ? 
_struct_conf_type.reference   ? 
# 
loop_
_struct_conn.id 
_struct_conn.conn_type_id 
_struct_conn.pdbx_leaving_atom_flag 
_struct_conn.pdbx_PDB_id 
_struct_conn.ptnr1_label_asym_id 
_struct_conn.ptnr1_label_comp_id 
_struct_conn.ptnr1_label_seq_id 
_struct_conn.ptnr1_label_atom_id 
_struct_conn.pdbx_ptnr1_label_alt_id 
_struct_conn.pdbx_ptnr1_PDB_ins_code 
_struct_conn.pdbx_ptnr1_standard_comp_id 
_struct_conn.ptnr1_symmetry 
_struct_conn.ptnr2_label_asym_id 
_struct_conn.ptnr2_label_comp_id 
_struct_conn.ptnr2_label_seq_id 
_struct_conn.ptnr2_label_atom_id 
_struct_conn.pdbx_ptnr2_label_alt_id 
_struct_conn.pdbx_ptnr2_PDB_ins_code 
_struct_conn.ptnr1_auth_asym_id 
_struct_conn.ptnr1_auth_comp_id 
_struct_conn.ptnr1_auth_seq_id 
_struct_conn.ptnr2_auth_asym_id 
_struct_conn.ptnr2_auth_comp_id 
_struct_conn.ptnr2_auth_seq_id 
_struct_conn.ptnr2_symmetry 
_struct_conn.pdbx_ptnr3_label_atom_id 
_struct_conn.pdbx_ptnr3_label_seq_id 
_struct_conn.pdbx_ptnr3_label_comp_id 
_struct_conn.pdbx_ptnr3_label_asym_id 
_struct_conn.pdbx_ptnr3_label_alt_id 
_struct_conn.pdbx_ptnr3_PDB_ins_code 
_struct_conn.details 
_struct_conn.pdbx_dist_value 
_struct_conn.pdbx_value_order 
_struct_conn.pdbx_role 
metalc1 metalc ? ? A CYS 91  SG  ? ? ? 1_555 B ZN  . ZN ? ? A CYS 91  A ZN  168 1_555 ? ? ? ? ? ? ? 2.502 ? ? 
metalc2 metalc ? ? A HIS 133 NE2 ? ? ? 1_555 B ZN  . ZN ? ? A HIS 133 A ZN  168 1_555 ? ? ? ? ? ? ? 2.273 ? ? 
metalc3 metalc ? ? A HIS 137 NE2 ? ? ? 1_555 B ZN  . ZN ? ? A HIS 137 A ZN  168 1_555 ? ? ? ? ? ? ? 2.278 ? ? 
metalc4 metalc ? ? B ZN  .   ZN  ? ? ? 1_555 C BB2 . O4 ? ? A ZN  168 A BB2 170 1_555 ? ? ? ? ? ? ? 2.191 ? ? 
metalc5 metalc ? ? B ZN  .   ZN  ? ? ? 1_555 C BB2 . N1 ? ? A ZN  168 A BB2 170 1_555 ? ? ? ? ? ? ? 2.643 ? ? 
metalc6 metalc ? ? B ZN  .   ZN  ? ? ? 1_555 C BB2 . O2 ? ? A ZN  168 A BB2 170 1_555 ? ? ? ? ? ? ? 2.199 ? ? 
# 
_struct_conn_type.id          metalc 
_struct_conn_type.criteria    ? 
_struct_conn_type.reference   ? 
# 
loop_
_pdbx_struct_conn_angle.id 
_pdbx_struct_conn_angle.ptnr1_label_atom_id 
_pdbx_struct_conn_angle.ptnr1_label_alt_id 
_pdbx_struct_conn_angle.ptnr1_label_asym_id 
_pdbx_struct_conn_angle.ptnr1_label_comp_id 
_pdbx_struct_conn_angle.ptnr1_label_seq_id 
_pdbx_struct_conn_angle.ptnr1_auth_atom_id 
_pdbx_struct_conn_angle.ptnr1_auth_asym_id 
_pdbx_struct_conn_angle.ptnr1_auth_comp_id 
_pdbx_struct_conn_angle.ptnr1_auth_seq_id 
_pdbx_struct_conn_angle.ptnr1_PDB_ins_code 
_pdbx_struct_conn_angle.ptnr1_symmetry 
_pdbx_struct_conn_angle.ptnr2_label_atom_id 
_pdbx_struct_conn_angle.ptnr2_label_alt_id 
_pdbx_struct_conn_angle.ptnr2_label_asym_id 
_pdbx_struct_conn_angle.ptnr2_label_comp_id 
_pdbx_struct_conn_angle.ptnr2_label_seq_id 
_pdbx_struct_conn_angle.ptnr2_auth_atom_id 
_pdbx_struct_conn_angle.ptnr2_auth_asym_id 
_pdbx_struct_conn_angle.ptnr2_auth_comp_id 
_pdbx_struct_conn_angle.ptnr2_auth_seq_id 
_pdbx_struct_conn_angle.ptnr2_PDB_ins_code 
_pdbx_struct_conn_angle.ptnr2_symmetry 
_pdbx_struct_conn_angle.ptnr3_label_atom_id 
_pdbx_struct_conn_angle.ptnr3_label_alt_id 
_pdbx_struct_conn_angle.ptnr3_label_asym_id 
_pdbx_struct_conn_angle.ptnr3_label_comp_id 
_pdbx_struct_conn_angle.ptnr3_label_seq_id 
_pdbx_struct_conn_angle.ptnr3_auth_atom_id 
_pdbx_struct_conn_angle.ptnr3_auth_asym_id 
_pdbx_struct_conn_angle.ptnr3_auth_comp_id 
_pdbx_struct_conn_angle.ptnr3_auth_seq_id 
_pdbx_struct_conn_angle.ptnr3_PDB_ins_code 
_pdbx_struct_conn_angle.ptnr3_symmetry 
_pdbx_struct_conn_angle.value 
_pdbx_struct_conn_angle.value_esd 
1  SG  ? A CYS 91  ? A CYS 91  ? 1_555 ZN ? B ZN . ? A ZN 168 ? 1_555 NE2 ? A HIS 133 ? A HIS 133 ? 1_555 109.5 ? 
2  SG  ? A CYS 91  ? A CYS 91  ? 1_555 ZN ? B ZN . ? A ZN 168 ? 1_555 NE2 ? A HIS 137 ? A HIS 137 ? 1_555 100.0 ? 
3  NE2 ? A HIS 133 ? A HIS 133 ? 1_555 ZN ? B ZN . ? A ZN 168 ? 1_555 NE2 ? A HIS 137 ? A HIS 137 ? 1_555 103.0 ? 
4  SG  ? A CYS 91  ? A CYS 91  ? 1_555 ZN ? B ZN . ? A ZN 168 ? 1_555 O4  ? C BB2 .   ? A BB2 170 ? 1_555 84.9  ? 
5  NE2 ? A HIS 133 ? A HIS 133 ? 1_555 ZN ? B ZN . ? A ZN 168 ? 1_555 O4  ? C BB2 .   ? A BB2 170 ? 1_555 112.6 ? 
6  NE2 ? A HIS 137 ? A HIS 137 ? 1_555 ZN ? B ZN . ? A ZN 168 ? 1_555 O4  ? C BB2 .   ? A BB2 170 ? 1_555 140.1 ? 
7  SG  ? A CYS 91  ? A CYS 91  ? 1_555 ZN ? B ZN . ? A ZN 168 ? 1_555 N1  ? C BB2 .   ? A BB2 170 ? 1_555 140.5 ? 
8  NE2 ? A HIS 133 ? A HIS 133 ? 1_555 ZN ? B ZN . ? A ZN 168 ? 1_555 N1  ? C BB2 .   ? A BB2 170 ? 1_555 91.6  ? 
9  NE2 ? A HIS 137 ? A HIS 137 ? 1_555 ZN ? B ZN . ? A ZN 168 ? 1_555 N1  ? C BB2 .   ? A BB2 170 ? 1_555 107.4 ? 
10 O4  ? C BB2 .   ? A BB2 170 ? 1_555 ZN ? B ZN . ? A ZN 168 ? 1_555 N1  ? C BB2 .   ? A BB2 170 ? 1_555 55.8  ? 
11 SG  ? A CYS 91  ? A CYS 91  ? 1_555 ZN ? B ZN . ? A ZN 168 ? 1_555 O2  ? C BB2 .   ? A BB2 170 ? 1_555 150.7 ? 
12 NE2 ? A HIS 133 ? A HIS 133 ? 1_555 ZN ? B ZN . ? A ZN 168 ? 1_555 O2  ? C BB2 .   ? A BB2 170 ? 1_555 99.6  ? 
13 NE2 ? A HIS 137 ? A HIS 137 ? 1_555 ZN ? B ZN . ? A ZN 168 ? 1_555 O2  ? C BB2 .   ? A BB2 170 ? 1_555 75.7  ? 
14 O4  ? C BB2 .   ? A BB2 170 ? 1_555 ZN ? B ZN . ? A ZN 168 ? 1_555 O2  ? C BB2 .   ? A BB2 170 ? 1_555 81.0  ? 
15 N1  ? C BB2 .   ? A BB2 170 ? 1_555 ZN ? B ZN . ? A ZN 168 ? 1_555 O2  ? C BB2 .   ? A BB2 170 ? 1_555 31.7  ? 
# 
loop_
_struct_mon_prot_cis.pdbx_id 
_struct_mon_prot_cis.label_comp_id 
_struct_mon_prot_cis.label_seq_id 
_struct_mon_prot_cis.label_asym_id 
_struct_mon_prot_cis.label_alt_id 
_struct_mon_prot_cis.pdbx_PDB_ins_code 
_struct_mon_prot_cis.auth_comp_id 
_struct_mon_prot_cis.auth_seq_id 
_struct_mon_prot_cis.auth_asym_id 
_struct_mon_prot_cis.pdbx_label_comp_id_2 
_struct_mon_prot_cis.pdbx_label_seq_id_2 
_struct_mon_prot_cis.pdbx_label_asym_id_2 
_struct_mon_prot_cis.pdbx_PDB_ins_code_2 
_struct_mon_prot_cis.pdbx_auth_comp_id_2 
_struct_mon_prot_cis.pdbx_auth_seq_id_2 
_struct_mon_prot_cis.pdbx_auth_asym_id_2 
_struct_mon_prot_cis.pdbx_PDB_model_num 
_struct_mon_prot_cis.pdbx_omega_angle 
1 PHE 8  A . ? PHE 8  A PRO 9  A ? PRO 9  A 1 0.34  
2 ALA 41 A . ? ALA 41 A PRO 42 A ? PRO 42 A 1 -0.11 
# 
loop_
_struct_sheet.id 
_struct_sheet.type 
_struct_sheet.number_strands 
_struct_sheet.details 
A ? 5 ? 
B ? 2 ? 
# 
loop_
_struct_sheet_order.sheet_id 
_struct_sheet_order.range_id_1 
_struct_sheet_order.range_id_2 
_struct_sheet_order.offset 
_struct_sheet_order.sense 
A 1 2 ? anti-parallel 
A 2 3 ? anti-parallel 
A 3 4 ? anti-parallel 
A 4 5 ? anti-parallel 
B 1 2 ? anti-parallel 
# 
loop_
_struct_sheet_range.sheet_id 
_struct_sheet_range.id 
_struct_sheet_range.beg_label_comp_id 
_struct_sheet_range.beg_label_asym_id 
_struct_sheet_range.beg_label_seq_id 
_struct_sheet_range.pdbx_beg_PDB_ins_code 
_struct_sheet_range.end_label_comp_id 
_struct_sheet_range.end_label_asym_id 
_struct_sheet_range.end_label_seq_id 
_struct_sheet_range.pdbx_end_PDB_ins_code 
_struct_sheet_range.beg_auth_comp_id 
_struct_sheet_range.beg_auth_asym_id 
_struct_sheet_range.beg_auth_seq_id 
_struct_sheet_range.end_auth_comp_id 
_struct_sheet_range.end_auth_asym_id 
_struct_sheet_range.end_auth_seq_id 
A 1 GLY A 45  ? ALA A 47  ? GLY A 45  ALA A 47  
A 2 ILE A 57  ? MET A 60  ? ILE A 57  MET A 60  
A 3 ARG A 70  ? PRO A 79  ? ARG A 70  PRO A 79  
A 4 VAL A 107 ? LEU A 112 ? VAL A 107 LEU A 112 
A 5 PRO A 118 ? ALA A 123 ? PRO A 118 ALA A 123 
B 1 MET A 84  ? CYS A 91  ? MET A 84  CYS A 91  
B 2 VAL A 94  ? PRO A 104 ? VAL A 94  PRO A 104 
# 
loop_
_pdbx_struct_sheet_hbond.sheet_id 
_pdbx_struct_sheet_hbond.range_id_1 
_pdbx_struct_sheet_hbond.range_id_2 
_pdbx_struct_sheet_hbond.range_1_label_atom_id 
_pdbx_struct_sheet_hbond.range_1_label_comp_id 
_pdbx_struct_sheet_hbond.range_1_label_asym_id 
_pdbx_struct_sheet_hbond.range_1_label_seq_id 
_pdbx_struct_sheet_hbond.range_1_PDB_ins_code 
_pdbx_struct_sheet_hbond.range_1_auth_atom_id 
_pdbx_struct_sheet_hbond.range_1_auth_comp_id 
_pdbx_struct_sheet_hbond.range_1_auth_asym_id 
_pdbx_struct_sheet_hbond.range_1_auth_seq_id 
_pdbx_struct_sheet_hbond.range_2_label_atom_id 
_pdbx_struct_sheet_hbond.range_2_label_comp_id 
_pdbx_struct_sheet_hbond.range_2_label_asym_id 
_pdbx_struct_sheet_hbond.range_2_label_seq_id 
_pdbx_struct_sheet_hbond.range_2_PDB_ins_code 
_pdbx_struct_sheet_hbond.range_2_auth_atom_id 
_pdbx_struct_sheet_hbond.range_2_auth_comp_id 
_pdbx_struct_sheet_hbond.range_2_auth_asym_id 
_pdbx_struct_sheet_hbond.range_2_auth_seq_id 
A 1 2 N LEU A 46  ? N LEU A 46  O VAL A 59  ? O VAL A 59  
A 2 3 N VAL A 58  ? N VAL A 58  O PHE A 72  ? O PHE A 72  
A 3 4 N GLU A 78  ? N GLU A 78  O ARG A 108 ? O ARG A 108 
A 4 5 N VAL A 107 ? N VAL A 107 O ALA A 123 ? O ALA A 123 
B 1 2 N TYR A 87  ? N TYR A 87  O VAL A 101 ? O VAL A 101 
# 
loop_
_struct_site.id 
_struct_site.pdbx_evidence_code 
_struct_site.pdbx_auth_asym_id 
_struct_site.pdbx_auth_comp_id 
_struct_site.pdbx_auth_seq_id 
_struct_site.pdbx_auth_ins_code 
_struct_site.pdbx_num_residues 
_struct_site.details 
AC1 Software A ZN  168 ? 5  'BINDING SITE FOR RESIDUE ZN A 168'  
AC2 Software A BB2 170 ? 16 'BINDING SITE FOR RESIDUE BB2 A 170' 
# 
loop_
_struct_site_gen.id 
_struct_site_gen.site_id 
_struct_site_gen.pdbx_num_res 
_struct_site_gen.label_comp_id 
_struct_site_gen.label_asym_id 
_struct_site_gen.label_seq_id 
_struct_site_gen.pdbx_auth_ins_code 
_struct_site_gen.auth_comp_id 
_struct_site_gen.auth_asym_id 
_struct_site_gen.auth_seq_id 
_struct_site_gen.label_atom_id 
_struct_site_gen.label_alt_id 
_struct_site_gen.symmetry 
_struct_site_gen.details 
1  AC1 5  GLN A 50  ? GLN A 50  . ? 1_555 ? 
2  AC1 5  CYS A 91  ? CYS A 91  . ? 1_555 ? 
3  AC1 5  HIS A 133 ? HIS A 133 . ? 1_555 ? 
4  AC1 5  HIS A 137 ? HIS A 137 . ? 1_555 ? 
5  AC1 5  BB2 C .   ? BB2 A 170 . ? 1_555 ? 
6  AC2 16 GLY A 43  ? GLY A 43  . ? 1_555 ? 
7  AC2 16 ILE A 44  ? ILE A 44  . ? 1_555 ? 
8  AC2 16 GLY A 45  ? GLY A 45  . ? 1_555 ? 
9  AC2 16 GLN A 50  ? GLN A 50  . ? 1_555 ? 
10 AC2 16 TYR A 87  ? TYR A 87  . ? 1_555 ? 
11 AC2 16 GLN A 88  ? GLN A 88  . ? 1_555 ? 
12 AC2 16 GLY A 90  ? GLY A 90  . ? 1_555 ? 
13 AC2 16 CYS A 91  ? CYS A 91  . ? 1_555 ? 
14 AC2 16 LEU A 92  ? LEU A 92  . ? 1_555 ? 
15 AC2 16 VAL A 129 ? VAL A 129 . ? 1_555 ? 
16 AC2 16 CYS A 130 ? CYS A 130 . ? 1_555 ? 
17 AC2 16 HIS A 133 ? HIS A 133 . ? 1_555 ? 
18 AC2 16 GLU A 134 ? GLU A 134 . ? 1_555 ? 
19 AC2 16 HIS A 137 ? HIS A 137 . ? 1_555 ? 
20 AC2 16 ZN  B .   ? ZN  A 168 . ? 1_555 ? 
21 AC2 16 HOH D .   ? HOH A 301 . ? 1_555 ? 
# 
loop_
_pdbx_validate_torsion.id 
_pdbx_validate_torsion.PDB_model_num 
_pdbx_validate_torsion.auth_comp_id 
_pdbx_validate_torsion.auth_asym_id 
_pdbx_validate_torsion.auth_seq_id 
_pdbx_validate_torsion.PDB_ins_code 
_pdbx_validate_torsion.label_alt_id 
_pdbx_validate_torsion.phi 
_pdbx_validate_torsion.psi 
1  1 PRO A 9   ? ? -98.15  50.81   
2  1 VAL A 23  ? ? -107.91 76.90   
3  1 ASP A 61  ? ? -163.36 95.49   
4  1 LEU A 62  ? ? -88.25  33.17   
5  1 GLU A 64  ? ? -61.96  -71.25  
6  1 LYS A 66  ? ? -66.78  54.02   
7  1 GLU A 76  ? ? -176.33 140.67  
8  1 ALA A 111 ? ? -150.57 -154.69 
9  1 ASP A 113 ? ? -67.40  -171.57 
10 1 HIS A 163 ? ? -42.09  -71.88  
# 
loop_
_pdbx_unobs_or_zero_occ_residues.id 
_pdbx_unobs_or_zero_occ_residues.PDB_model_num 
_pdbx_unobs_or_zero_occ_residues.polymer_flag 
_pdbx_unobs_or_zero_occ_residues.occupancy_flag 
_pdbx_unobs_or_zero_occ_residues.auth_asym_id 
_pdbx_unobs_or_zero_occ_residues.auth_comp_id 
_pdbx_unobs_or_zero_occ_residues.auth_seq_id 
_pdbx_unobs_or_zero_occ_residues.PDB_ins_code 
_pdbx_unobs_or_zero_occ_residues.label_asym_id 
_pdbx_unobs_or_zero_occ_residues.label_comp_id 
_pdbx_unobs_or_zero_occ_residues.label_seq_id 
1 1 Y 1 A GLN 166 ? A GLN 166 
2 1 Y 1 A ALA 167 ? A ALA 167 
# 
loop_
_chem_comp_atom.comp_id 
_chem_comp_atom.atom_id 
_chem_comp_atom.type_symbol 
_chem_comp_atom.pdbx_aromatic_flag 
_chem_comp_atom.pdbx_stereo_config 
_chem_comp_atom.pdbx_ordinal 
ALA N    N  N N 1   
ALA CA   C  N S 2   
ALA C    C  N N 3   
ALA O    O  N N 4   
ALA CB   C  N N 5   
ALA OXT  O  N N 6   
ALA H    H  N N 7   
ALA H2   H  N N 8   
ALA HA   H  N N 9   
ALA HB1  H  N N 10  
ALA HB2  H  N N 11  
ALA HB3  H  N N 12  
ALA HXT  H  N N 13  
ARG N    N  N N 14  
ARG CA   C  N S 15  
ARG C    C  N N 16  
ARG O    O  N N 17  
ARG CB   C  N N 18  
ARG CG   C  N N 19  
ARG CD   C  N N 20  
ARG NE   N  N N 21  
ARG CZ   C  N N 22  
ARG NH1  N  N N 23  
ARG NH2  N  N N 24  
ARG OXT  O  N N 25  
ARG H    H  N N 26  
ARG H2   H  N N 27  
ARG HA   H  N N 28  
ARG HB2  H  N N 29  
ARG HB3  H  N N 30  
ARG HG2  H  N N 31  
ARG HG3  H  N N 32  
ARG HD2  H  N N 33  
ARG HD3  H  N N 34  
ARG HE   H  N N 35  
ARG HH11 H  N N 36  
ARG HH12 H  N N 37  
ARG HH21 H  N N 38  
ARG HH22 H  N N 39  
ARG HXT  H  N N 40  
ASN N    N  N N 41  
ASN CA   C  N S 42  
ASN C    C  N N 43  
ASN O    O  N N 44  
ASN CB   C  N N 45  
ASN CG   C  N N 46  
ASN OD1  O  N N 47  
ASN ND2  N  N N 48  
ASN OXT  O  N N 49  
ASN H    H  N N 50  
ASN H2   H  N N 51  
ASN HA   H  N N 52  
ASN HB2  H  N N 53  
ASN HB3  H  N N 54  
ASN HD21 H  N N 55  
ASN HD22 H  N N 56  
ASN HXT  H  N N 57  
ASP N    N  N N 58  
ASP CA   C  N S 59  
ASP C    C  N N 60  
ASP O    O  N N 61  
ASP CB   C  N N 62  
ASP CG   C  N N 63  
ASP OD1  O  N N 64  
ASP OD2  O  N N 65  
ASP OXT  O  N N 66  
ASP H    H  N N 67  
ASP H2   H  N N 68  
ASP HA   H  N N 69  
ASP HB2  H  N N 70  
ASP HB3  H  N N 71  
ASP HD2  H  N N 72  
ASP HXT  H  N N 73  
BB2 C5   C  N N 74  
BB2 C3   C  N N 75  
BB2 O4   O  N N 76  
BB2 N1   N  N N 77  
BB2 O2   O  N N 78  
BB2 C6   C  N R 79  
BB2 C12  C  N N 80  
BB2 O13  O  N N 81  
BB2 C7   C  N N 82  
BB2 C8   C  N N 83  
BB2 C9   C  N N 84  
BB2 C10  C  N N 85  
BB2 C11  C  N N 86  
BB2 N14  N  N N 87  
BB2 C15  C  N S 88  
BB2 C16  C  N N 89  
BB2 C18  C  N N 90  
BB2 C17  C  N N 91  
BB2 C19  C  N N 92  
BB2 O20  O  N N 93  
BB2 N21  N  N N 94  
BB2 C22  C  N S 95  
BB2 C23  C  N N 96  
BB2 C24  C  N N 97  
BB2 C25  C  N N 98  
BB2 C26  C  N N 99  
BB2 O27  O  N N 100 
BB2 H51  H  N N 101 
BB2 H52  H  N N 102 
BB2 HN1  H  N N 103 
BB2 HO2  H  N N 104 
BB2 H6   H  N N 105 
BB2 H71  H  N N 106 
BB2 H72  H  N N 107 
BB2 H81  H  N N 108 
BB2 H82  H  N N 109 
BB2 H91  H  N N 110 
BB2 H92  H  N N 111 
BB2 H101 H  N N 112 
BB2 H102 H  N N 113 
BB2 H111 H  N N 114 
BB2 H112 H  N N 115 
BB2 H113 H  N N 116 
BB2 H14  H  N N 117 
BB2 H15  H  N N 118 
BB2 H16  H  N N 119 
BB2 H181 H  N N 120 
BB2 H182 H  N N 121 
BB2 H183 H  N N 122 
BB2 H171 H  N N 123 
BB2 H172 H  N N 124 
BB2 H173 H  N N 125 
BB2 H22  H  N N 126 
BB2 H231 H  N N 127 
BB2 H232 H  N N 128 
BB2 H241 H  N N 129 
BB2 H242 H  N N 130 
BB2 H251 H  N N 131 
BB2 H252 H  N N 132 
BB2 H261 H  N N 133 
BB2 H262 H  N N 134 
BB2 H27  H  N N 135 
CYS N    N  N N 136 
CYS CA   C  N R 137 
CYS C    C  N N 138 
CYS O    O  N N 139 
CYS CB   C  N N 140 
CYS SG   S  N N 141 
CYS OXT  O  N N 142 
CYS H    H  N N 143 
CYS H2   H  N N 144 
CYS HA   H  N N 145 
CYS HB2  H  N N 146 
CYS HB3  H  N N 147 
CYS HG   H  N N 148 
CYS HXT  H  N N 149 
GLN N    N  N N 150 
GLN CA   C  N S 151 
GLN C    C  N N 152 
GLN O    O  N N 153 
GLN CB   C  N N 154 
GLN CG   C  N N 155 
GLN CD   C  N N 156 
GLN OE1  O  N N 157 
GLN NE2  N  N N 158 
GLN OXT  O  N N 159 
GLN H    H  N N 160 
GLN H2   H  N N 161 
GLN HA   H  N N 162 
GLN HB2  H  N N 163 
GLN HB3  H  N N 164 
GLN HG2  H  N N 165 
GLN HG3  H  N N 166 
GLN HE21 H  N N 167 
GLN HE22 H  N N 168 
GLN HXT  H  N N 169 
GLU N    N  N N 170 
GLU CA   C  N S 171 
GLU C    C  N N 172 
GLU O    O  N N 173 
GLU CB   C  N N 174 
GLU CG   C  N N 175 
GLU CD   C  N N 176 
GLU OE1  O  N N 177 
GLU OE2  O  N N 178 
GLU OXT  O  N N 179 
GLU H    H  N N 180 
GLU H2   H  N N 181 
GLU HA   H  N N 182 
GLU HB2  H  N N 183 
GLU HB3  H  N N 184 
GLU HG2  H  N N 185 
GLU HG3  H  N N 186 
GLU HE2  H  N N 187 
GLU HXT  H  N N 188 
GLY N    N  N N 189 
GLY CA   C  N N 190 
GLY C    C  N N 191 
GLY O    O  N N 192 
GLY OXT  O  N N 193 
GLY H    H  N N 194 
GLY H2   H  N N 195 
GLY HA2  H  N N 196 
GLY HA3  H  N N 197 
GLY HXT  H  N N 198 
HIS N    N  N N 199 
HIS CA   C  N S 200 
HIS C    C  N N 201 
HIS O    O  N N 202 
HIS CB   C  N N 203 
HIS CG   C  Y N 204 
HIS ND1  N  Y N 205 
HIS CD2  C  Y N 206 
HIS CE1  C  Y N 207 
HIS NE2  N  Y N 208 
HIS OXT  O  N N 209 
HIS H    H  N N 210 
HIS H2   H  N N 211 
HIS HA   H  N N 212 
HIS HB2  H  N N 213 
HIS HB3  H  N N 214 
HIS HD1  H  N N 215 
HIS HD2  H  N N 216 
HIS HE1  H  N N 217 
HIS HE2  H  N N 218 
HIS HXT  H  N N 219 
HOH O    O  N N 220 
HOH H1   H  N N 221 
HOH H2   H  N N 222 
ILE N    N  N N 223 
ILE CA   C  N S 224 
ILE C    C  N N 225 
ILE O    O  N N 226 
ILE CB   C  N S 227 
ILE CG1  C  N N 228 
ILE CG2  C  N N 229 
ILE CD1  C  N N 230 
ILE OXT  O  N N 231 
ILE H    H  N N 232 
ILE H2   H  N N 233 
ILE HA   H  N N 234 
ILE HB   H  N N 235 
ILE HG12 H  N N 236 
ILE HG13 H  N N 237 
ILE HG21 H  N N 238 
ILE HG22 H  N N 239 
ILE HG23 H  N N 240 
ILE HD11 H  N N 241 
ILE HD12 H  N N 242 
ILE HD13 H  N N 243 
ILE HXT  H  N N 244 
LEU N    N  N N 245 
LEU CA   C  N S 246 
LEU C    C  N N 247 
LEU O    O  N N 248 
LEU CB   C  N N 249 
LEU CG   C  N N 250 
LEU CD1  C  N N 251 
LEU CD2  C  N N 252 
LEU OXT  O  N N 253 
LEU H    H  N N 254 
LEU H2   H  N N 255 
LEU HA   H  N N 256 
LEU HB2  H  N N 257 
LEU HB3  H  N N 258 
LEU HG   H  N N 259 
LEU HD11 H  N N 260 
LEU HD12 H  N N 261 
LEU HD13 H  N N 262 
LEU HD21 H  N N 263 
LEU HD22 H  N N 264 
LEU HD23 H  N N 265 
LEU HXT  H  N N 266 
LYS N    N  N N 267 
LYS CA   C  N S 268 
LYS C    C  N N 269 
LYS O    O  N N 270 
LYS CB   C  N N 271 
LYS CG   C  N N 272 
LYS CD   C  N N 273 
LYS CE   C  N N 274 
LYS NZ   N  N N 275 
LYS OXT  O  N N 276 
LYS H    H  N N 277 
LYS H2   H  N N 278 
LYS HA   H  N N 279 
LYS HB2  H  N N 280 
LYS HB3  H  N N 281 
LYS HG2  H  N N 282 
LYS HG3  H  N N 283 
LYS HD2  H  N N 284 
LYS HD3  H  N N 285 
LYS HE2  H  N N 286 
LYS HE3  H  N N 287 
LYS HZ1  H  N N 288 
LYS HZ2  H  N N 289 
LYS HZ3  H  N N 290 
LYS HXT  H  N N 291 
MET N    N  N N 292 
MET CA   C  N S 293 
MET C    C  N N 294 
MET O    O  N N 295 
MET CB   C  N N 296 
MET CG   C  N N 297 
MET SD   S  N N 298 
MET CE   C  N N 299 
MET OXT  O  N N 300 
MET H    H  N N 301 
MET H2   H  N N 302 
MET HA   H  N N 303 
MET HB2  H  N N 304 
MET HB3  H  N N 305 
MET HG2  H  N N 306 
MET HG3  H  N N 307 
MET HE1  H  N N 308 
MET HE2  H  N N 309 
MET HE3  H  N N 310 
MET HXT  H  N N 311 
PHE N    N  N N 312 
PHE CA   C  N S 313 
PHE C    C  N N 314 
PHE O    O  N N 315 
PHE CB   C  N N 316 
PHE CG   C  Y N 317 
PHE CD1  C  Y N 318 
PHE CD2  C  Y N 319 
PHE CE1  C  Y N 320 
PHE CE2  C  Y N 321 
PHE CZ   C  Y N 322 
PHE OXT  O  N N 323 
PHE H    H  N N 324 
PHE H2   H  N N 325 
PHE HA   H  N N 326 
PHE HB2  H  N N 327 
PHE HB3  H  N N 328 
PHE HD1  H  N N 329 
PHE HD2  H  N N 330 
PHE HE1  H  N N 331 
PHE HE2  H  N N 332 
PHE HZ   H  N N 333 
PHE HXT  H  N N 334 
PRO N    N  N N 335 
PRO CA   C  N S 336 
PRO C    C  N N 337 
PRO O    O  N N 338 
PRO CB   C  N N 339 
PRO CG   C  N N 340 
PRO CD   C  N N 341 
PRO OXT  O  N N 342 
PRO H    H  N N 343 
PRO HA   H  N N 344 
PRO HB2  H  N N 345 
PRO HB3  H  N N 346 
PRO HG2  H  N N 347 
PRO HG3  H  N N 348 
PRO HD2  H  N N 349 
PRO HD3  H  N N 350 
PRO HXT  H  N N 351 
SER N    N  N N 352 
SER CA   C  N S 353 
SER C    C  N N 354 
SER O    O  N N 355 
SER CB   C  N N 356 
SER OG   O  N N 357 
SER OXT  O  N N 358 
SER H    H  N N 359 
SER H2   H  N N 360 
SER HA   H  N N 361 
SER HB2  H  N N 362 
SER HB3  H  N N 363 
SER HG   H  N N 364 
SER HXT  H  N N 365 
THR N    N  N N 366 
THR CA   C  N S 367 
THR C    C  N N 368 
THR O    O  N N 369 
THR CB   C  N R 370 
THR OG1  O  N N 371 
THR CG2  C  N N 372 
THR OXT  O  N N 373 
THR H    H  N N 374 
THR H2   H  N N 375 
THR HA   H  N N 376 
THR HB   H  N N 377 
THR HG1  H  N N 378 
THR HG21 H  N N 379 
THR HG22 H  N N 380 
THR HG23 H  N N 381 
THR HXT  H  N N 382 
TYR N    N  N N 383 
TYR CA   C  N S 384 
TYR C    C  N N 385 
TYR O    O  N N 386 
TYR CB   C  N N 387 
TYR CG   C  Y N 388 
TYR CD1  C  Y N 389 
TYR CD2  C  Y N 390 
TYR CE1  C  Y N 391 
TYR CE2  C  Y N 392 
TYR CZ   C  Y N 393 
TYR OH   O  N N 394 
TYR OXT  O  N N 395 
TYR H    H  N N 396 
TYR H2   H  N N 397 
TYR HA   H  N N 398 
TYR HB2  H  N N 399 
TYR HB3  H  N N 400 
TYR HD1  H  N N 401 
TYR HD2  H  N N 402 
TYR HE1  H  N N 403 
TYR HE2  H  N N 404 
TYR HH   H  N N 405 
TYR HXT  H  N N 406 
VAL N    N  N N 407 
VAL CA   C  N S 408 
VAL C    C  N N 409 
VAL O    O  N N 410 
VAL CB   C  N N 411 
VAL CG1  C  N N 412 
VAL CG2  C  N N 413 
VAL OXT  O  N N 414 
VAL H    H  N N 415 
VAL H2   H  N N 416 
VAL HA   H  N N 417 
VAL HB   H  N N 418 
VAL HG11 H  N N 419 
VAL HG12 H  N N 420 
VAL HG13 H  N N 421 
VAL HG21 H  N N 422 
VAL HG22 H  N N 423 
VAL HG23 H  N N 424 
VAL HXT  H  N N 425 
ZN  ZN   ZN N N 426 
# 
loop_
_chem_comp_bond.comp_id 
_chem_comp_bond.atom_id_1 
_chem_comp_bond.atom_id_2 
_chem_comp_bond.value_order 
_chem_comp_bond.pdbx_aromatic_flag 
_chem_comp_bond.pdbx_stereo_config 
_chem_comp_bond.pdbx_ordinal 
ALA N   CA   sing N N 1   
ALA N   H    sing N N 2   
ALA N   H2   sing N N 3   
ALA CA  C    sing N N 4   
ALA CA  CB   sing N N 5   
ALA CA  HA   sing N N 6   
ALA C   O    doub N N 7   
ALA C   OXT  sing N N 8   
ALA CB  HB1  sing N N 9   
ALA CB  HB2  sing N N 10  
ALA CB  HB3  sing N N 11  
ALA OXT HXT  sing N N 12  
ARG N   CA   sing N N 13  
ARG N   H    sing N N 14  
ARG N   H2   sing N N 15  
ARG CA  C    sing N N 16  
ARG CA  CB   sing N N 17  
ARG CA  HA   sing N N 18  
ARG C   O    doub N N 19  
ARG C   OXT  sing N N 20  
ARG CB  CG   sing N N 21  
ARG CB  HB2  sing N N 22  
ARG CB  HB3  sing N N 23  
ARG CG  CD   sing N N 24  
ARG CG  HG2  sing N N 25  
ARG CG  HG3  sing N N 26  
ARG CD  NE   sing N N 27  
ARG CD  HD2  sing N N 28  
ARG CD  HD3  sing N N 29  
ARG NE  CZ   sing N N 30  
ARG NE  HE   sing N N 31  
ARG CZ  NH1  sing N N 32  
ARG CZ  NH2  doub N N 33  
ARG NH1 HH11 sing N N 34  
ARG NH1 HH12 sing N N 35  
ARG NH2 HH21 sing N N 36  
ARG NH2 HH22 sing N N 37  
ARG OXT HXT  sing N N 38  
ASN N   CA   sing N N 39  
ASN N   H    sing N N 40  
ASN N   H2   sing N N 41  
ASN CA  C    sing N N 42  
ASN CA  CB   sing N N 43  
ASN CA  HA   sing N N 44  
ASN C   O    doub N N 45  
ASN C   OXT  sing N N 46  
ASN CB  CG   sing N N 47  
ASN CB  HB2  sing N N 48  
ASN CB  HB3  sing N N 49  
ASN CG  OD1  doub N N 50  
ASN CG  ND2  sing N N 51  
ASN ND2 HD21 sing N N 52  
ASN ND2 HD22 sing N N 53  
ASN OXT HXT  sing N N 54  
ASP N   CA   sing N N 55  
ASP N   H    sing N N 56  
ASP N   H2   sing N N 57  
ASP CA  C    sing N N 58  
ASP CA  CB   sing N N 59  
ASP CA  HA   sing N N 60  
ASP C   O    doub N N 61  
ASP C   OXT  sing N N 62  
ASP CB  CG   sing N N 63  
ASP CB  HB2  sing N N 64  
ASP CB  HB3  sing N N 65  
ASP CG  OD1  doub N N 66  
ASP CG  OD2  sing N N 67  
ASP OD2 HD2  sing N N 68  
ASP OXT HXT  sing N N 69  
BB2 C5  C3   sing N N 70  
BB2 C5  C6   sing N N 71  
BB2 C5  H51  sing N N 72  
BB2 C5  H52  sing N N 73  
BB2 C3  O4   doub N N 74  
BB2 C3  N1   sing N N 75  
BB2 N1  O2   sing N N 76  
BB2 N1  HN1  sing N N 77  
BB2 O2  HO2  sing N N 78  
BB2 C6  C12  sing N N 79  
BB2 C6  C7   sing N N 80  
BB2 C6  H6   sing N N 81  
BB2 C12 O13  doub N N 82  
BB2 C12 N14  sing N N 83  
BB2 C7  C8   sing N N 84  
BB2 C7  H71  sing N N 85  
BB2 C7  H72  sing N N 86  
BB2 C8  C9   sing N N 87  
BB2 C8  H81  sing N N 88  
BB2 C8  H82  sing N N 89  
BB2 C9  C10  sing N N 90  
BB2 C9  H91  sing N N 91  
BB2 C9  H92  sing N N 92  
BB2 C10 C11  sing N N 93  
BB2 C10 H101 sing N N 94  
BB2 C10 H102 sing N N 95  
BB2 C11 H111 sing N N 96  
BB2 C11 H112 sing N N 97  
BB2 C11 H113 sing N N 98  
BB2 N14 C15  sing N N 99  
BB2 N14 H14  sing N N 100 
BB2 C15 C16  sing N N 101 
BB2 C15 C19  sing N N 102 
BB2 C15 H15  sing N N 103 
BB2 C16 C18  sing N N 104 
BB2 C16 C17  sing N N 105 
BB2 C16 H16  sing N N 106 
BB2 C18 H181 sing N N 107 
BB2 C18 H182 sing N N 108 
BB2 C18 H183 sing N N 109 
BB2 C17 H171 sing N N 110 
BB2 C17 H172 sing N N 111 
BB2 C17 H173 sing N N 112 
BB2 C19 O20  doub N N 113 
BB2 C19 N21  sing N N 114 
BB2 N21 C22  sing N N 115 
BB2 N21 C23  sing N N 116 
BB2 C22 C25  sing N N 117 
BB2 C22 C26  sing N N 118 
BB2 C22 H22  sing N N 119 
BB2 C23 C24  sing N N 120 
BB2 C23 H231 sing N N 121 
BB2 C23 H232 sing N N 122 
BB2 C24 C25  sing N N 123 
BB2 C24 H241 sing N N 124 
BB2 C24 H242 sing N N 125 
BB2 C25 H251 sing N N 126 
BB2 C25 H252 sing N N 127 
BB2 C26 O27  sing N N 128 
BB2 C26 H261 sing N N 129 
BB2 C26 H262 sing N N 130 
BB2 O27 H27  sing N N 131 
CYS N   CA   sing N N 132 
CYS N   H    sing N N 133 
CYS N   H2   sing N N 134 
CYS CA  C    sing N N 135 
CYS CA  CB   sing N N 136 
CYS CA  HA   sing N N 137 
CYS C   O    doub N N 138 
CYS C   OXT  sing N N 139 
CYS CB  SG   sing N N 140 
CYS CB  HB2  sing N N 141 
CYS CB  HB3  sing N N 142 
CYS SG  HG   sing N N 143 
CYS OXT HXT  sing N N 144 
GLN N   CA   sing N N 145 
GLN N   H    sing N N 146 
GLN N   H2   sing N N 147 
GLN CA  C    sing N N 148 
GLN CA  CB   sing N N 149 
GLN CA  HA   sing N N 150 
GLN C   O    doub N N 151 
GLN C   OXT  sing N N 152 
GLN CB  CG   sing N N 153 
GLN CB  HB2  sing N N 154 
GLN CB  HB3  sing N N 155 
GLN CG  CD   sing N N 156 
GLN CG  HG2  sing N N 157 
GLN CG  HG3  sing N N 158 
GLN CD  OE1  doub N N 159 
GLN CD  NE2  sing N N 160 
GLN NE2 HE21 sing N N 161 
GLN NE2 HE22 sing N N 162 
GLN OXT HXT  sing N N 163 
GLU N   CA   sing N N 164 
GLU N   H    sing N N 165 
GLU N   H2   sing N N 166 
GLU CA  C    sing N N 167 
GLU CA  CB   sing N N 168 
GLU CA  HA   sing N N 169 
GLU C   O    doub N N 170 
GLU C   OXT  sing N N 171 
GLU CB  CG   sing N N 172 
GLU CB  HB2  sing N N 173 
GLU CB  HB3  sing N N 174 
GLU CG  CD   sing N N 175 
GLU CG  HG2  sing N N 176 
GLU CG  HG3  sing N N 177 
GLU CD  OE1  doub N N 178 
GLU CD  OE2  sing N N 179 
GLU OE2 HE2  sing N N 180 
GLU OXT HXT  sing N N 181 
GLY N   CA   sing N N 182 
GLY N   H    sing N N 183 
GLY N   H2   sing N N 184 
GLY CA  C    sing N N 185 
GLY CA  HA2  sing N N 186 
GLY CA  HA3  sing N N 187 
GLY C   O    doub N N 188 
GLY C   OXT  sing N N 189 
GLY OXT HXT  sing N N 190 
HIS N   CA   sing N N 191 
HIS N   H    sing N N 192 
HIS N   H2   sing N N 193 
HIS CA  C    sing N N 194 
HIS CA  CB   sing N N 195 
HIS CA  HA   sing N N 196 
HIS C   O    doub N N 197 
HIS C   OXT  sing N N 198 
HIS CB  CG   sing N N 199 
HIS CB  HB2  sing N N 200 
HIS CB  HB3  sing N N 201 
HIS CG  ND1  sing Y N 202 
HIS CG  CD2  doub Y N 203 
HIS ND1 CE1  doub Y N 204 
HIS ND1 HD1  sing N N 205 
HIS CD2 NE2  sing Y N 206 
HIS CD2 HD2  sing N N 207 
HIS CE1 NE2  sing Y N 208 
HIS CE1 HE1  sing N N 209 
HIS NE2 HE2  sing N N 210 
HIS OXT HXT  sing N N 211 
HOH O   H1   sing N N 212 
HOH O   H2   sing N N 213 
ILE N   CA   sing N N 214 
ILE N   H    sing N N 215 
ILE N   H2   sing N N 216 
ILE CA  C    sing N N 217 
ILE CA  CB   sing N N 218 
ILE CA  HA   sing N N 219 
ILE C   O    doub N N 220 
ILE C   OXT  sing N N 221 
ILE CB  CG1  sing N N 222 
ILE CB  CG2  sing N N 223 
ILE CB  HB   sing N N 224 
ILE CG1 CD1  sing N N 225 
ILE CG1 HG12 sing N N 226 
ILE CG1 HG13 sing N N 227 
ILE CG2 HG21 sing N N 228 
ILE CG2 HG22 sing N N 229 
ILE CG2 HG23 sing N N 230 
ILE CD1 HD11 sing N N 231 
ILE CD1 HD12 sing N N 232 
ILE CD1 HD13 sing N N 233 
ILE OXT HXT  sing N N 234 
LEU N   CA   sing N N 235 
LEU N   H    sing N N 236 
LEU N   H2   sing N N 237 
LEU CA  C    sing N N 238 
LEU CA  CB   sing N N 239 
LEU CA  HA   sing N N 240 
LEU C   O    doub N N 241 
LEU C   OXT  sing N N 242 
LEU CB  CG   sing N N 243 
LEU CB  HB2  sing N N 244 
LEU CB  HB3  sing N N 245 
LEU CG  CD1  sing N N 246 
LEU CG  CD2  sing N N 247 
LEU CG  HG   sing N N 248 
LEU CD1 HD11 sing N N 249 
LEU CD1 HD12 sing N N 250 
LEU CD1 HD13 sing N N 251 
LEU CD2 HD21 sing N N 252 
LEU CD2 HD22 sing N N 253 
LEU CD2 HD23 sing N N 254 
LEU OXT HXT  sing N N 255 
LYS N   CA   sing N N 256 
LYS N   H    sing N N 257 
LYS N   H2   sing N N 258 
LYS CA  C    sing N N 259 
LYS CA  CB   sing N N 260 
LYS CA  HA   sing N N 261 
LYS C   O    doub N N 262 
LYS C   OXT  sing N N 263 
LYS CB  CG   sing N N 264 
LYS CB  HB2  sing N N 265 
LYS CB  HB3  sing N N 266 
LYS CG  CD   sing N N 267 
LYS CG  HG2  sing N N 268 
LYS CG  HG3  sing N N 269 
LYS CD  CE   sing N N 270 
LYS CD  HD2  sing N N 271 
LYS CD  HD3  sing N N 272 
LYS CE  NZ   sing N N 273 
LYS CE  HE2  sing N N 274 
LYS CE  HE3  sing N N 275 
LYS NZ  HZ1  sing N N 276 
LYS NZ  HZ2  sing N N 277 
LYS NZ  HZ3  sing N N 278 
LYS OXT HXT  sing N N 279 
MET N   CA   sing N N 280 
MET N   H    sing N N 281 
MET N   H2   sing N N 282 
MET CA  C    sing N N 283 
MET CA  CB   sing N N 284 
MET CA  HA   sing N N 285 
MET C   O    doub N N 286 
MET C   OXT  sing N N 287 
MET CB  CG   sing N N 288 
MET CB  HB2  sing N N 289 
MET CB  HB3  sing N N 290 
MET CG  SD   sing N N 291 
MET CG  HG2  sing N N 292 
MET CG  HG3  sing N N 293 
MET SD  CE   sing N N 294 
MET CE  HE1  sing N N 295 
MET CE  HE2  sing N N 296 
MET CE  HE3  sing N N 297 
MET OXT HXT  sing N N 298 
PHE N   CA   sing N N 299 
PHE N   H    sing N N 300 
PHE N   H2   sing N N 301 
PHE CA  C    sing N N 302 
PHE CA  CB   sing N N 303 
PHE CA  HA   sing N N 304 
PHE C   O    doub N N 305 
PHE C   OXT  sing N N 306 
PHE CB  CG   sing N N 307 
PHE CB  HB2  sing N N 308 
PHE CB  HB3  sing N N 309 
PHE CG  CD1  doub Y N 310 
PHE CG  CD2  sing Y N 311 
PHE CD1 CE1  sing Y N 312 
PHE CD1 HD1  sing N N 313 
PHE CD2 CE2  doub Y N 314 
PHE CD2 HD2  sing N N 315 
PHE CE1 CZ   doub Y N 316 
PHE CE1 HE1  sing N N 317 
PHE CE2 CZ   sing Y N 318 
PHE CE2 HE2  sing N N 319 
PHE CZ  HZ   sing N N 320 
PHE OXT HXT  sing N N 321 
PRO N   CA   sing N N 322 
PRO N   CD   sing N N 323 
PRO N   H    sing N N 324 
PRO CA  C    sing N N 325 
PRO CA  CB   sing N N 326 
PRO CA  HA   sing N N 327 
PRO C   O    doub N N 328 
PRO C   OXT  sing N N 329 
PRO CB  CG   sing N N 330 
PRO CB  HB2  sing N N 331 
PRO CB  HB3  sing N N 332 
PRO CG  CD   sing N N 333 
PRO CG  HG2  sing N N 334 
PRO CG  HG3  sing N N 335 
PRO CD  HD2  sing N N 336 
PRO CD  HD3  sing N N 337 
PRO OXT HXT  sing N N 338 
SER N   CA   sing N N 339 
SER N   H    sing N N 340 
SER N   H2   sing N N 341 
SER CA  C    sing N N 342 
SER CA  CB   sing N N 343 
SER CA  HA   sing N N 344 
SER C   O    doub N N 345 
SER C   OXT  sing N N 346 
SER CB  OG   sing N N 347 
SER CB  HB2  sing N N 348 
SER CB  HB3  sing N N 349 
SER OG  HG   sing N N 350 
SER OXT HXT  sing N N 351 
THR N   CA   sing N N 352 
THR N   H    sing N N 353 
THR N   H2   sing N N 354 
THR CA  C    sing N N 355 
THR CA  CB   sing N N 356 
THR CA  HA   sing N N 357 
THR C   O    doub N N 358 
THR C   OXT  sing N N 359 
THR CB  OG1  sing N N 360 
THR CB  CG2  sing N N 361 
THR CB  HB   sing N N 362 
THR OG1 HG1  sing N N 363 
THR CG2 HG21 sing N N 364 
THR CG2 HG22 sing N N 365 
THR CG2 HG23 sing N N 366 
THR OXT HXT  sing N N 367 
TYR N   CA   sing N N 368 
TYR N   H    sing N N 369 
TYR N   H2   sing N N 370 
TYR CA  C    sing N N 371 
TYR CA  CB   sing N N 372 
TYR CA  HA   sing N N 373 
TYR C   O    doub N N 374 
TYR C   OXT  sing N N 375 
TYR CB  CG   sing N N 376 
TYR CB  HB2  sing N N 377 
TYR CB  HB3  sing N N 378 
TYR CG  CD1  doub Y N 379 
TYR CG  CD2  sing Y N 380 
TYR CD1 CE1  sing Y N 381 
TYR CD1 HD1  sing N N 382 
TYR CD2 CE2  doub Y N 383 
TYR CD2 HD2  sing N N 384 
TYR CE1 CZ   doub Y N 385 
TYR CE1 HE1  sing N N 386 
TYR CE2 CZ   sing Y N 387 
TYR CE2 HE2  sing N N 388 
TYR CZ  OH   sing N N 389 
TYR OH  HH   sing N N 390 
TYR OXT HXT  sing N N 391 
VAL N   CA   sing N N 392 
VAL N   H    sing N N 393 
VAL N   H2   sing N N 394 
VAL CA  C    sing N N 395 
VAL CA  CB   sing N N 396 
VAL CA  HA   sing N N 397 
VAL C   O    doub N N 398 
VAL C   OXT  sing N N 399 
VAL CB  CG1  sing N N 400 
VAL CB  CG2  sing N N 401 
VAL CB  HB   sing N N 402 
VAL CG1 HG11 sing N N 403 
VAL CG1 HG12 sing N N 404 
VAL CG1 HG13 sing N N 405 
VAL CG2 HG21 sing N N 406 
VAL CG2 HG22 sing N N 407 
VAL CG2 HG23 sing N N 408 
VAL OXT HXT  sing N N 409 
# 
_atom_sites.entry_id                    1LRY 
_atom_sites.fract_transf_matrix[1][1]   0.01830479 
_atom_sites.fract_transf_matrix[1][2]   -0.00731710 
_atom_sites.fract_transf_matrix[1][3]   0.00214098 
_atom_sites.fract_transf_matrix[2][1]   -0.00550178 
_atom_sites.fract_transf_matrix[2][2]   -0.01505807 
_atom_sites.fract_transf_matrix[2][3]   -0.00442439 
_atom_sites.fract_transf_matrix[3][1]   0.00267325 
_atom_sites.fract_transf_matrix[3][2]   0.00286339 
_atom_sites.fract_transf_matrix[3][3]   -0.01306956 
_atom_sites.fract_transf_vector[1]      0.174161 
_atom_sites.fract_transf_vector[2]      0.469487 
_atom_sites.fract_transf_vector[3]      0.479463 
# 
loop_
_atom_type.symbol 
C  
N  
O  
S  
ZN 
# 
loop_
_atom_site.group_PDB 
_atom_site.id 
_atom_site.type_symbol 
_atom_site.label_atom_id 
_atom_site.label_alt_id 
_atom_site.label_comp_id 
_atom_site.label_asym_id 
_atom_site.label_entity_id 
_atom_site.label_seq_id 
_atom_site.pdbx_PDB_ins_code 
_atom_site.Cartn_x 
_atom_site.Cartn_y 
_atom_site.Cartn_z 
_atom_site.occupancy 
_atom_site.B_iso_or_equiv 
_atom_site.pdbx_formal_charge 
_atom_site.auth_seq_id 
_atom_site.auth_comp_id 
_atom_site.auth_asym_id 
_atom_site.auth_atom_id 
_atom_site.pdbx_PDB_model_num 
ATOM   1    N  N   . ALA A 1 1   ? 14.101  7.198   -10.448 1.00 19.41 ? 1   ALA A N   1 
ATOM   2    C  CA  . ALA A 1 1   ? 15.010  6.345   -9.634  1.00 16.12 ? 1   ALA A CA  1 
ATOM   3    C  C   . ALA A 1 1   ? 14.239  5.221   -8.972  1.00 16.57 ? 1   ALA A C   1 
ATOM   4    O  O   . ALA A 1 1   ? 13.084  5.395   -8.572  1.00 20.06 ? 1   ALA A O   1 
ATOM   5    C  CB  . ALA A 1 1   ? 15.709  7.188   -8.558  1.00 9.77  ? 1   ALA A CB  1 
ATOM   6    N  N   . ILE A 1 2   ? 14.865  4.056   -8.883  1.00 15.89 ? 2   ILE A N   1 
ATOM   7    C  CA  . ILE A 1 2   ? 14.235  2.940   -8.214  1.00 17.45 ? 2   ILE A CA  1 
ATOM   8    C  C   . ILE A 1 2   ? 14.560  3.181   -6.735  1.00 19.13 ? 2   ILE A C   1 
ATOM   9    O  O   . ILE A 1 2   ? 15.692  3.549   -6.388  1.00 18.12 ? 2   ILE A O   1 
ATOM   10   C  CB  . ILE A 1 2   ? 14.769  1.580   -8.706  1.00 20.73 ? 2   ILE A CB  1 
ATOM   11   C  CG1 . ILE A 1 2   ? 14.650  1.491   -10.225 1.00 30.18 ? 2   ILE A CG1 1 
ATOM   12   C  CG2 . ILE A 1 2   ? 13.917  0.455   -8.156  1.00 15.76 ? 2   ILE A CG2 1 
ATOM   13   C  CD1 . ILE A 1 2   ? 15.137  0.183   -10.802 1.00 36.27 ? 2   ILE A CD1 1 
ATOM   14   N  N   . LEU A 1 3   ? 13.534  3.071   -5.893  1.00 16.75 ? 3   LEU A N   1 
ATOM   15   C  CA  . LEU A 1 3   ? 13.655  3.300   -4.461  1.00 12.14 ? 3   LEU A CA  1 
ATOM   16   C  C   . LEU A 1 3   ? 13.765  2.029   -3.628  1.00 10.61 ? 3   LEU A C   1 
ATOM   17   O  O   . LEU A 1 3   ? 13.268  0.975   -4.014  1.00 7.76  ? 3   LEU A O   1 
ATOM   18   C  CB  . LEU A 1 3   ? 12.453  4.109   -3.973  1.00 11.62 ? 3   LEU A CB  1 
ATOM   19   C  CG  . LEU A 1 3   ? 12.373  5.588   -4.329  1.00 9.37  ? 3   LEU A CG  1 
ATOM   20   C  CD1 . LEU A 1 3   ? 11.134  6.216   -3.708  1.00 8.46  ? 3   LEU A CD1 1 
ATOM   21   C  CD2 . LEU A 1 3   ? 13.615  6.270   -3.808  1.00 12.96 ? 3   LEU A CD2 1 
ATOM   22   N  N   . ASN A 1 4   ? 14.419  2.139   -2.475  1.00 9.91  ? 4   ASN A N   1 
ATOM   23   C  CA  . ASN A 1 4   ? 14.561  0.999   -1.583  1.00 8.98  ? 4   ASN A CA  1 
ATOM   24   C  C   . ASN A 1 4   ? 13.297  0.795   -0.747  1.00 10.63 ? 4   ASN A C   1 
ATOM   25   O  O   . ASN A 1 4   ? 12.821  1.730   -0.086  1.00 3.53  ? 4   ASN A O   1 
ATOM   26   C  CB  . ASN A 1 4   ? 15.754  1.178   -0.649  1.00 4.91  ? 4   ASN A CB  1 
ATOM   27   C  CG  . ASN A 1 4   ? 15.770  0.150   0.450   1.00 10.41 ? 4   ASN A CG  1 
ATOM   28   O  OD1 . ASN A 1 4   ? 15.766  -1.059  0.191   1.00 7.42  ? 4   ASN A OD1 1 
ATOM   29   N  ND2 . ASN A 1 4   ? 15.730  0.621   1.694   1.00 9.22  ? 4   ASN A ND2 1 
ATOM   30   N  N   . ILE A 1 5   ? 12.805  -0.444  -0.741  1.00 10.02 ? 5   ILE A N   1 
ATOM   31   C  CA  . ILE A 1 5   ? 11.602  -0.820  -0.011  1.00 6.09  ? 5   ILE A CA  1 
ATOM   32   C  C   . ILE A 1 5   ? 11.904  -1.496  1.326   1.00 9.60  ? 5   ILE A C   1 
ATOM   33   O  O   . ILE A 1 5   ? 12.466  -2.601  1.347   1.00 8.89  ? 5   ILE A O   1 
ATOM   34   C  CB  . ILE A 1 5   ? 10.772  -1.833  -0.806  1.00 5.06  ? 5   ILE A CB  1 
ATOM   35   C  CG1 . ILE A 1 5   ? 10.596  -1.376  -2.245  1.00 3.34  ? 5   ILE A CG1 1 
ATOM   36   C  CG2 . ILE A 1 5   ? 9.416   -2.012  -0.158  1.00 7.48  ? 5   ILE A CG2 1 
ATOM   37   C  CD1 . ILE A 1 5   ? 10.074  -2.494  -3.143  1.00 2.22  ? 5   ILE A CD1 1 
ATOM   38   N  N   . LEU A 1 6   ? 11.475  -0.861  2.422   1.00 8.39  ? 6   LEU A N   1 
ATOM   39   C  CA  . LEU A 1 6   ? 11.657  -1.389  3.778   1.00 5.80  ? 6   LEU A CA  1 
ATOM   40   C  C   . LEU A 1 6   ? 10.817  -2.671  3.981   1.00 7.76  ? 6   LEU A C   1 
ATOM   41   O  O   . LEU A 1 6   ? 9.703   -2.780  3.447   1.00 6.58  ? 6   LEU A O   1 
ATOM   42   C  CB  . LEU A 1 6   ? 11.218  -0.351  4.809   1.00 3.82  ? 6   LEU A CB  1 
ATOM   43   C  CG  . LEU A 1 6   ? 11.675  1.095   4.692   1.00 4.67  ? 6   LEU A CG  1 
ATOM   44   C  CD1 . LEU A 1 6   ? 11.048  1.908   5.806   1.00 2.00  ? 6   LEU A CD1 1 
ATOM   45   C  CD2 . LEU A 1 6   ? 13.175  1.190   4.755   1.00 4.13  ? 6   LEU A CD2 1 
ATOM   46   N  N   . GLU A 1 7   ? 11.323  -3.604  4.793   1.00 7.45  ? 7   GLU A N   1 
ATOM   47   C  CA  . GLU A 1 7   ? 10.633  -4.874  5.050   1.00 9.83  ? 7   GLU A CA  1 
ATOM   48   C  C   . GLU A 1 7   ? 10.399  -5.213  6.522   1.00 10.58 ? 7   GLU A C   1 
ATOM   49   O  O   . GLU A 1 7   ? 11.117  -4.765  7.408   1.00 10.68 ? 7   GLU A O   1 
ATOM   50   C  CB  . GLU A 1 7   ? 11.401  -6.035  4.409   1.00 16.57 ? 7   GLU A CB  1 
ATOM   51   C  CG  . GLU A 1 7   ? 11.462  -5.996  2.897   1.00 20.60 ? 7   GLU A CG  1 
ATOM   52   C  CD  . GLU A 1 7   ? 12.525  -6.918  2.329   1.00 25.62 ? 7   GLU A CD  1 
ATOM   53   O  OE1 . GLU A 1 7   ? 12.342  -8.150  2.388   1.00 28.10 ? 7   GLU A OE1 1 
ATOM   54   O  OE2 . GLU A 1 7   ? 13.543  -6.405  1.815   1.00 31.97 ? 7   GLU A OE2 1 
ATOM   55   N  N   . PHE A 1 8   ? 9.391   -6.041  6.762   1.00 13.52 ? 8   PHE A N   1 
ATOM   56   C  CA  . PHE A 1 8   ? 9.030   -6.501  8.098   1.00 17.71 ? 8   PHE A CA  1 
ATOM   57   C  C   . PHE A 1 8   ? 10.255  -7.223  8.667   1.00 19.50 ? 8   PHE A C   1 
ATOM   58   O  O   . PHE A 1 8   ? 10.854  -8.053  7.979   1.00 23.49 ? 8   PHE A O   1 
ATOM   59   C  CB  . PHE A 1 8   ? 7.869   -7.488  7.954   1.00 21.45 ? 8   PHE A CB  1 
ATOM   60   C  CG  . PHE A 1 8   ? 7.195   -7.843  9.243   1.00 21.05 ? 8   PHE A CG  1 
ATOM   61   C  CD1 . PHE A 1 8   ? 6.727   -6.854  10.094  1.00 20.59 ? 8   PHE A CD1 1 
ATOM   62   C  CD2 . PHE A 1 8   ? 6.989   -9.172  9.583   1.00 22.75 ? 8   PHE A CD2 1 
ATOM   63   C  CE1 . PHE A 1 8   ? 6.061   -7.183  11.266  1.00 20.71 ? 8   PHE A CE1 1 
ATOM   64   C  CE2 . PHE A 1 8   ? 6.320   -9.512  10.757  1.00 22.68 ? 8   PHE A CE2 1 
ATOM   65   C  CZ  . PHE A 1 8   ? 5.855   -8.516  11.599  1.00 18.02 ? 8   PHE A CZ  1 
ATOM   66   N  N   . PRO A 1 9   ? 10.600  -6.989  9.949   1.00 18.27 ? 9   PRO A N   1 
ATOM   67   C  CA  . PRO A 1 9   ? 9.988   -6.130  10.964  1.00 12.92 ? 9   PRO A CA  1 
ATOM   68   C  C   . PRO A 1 9   ? 10.630  -4.761  11.155  1.00 11.95 ? 9   PRO A C   1 
ATOM   69   O  O   . PRO A 1 9   ? 10.932  -4.389  12.286  1.00 14.36 ? 9   PRO A O   1 
ATOM   70   C  CB  . PRO A 1 9   ? 10.181  -6.958  12.219  1.00 16.66 ? 9   PRO A CB  1 
ATOM   71   C  CG  . PRO A 1 9   ? 11.586  -7.415  12.026  1.00 17.99 ? 9   PRO A CG  1 
ATOM   72   C  CD  . PRO A 1 9   ? 11.623  -7.850  10.572  1.00 15.65 ? 9   PRO A CD  1 
ATOM   73   N  N   . ASP A 1 10  ? 10.834  -4.010  10.076  1.00 13.38 ? 10  ASP A N   1 
ATOM   74   C  CA  . ASP A 1 10  ? 11.432  -2.681  10.185  1.00 14.13 ? 10  ASP A CA  1 
ATOM   75   C  C   . ASP A 1 10  ? 10.398  -1.776  10.854  1.00 17.65 ? 10  ASP A C   1 
ATOM   76   O  O   . ASP A 1 10  ? 9.344   -1.487  10.282  1.00 19.28 ? 10  ASP A O   1 
ATOM   77   C  CB  . ASP A 1 10  ? 11.804  -2.155  8.792   1.00 10.42 ? 10  ASP A CB  1 
ATOM   78   C  CG  . ASP A 1 10  ? 12.639  -0.879  8.828   1.00 10.80 ? 10  ASP A CG  1 
ATOM   79   O  OD1 . ASP A 1 10  ? 12.578  -0.115  9.808   1.00 15.51 ? 10  ASP A OD1 1 
ATOM   80   O  OD2 . ASP A 1 10  ? 13.353  -0.631  7.844   1.00 4.66  ? 10  ASP A OD2 1 
ATOM   81   N  N   . PRO A 1 11  ? 10.685  -1.326  12.088  1.00 18.47 ? 11  PRO A N   1 
ATOM   82   C  CA  . PRO A 1 11  ? 9.775   -0.460  12.835  1.00 16.99 ? 11  PRO A CA  1 
ATOM   83   C  C   . PRO A 1 11  ? 9.410   0.830   12.113  1.00 18.70 ? 11  PRO A C   1 
ATOM   84   O  O   . PRO A 1 11  ? 8.455   1.505   12.495  1.00 22.84 ? 11  PRO A O   1 
ATOM   85   C  CB  . PRO A 1 11  ? 10.554  -0.186  14.121  1.00 16.54 ? 11  PRO A CB  1 
ATOM   86   C  CG  . PRO A 1 11  ? 11.965  -0.250  13.679  1.00 17.72 ? 11  PRO A CG  1 
ATOM   87   C  CD  . PRO A 1 11  ? 11.951  -1.486  12.825  1.00 19.06 ? 11  PRO A CD  1 
ATOM   88   N  N   . ARG A 1 12  ? 10.162  1.178   11.072  1.00 16.04 ? 12  ARG A N   1 
ATOM   89   C  CA  . ARG A 1 12  ? 9.869   2.397   10.329  1.00 11.14 ? 12  ARG A CA  1 
ATOM   90   C  C   . ARG A 1 12  ? 8.575   2.227   9.555   1.00 10.18 ? 12  ARG A C   1 
ATOM   91   O  O   . ARG A 1 12  ? 7.875   3.194   9.272   1.00 11.50 ? 12  ARG A O   1 
ATOM   92   C  CB  . ARG A 1 12  ? 11.018  2.759   9.392   1.00 8.35  ? 12  ARG A CB  1 
ATOM   93   C  CG  . ARG A 1 12  ? 12.268  3.196   10.121  1.00 9.89  ? 12  ARG A CG  1 
ATOM   94   C  CD  . ARG A 1 12  ? 13.405  3.459   9.171   1.00 10.31 ? 12  ARG A CD  1 
ATOM   95   N  NE  . ARG A 1 12  ? 13.807  2.259   8.434   1.00 14.03 ? 12  ARG A NE  1 
ATOM   96   C  CZ  . ARG A 1 12  ? 14.932  2.163   7.727   1.00 12.86 ? 12  ARG A CZ  1 
ATOM   97   N  NH1 . ARG A 1 12  ? 15.766  3.191   7.661   1.00 19.80 ? 12  ARG A NH1 1 
ATOM   98   N  NH2 . ARG A 1 12  ? 15.217  1.048   7.075   1.00 9.37  ? 12  ARG A NH2 1 
ATOM   99   N  N   . LEU A 1 13  ? 8.244   0.977   9.256   1.00 9.24  ? 13  LEU A N   1 
ATOM   100  C  CA  . LEU A 1 13  ? 7.027   0.662   8.533   1.00 8.62  ? 13  LEU A CA  1 
ATOM   101  C  C   . LEU A 1 13  ? 5.800   0.875   9.397   1.00 9.63  ? 13  LEU A C   1 
ATOM   102  O  O   . LEU A 1 13  ? 4.671   0.615   8.956   1.00 11.97 ? 13  LEU A O   1 
ATOM   103  C  CB  . LEU A 1 13  ? 7.045   -0.792  8.072   1.00 6.60  ? 13  LEU A CB  1 
ATOM   104  C  CG  . LEU A 1 13  ? 8.038   -1.123  6.974   1.00 2.00  ? 13  LEU A CG  1 
ATOM   105  C  CD1 . LEU A 1 13  ? 7.841   -2.558  6.537   1.00 2.00  ? 13  LEU A CD1 1 
ATOM   106  C  CD2 . LEU A 1 13  ? 7.831   -0.168  5.822   1.00 2.00  ? 13  LEU A CD2 1 
ATOM   107  N  N   . ARG A 1 14  ? 6.036   1.272   10.646  1.00 6.34  ? 14  ARG A N   1 
ATOM   108  C  CA  . ARG A 1 14  ? 4.963   1.519   11.596  1.00 4.19  ? 14  ARG A CA  1 
ATOM   109  C  C   . ARG A 1 14  ? 4.668   2.990   11.743  1.00 4.70  ? 14  ARG A C   1 
ATOM   110  O  O   . ARG A 1 14  ? 3.804   3.372   12.536  1.00 9.78  ? 14  ARG A O   1 
ATOM   111  C  CB  . ARG A 1 14  ? 5.295   0.933   12.962  1.00 2.43  ? 14  ARG A CB  1 
ATOM   112  C  CG  . ARG A 1 14  ? 4.436   -0.254  13.308  1.00 3.41  ? 14  ARG A CG  1 
ATOM   113  C  CD  . ARG A 1 14  ? 4.672   -1.351  12.314  1.00 2.00  ? 14  ARG A CD  1 
ATOM   114  N  NE  . ARG A 1 14  ? 3.593   -2.322  12.286  1.00 2.00  ? 14  ARG A NE  1 
ATOM   115  C  CZ  . ARG A 1 14  ? 3.798   -3.620  12.150  1.00 4.12  ? 14  ARG A CZ  1 
ATOM   116  N  NH1 . ARG A 1 14  ? 5.041   -4.060  12.040  1.00 8.31  ? 14  ARG A NH1 1 
ATOM   117  N  NH2 . ARG A 1 14  ? 2.781   -4.472  12.137  1.00 2.06  ? 14  ARG A NH2 1 
ATOM   118  N  N   . THR A 1 15  ? 5.404   3.815   11.001  1.00 3.42  ? 15  THR A N   1 
ATOM   119  C  CA  . THR A 1 15  ? 5.205   5.256   11.048  1.00 5.73  ? 15  THR A CA  1 
ATOM   120  C  C   . THR A 1 15  ? 3.878   5.629   10.403  1.00 7.65  ? 15  THR A C   1 
ATOM   121  O  O   . THR A 1 15  ? 3.445   5.025   9.417   1.00 10.07 ? 15  THR A O   1 
ATOM   122  C  CB  . THR A 1 15  ? 6.317   6.001   10.316  1.00 3.07  ? 15  THR A CB  1 
ATOM   123  O  OG1 . THR A 1 15  ? 7.580   5.498   10.752  1.00 3.83  ? 15  THR A OG1 1 
ATOM   124  C  CG2 . THR A 1 15  ? 6.254   7.488   10.620  1.00 2.00  ? 15  THR A CG2 1 
ATOM   125  N  N   . ILE A 1 16  ? 3.217   6.612   10.991  1.00 9.10  ? 16  ILE A N   1 
ATOM   126  C  CA  . ILE A 1 16  ? 1.947   7.078   10.478  1.00 7.79  ? 16  ILE A CA  1 
ATOM   127  C  C   . ILE A 1 16  ? 2.219   8.236   9.525   1.00 7.38  ? 16  ILE A C   1 
ATOM   128  O  O   . ILE A 1 16  ? 2.792   9.267   9.918   1.00 2.48  ? 16  ILE A O   1 
ATOM   129  C  CB  . ILE A 1 16  ? 1.017   7.441   11.649  1.00 8.54  ? 16  ILE A CB  1 
ATOM   130  C  CG1 . ILE A 1 16  ? 0.701   6.155   12.421  1.00 4.63  ? 16  ILE A CG1 1 
ATOM   131  C  CG2 . ILE A 1 16  ? -0.255  8.109   11.155  1.00 2.00  ? 16  ILE A CG2 1 
ATOM   132  C  CD1 . ILE A 1 16  ? -0.099  6.369   13.674  1.00 2.81  ? 16  ILE A CD1 1 
ATOM   133  N  N   . ALA A 1 17  ? 1.874   8.012   8.255   1.00 7.71  ? 17  ALA A N   1 
ATOM   134  C  CA  . ALA A 1 17  ? 2.084   8.985   7.179   1.00 10.64 ? 17  ALA A CA  1 
ATOM   135  C  C   . ALA A 1 17  ? 1.364   10.312  7.378   1.00 11.69 ? 17  ALA A C   1 
ATOM   136  O  O   . ALA A 1 17  ? 0.204   10.339  7.781   1.00 13.38 ? 17  ALA A O   1 
ATOM   137  C  CB  . ALA A 1 17  ? 1.685   8.377   5.846   1.00 7.08  ? 17  ALA A CB  1 
ATOM   138  N  N   . LYS A 1 18  ? 2.066   11.409  7.105   1.00 14.72 ? 18  LYS A N   1 
ATOM   139  C  CA  . LYS A 1 18  ? 1.494   12.744  7.234   1.00 17.60 ? 18  LYS A CA  1 
ATOM   140  C  C   . LYS A 1 18  ? 0.900   13.226  5.915   1.00 19.33 ? 18  LYS A C   1 
ATOM   141  O  O   . LYS A 1 18  ? 1.450   12.971  4.849   1.00 19.77 ? 18  LYS A O   1 
ATOM   142  C  CB  . LYS A 1 18  ? 2.535   13.747  7.751   1.00 20.77 ? 18  LYS A CB  1 
ATOM   143  C  CG  . LYS A 1 18  ? 2.619   13.815  9.290   1.00 28.84 ? 18  LYS A CG  1 
ATOM   144  C  CD  . LYS A 1 18  ? 3.481   14.979  9.769   1.00 32.11 ? 18  LYS A CD  1 
ATOM   145  C  CE  . LYS A 1 18  ? 2.973   16.308  9.226   1.00 35.90 ? 18  LYS A CE  1 
ATOM   146  N  NZ  . LYS A 1 18  ? 3.827   17.461  9.639   1.00 40.83 ? 18  LYS A NZ  1 
ATOM   147  N  N   . PRO A 1 19  ? -0.245  13.929  5.980   1.00 19.78 ? 19  PRO A N   1 
ATOM   148  C  CA  . PRO A 1 19  ? -0.998  14.487  4.848   1.00 18.21 ? 19  PRO A CA  1 
ATOM   149  C  C   . PRO A 1 19  ? -0.221  15.395  3.905   1.00 15.41 ? 19  PRO A C   1 
ATOM   150  O  O   . PRO A 1 19  ? 0.556   16.247  4.338   1.00 12.25 ? 19  PRO A O   1 
ATOM   151  C  CB  . PRO A 1 19  ? -2.113  15.273  5.538   1.00 15.92 ? 19  PRO A CB  1 
ATOM   152  C  CG  . PRO A 1 19  ? -2.328  14.510  6.798   1.00 16.62 ? 19  PRO A CG  1 
ATOM   153  C  CD  . PRO A 1 19  ? -0.922  14.241  7.251   1.00 19.64 ? 19  PRO A CD  1 
ATOM   154  N  N   . VAL A 1 20  ? -0.454  15.206  2.609   1.00 13.51 ? 20  VAL A N   1 
ATOM   155  C  CA  . VAL A 1 20  ? 0.178   16.019  1.583   1.00 15.26 ? 20  VAL A CA  1 
ATOM   156  C  C   . VAL A 1 20  ? -0.692  17.271  1.404   1.00 17.85 ? 20  VAL A C   1 
ATOM   157  O  O   . VAL A 1 20  ? -1.814  17.219  0.882   1.00 16.55 ? 20  VAL A O   1 
ATOM   158  C  CB  . VAL A 1 20  ? 0.314   15.248  0.246   1.00 14.06 ? 20  VAL A CB  1 
ATOM   159  C  CG1 . VAL A 1 20  ? 0.897   16.157  -0.831  1.00 15.46 ? 20  VAL A CG1 1 
ATOM   160  C  CG2 . VAL A 1 20  ? 1.205   14.033  0.429   1.00 7.41  ? 20  VAL A CG2 1 
ATOM   161  N  N   . GLU A 1 21  ? -0.183  18.381  1.923   1.00 20.24 ? 21  GLU A N   1 
ATOM   162  C  CA  . GLU A 1 21  ? -0.872  19.659  1.852   1.00 23.38 ? 21  GLU A CA  1 
ATOM   163  C  C   . GLU A 1 21  ? -0.761  20.293  0.472   1.00 23.94 ? 21  GLU A C   1 
ATOM   164  O  O   . GLU A 1 21  ? -1.694  20.941  0.009   1.00 25.35 ? 21  GLU A O   1 
ATOM   165  C  CB  . GLU A 1 21  ? -0.306  20.614  2.902   1.00 24.75 ? 21  GLU A CB  1 
ATOM   166  C  CG  . GLU A 1 21  ? -0.431  20.111  4.330   1.00 28.02 ? 21  GLU A CG  1 
ATOM   167  C  CD  . GLU A 1 21  ? 0.060   21.125  5.350   1.00 34.97 ? 21  GLU A CD  1 
ATOM   168  O  OE1 . GLU A 1 21  ? 1.177   21.663  5.180   1.00 35.78 ? 21  GLU A OE1 1 
ATOM   169  O  OE2 . GLU A 1 21  ? -0.679  21.388  6.325   1.00 40.00 ? 21  GLU A OE2 1 
ATOM   170  N  N   . VAL A 1 22  ? 0.400   20.142  -0.160  1.00 23.40 ? 22  VAL A N   1 
ATOM   171  C  CA  . VAL A 1 22  ? 0.628   20.698  -1.490  1.00 20.84 ? 22  VAL A CA  1 
ATOM   172  C  C   . VAL A 1 22  ? 1.326   19.693  -2.391  1.00 17.08 ? 22  VAL A C   1 
ATOM   173  O  O   . VAL A 1 22  ? 2.107   18.862  -1.926  1.00 19.49 ? 22  VAL A O   1 
ATOM   174  C  CB  . VAL A 1 22  ? 1.472   21.977  -1.448  1.00 19.66 ? 22  VAL A CB  1 
ATOM   175  C  CG1 . VAL A 1 22  ? 1.362   22.714  -2.775  1.00 22.03 ? 22  VAL A CG1 1 
ATOM   176  C  CG2 . VAL A 1 22  ? 1.009   22.878  -0.311  1.00 28.73 ? 22  VAL A CG2 1 
ATOM   177  N  N   . VAL A 1 23  ? 1.025   19.779  -3.683  1.00 11.98 ? 23  VAL A N   1 
ATOM   178  C  CA  . VAL A 1 23  ? 1.592   18.895  -4.694  1.00 13.32 ? 23  VAL A CA  1 
ATOM   179  C  C   . VAL A 1 23  ? 2.598   19.633  -5.562  1.00 14.53 ? 23  VAL A C   1 
ATOM   180  O  O   . VAL A 1 23  ? 2.296   20.006  -6.696  1.00 14.78 ? 23  VAL A O   1 
ATOM   181  C  CB  . VAL A 1 23  ? 0.489   18.320  -5.600  1.00 11.84 ? 23  VAL A CB  1 
ATOM   182  C  CG1 . VAL A 1 23  ? 1.082   17.338  -6.616  1.00 3.75  ? 23  VAL A CG1 1 
ATOM   183  C  CG2 . VAL A 1 23  ? -0.590  17.652  -4.746  1.00 9.54  ? 23  VAL A CG2 1 
ATOM   184  N  N   . ASP A 1 24  ? 3.793   19.849  -5.023  1.00 15.61 ? 24  ASP A N   1 
ATOM   185  C  CA  . ASP A 1 24  ? 4.846   20.542  -5.757  1.00 19.99 ? 24  ASP A CA  1 
ATOM   186  C  C   . ASP A 1 24  ? 5.577   19.593  -6.727  1.00 24.31 ? 24  ASP A C   1 
ATOM   187  O  O   . ASP A 1 24  ? 5.035   18.556  -7.116  1.00 30.87 ? 24  ASP A O   1 
ATOM   188  C  CB  . ASP A 1 24  ? 5.824   21.192  -4.770  1.00 15.57 ? 24  ASP A CB  1 
ATOM   189  C  CG  . ASP A 1 24  ? 6.501   20.188  -3.858  1.00 13.17 ? 24  ASP A CG  1 
ATOM   190  O  OD1 . ASP A 1 24  ? 6.129   18.992  -3.876  1.00 10.03 ? 24  ASP A OD1 1 
ATOM   191  O  OD2 . ASP A 1 24  ? 7.423   20.599  -3.121  1.00 17.49 ? 24  ASP A OD2 1 
ATOM   192  N  N   . ASP A 1 25  ? 6.785   19.969  -7.143  1.00 26.69 ? 25  ASP A N   1 
ATOM   193  C  CA  . ASP A 1 25  ? 7.579   19.146  -8.051  1.00 26.21 ? 25  ASP A CA  1 
ATOM   194  C  C   . ASP A 1 25  ? 8.187   17.991  -7.282  1.00 23.99 ? 25  ASP A C   1 
ATOM   195  O  O   . ASP A 1 25  ? 8.208   16.857  -7.758  1.00 25.84 ? 25  ASP A O   1 
ATOM   196  C  CB  . ASP A 1 25  ? 8.704   19.967  -8.691  1.00 31.21 ? 25  ASP A CB  1 
ATOM   197  C  CG  . ASP A 1 25  ? 8.210   20.897  -9.788  1.00 32.32 ? 25  ASP A CG  1 
ATOM   198  O  OD1 . ASP A 1 25  ? 7.608   20.413  -10.776 1.00 27.47 ? 25  ASP A OD1 1 
ATOM   199  O  OD2 . ASP A 1 25  ? 8.452   22.116  -9.672  1.00 34.84 ? 25  ASP A OD2 1 
ATOM   200  N  N   . ALA A 1 26  ? 8.690   18.299  -6.091  1.00 20.64 ? 26  ALA A N   1 
ATOM   201  C  CA  . ALA A 1 26  ? 9.303   17.313  -5.215  1.00 13.36 ? 26  ALA A CA  1 
ATOM   202  C  C   . ALA A 1 26  ? 8.358   16.126  -4.995  1.00 12.49 ? 26  ALA A C   1 
ATOM   203  O  O   . ALA A 1 26  ? 8.800   14.973  -4.905  1.00 13.78 ? 26  ALA A O   1 
ATOM   204  C  CB  . ALA A 1 26  ? 9.670   17.964  -3.888  1.00 14.12 ? 26  ALA A CB  1 
ATOM   205  N  N   . VAL A 1 27  ? 7.058   16.407  -4.945  1.00 8.23  ? 27  VAL A N   1 
ATOM   206  C  CA  . VAL A 1 27  ? 6.049   15.367  -4.747  1.00 10.18 ? 27  VAL A CA  1 
ATOM   207  C  C   . VAL A 1 27  ? 5.855   14.498  -5.988  1.00 13.14 ? 27  VAL A C   1 
ATOM   208  O  O   . VAL A 1 27  ? 5.736   13.272  -5.878  1.00 16.84 ? 27  VAL A O   1 
ATOM   209  C  CB  . VAL A 1 27  ? 4.686   15.969  -4.305  1.00 10.50 ? 27  VAL A CB  1 
ATOM   210  C  CG1 . VAL A 1 27  ? 3.566   14.946  -4.464  1.00 2.00  ? 27  VAL A CG1 1 
ATOM   211  C  CG2 . VAL A 1 27  ? 4.766   16.412  -2.855  1.00 9.00  ? 27  VAL A CG2 1 
ATOM   212  N  N   . ARG A 1 28  ? 5.795   15.140  -7.159  1.00 12.97 ? 28  ARG A N   1 
ATOM   213  C  CA  . ARG A 1 28  ? 5.620   14.438  -8.433  1.00 10.21 ? 28  ARG A CA  1 
ATOM   214  C  C   . ARG A 1 28  ? 6.849   13.590  -8.763  1.00 8.43  ? 28  ARG A C   1 
ATOM   215  O  O   . ARG A 1 28  ? 6.740   12.487  -9.318  1.00 8.22  ? 28  ARG A O   1 
ATOM   216  C  CB  . ARG A 1 28  ? 5.305   15.438  -9.550  1.00 16.81 ? 28  ARG A CB  1 
ATOM   217  C  CG  . ARG A 1 28  ? 3.846   15.909  -9.529  1.00 20.24 ? 28  ARG A CG  1 
ATOM   218  C  CD  . ARG A 1 28  ? 3.562   17.049  -10.497 1.00 25.49 ? 28  ARG A CD  1 
ATOM   219  N  NE  . ARG A 1 28  ? 4.083   18.331  -10.019 1.00 29.62 ? 28  ARG A NE  1 
ATOM   220  C  CZ  . ARG A 1 28  ? 3.438   19.493  -10.112 1.00 25.99 ? 28  ARG A CZ  1 
ATOM   221  N  NH1 . ARG A 1 28  ? 2.236   19.545  -10.667 1.00 26.31 ? 28  ARG A NH1 1 
ATOM   222  N  NH2 . ARG A 1 28  ? 4.000   20.607  -9.664  1.00 22.57 ? 28  ARG A NH2 1 
ATOM   223  N  N   . GLN A 1 29  ? 8.017   14.097  -8.382  1.00 5.22  ? 29  GLN A N   1 
ATOM   224  C  CA  . GLN A 1 29  ? 9.263   13.378  -8.589  1.00 2.74  ? 29  GLN A CA  1 
ATOM   225  C  C   . GLN A 1 29  ? 9.170   12.073  -7.803  1.00 4.02  ? 29  GLN A C   1 
ATOM   226  O  O   . GLN A 1 29  ? 9.426   10.989  -8.329  1.00 2.07  ? 29  GLN A O   1 
ATOM   227  C  CB  . GLN A 1 29  ? 10.432  14.214  -8.071  1.00 5.94  ? 29  GLN A CB  1 
ATOM   228  C  CG  . GLN A 1 29  ? 11.775  13.520  -8.181  1.00 7.85  ? 29  GLN A CG  1 
ATOM   229  C  CD  . GLN A 1 29  ? 11.965  12.844  -9.523  1.00 14.17 ? 29  GLN A CD  1 
ATOM   230  O  OE1 . GLN A 1 29  ? 12.214  13.503  -10.538 1.00 23.48 ? 29  GLN A OE1 1 
ATOM   231  N  NE2 . GLN A 1 29  ? 11.830  11.517  -9.542  1.00 16.77 ? 29  GLN A NE2 1 
ATOM   232  N  N   . LEU A 1 30  ? 8.758   12.191  -6.545  1.00 9.85  ? 30  LEU A N   1 
ATOM   233  C  CA  . LEU A 1 30  ? 8.615   11.034  -5.668  1.00 13.40 ? 30  LEU A CA  1 
ATOM   234  C  C   . LEU A 1 30  ? 7.633   10.042  -6.272  1.00 12.54 ? 30  LEU A C   1 
ATOM   235  O  O   . LEU A 1 30  ? 7.903   8.840   -6.328  1.00 15.86 ? 30  LEU A O   1 
ATOM   236  C  CB  . LEU A 1 30  ? 8.140   11.479  -4.282  1.00 16.06 ? 30  LEU A CB  1 
ATOM   237  C  CG  . LEU A 1 30  ? 7.867   10.379  -3.248  1.00 19.31 ? 30  LEU A CG  1 
ATOM   238  C  CD1 . LEU A 1 30  ? 9.112   9.539   -2.967  1.00 18.69 ? 30  LEU A CD1 1 
ATOM   239  C  CD2 . LEU A 1 30  ? 7.333   11.014  -1.977  1.00 13.98 ? 30  LEU A CD2 1 
ATOM   240  N  N   . ILE A 1 31  ? 6.507   10.565  -6.742  1.00 10.24 ? 31  ILE A N   1 
ATOM   241  C  CA  . ILE A 1 31  ? 5.473   9.752   -7.360  1.00 9.95  ? 31  ILE A CA  1 
ATOM   242  C  C   . ILE A 1 31  ? 6.080   8.905   -8.472  1.00 10.16 ? 31  ILE A C   1 
ATOM   243  O  O   . ILE A 1 31  ? 5.946   7.682   -8.467  1.00 11.22 ? 31  ILE A O   1 
ATOM   244  C  CB  . ILE A 1 31  ? 4.325   10.648  -7.893  1.00 12.83 ? 31  ILE A CB  1 
ATOM   245  C  CG1 . ILE A 1 31  ? 3.541   11.222  -6.705  1.00 14.31 ? 31  ILE A CG1 1 
ATOM   246  C  CG2 . ILE A 1 31  ? 3.414   9.861   -8.826  1.00 12.66 ? 31  ILE A CG2 1 
ATOM   247  C  CD1 . ILE A 1 31  ? 2.527   12.293  -7.056  1.00 11.18 ? 31  ILE A CD1 1 
ATOM   248  N  N   . ASP A 1 32  ? 6.798   9.549   -9.390  1.00 11.26 ? 32  ASP A N   1 
ATOM   249  C  CA  . ASP A 1 32  ? 7.439   8.833   -10.488 1.00 9.19  ? 32  ASP A CA  1 
ATOM   250  C  C   . ASP A 1 32  ? 8.425   7.781   -9.982  1.00 10.10 ? 32  ASP A C   1 
ATOM   251  O  O   . ASP A 1 32  ? 8.436   6.652   -10.482 1.00 11.47 ? 32  ASP A O   1 
ATOM   252  C  CB  . ASP A 1 32  ? 8.142   9.808   -11.428 1.00 7.96  ? 32  ASP A CB  1 
ATOM   253  C  CG  . ASP A 1 32  ? 7.191   10.455  -12.423 1.00 9.80  ? 32  ASP A CG  1 
ATOM   254  O  OD1 . ASP A 1 32  ? 6.304   9.750   -12.968 1.00 2.00  ? 32  ASP A OD1 1 
ATOM   255  O  OD2 . ASP A 1 32  ? 7.358   11.668  -12.688 1.00 9.29  ? 32  ASP A OD2 1 
ATOM   256  N  N   . ASP A 1 33  ? 9.245   8.145   -8.991  1.00 7.16  ? 33  ASP A N   1 
ATOM   257  C  CA  . ASP A 1 33  ? 10.216  7.210   -8.404  1.00 4.05  ? 33  ASP A CA  1 
ATOM   258  C  C   . ASP A 1 33  ? 9.470   6.034   -7.814  1.00 4.57  ? 33  ASP A C   1 
ATOM   259  O  O   . ASP A 1 33  ? 9.935   4.898   -7.892  1.00 2.00  ? 33  ASP A O   1 
ATOM   260  C  CB  . ASP A 1 33  ? 11.047  7.877   -7.304  1.00 2.00  ? 33  ASP A CB  1 
ATOM   261  C  CG  . ASP A 1 33  ? 12.090  8.847   -7.848  1.00 6.25  ? 33  ASP A CG  1 
ATOM   262  O  OD1 . ASP A 1 33  ? 12.381  8.834   -9.065  1.00 6.39  ? 33  ASP A OD1 1 
ATOM   263  O  OD2 . ASP A 1 33  ? 12.632  9.632   -7.047  1.00 6.84  ? 33  ASP A OD2 1 
ATOM   264  N  N   . MET A 1 34  ? 8.298   6.321   -7.247  1.00 7.79  ? 34  MET A N   1 
ATOM   265  C  CA  . MET A 1 34  ? 7.438   5.306   -6.638  1.00 6.18  ? 34  MET A CA  1 
ATOM   266  C  C   . MET A 1 34  ? 6.843   4.365   -7.665  1.00 6.34  ? 34  MET A C   1 
ATOM   267  O  O   . MET A 1 34  ? 6.659   3.180   -7.396  1.00 10.95 ? 34  MET A O   1 
ATOM   268  C  CB  . MET A 1 34  ? 6.303   5.947   -5.853  1.00 5.09  ? 34  MET A CB  1 
ATOM   269  C  CG  . MET A 1 34  ? 6.631   6.284   -4.416  1.00 5.97  ? 34  MET A CG  1 
ATOM   270  S  SD  . MET A 1 34  ? 5.090   6.589   -3.525  1.00 10.18 ? 34  MET A SD  1 
ATOM   271  C  CE  . MET A 1 34  ? 5.184   8.309   -3.332  1.00 7.27  ? 34  MET A CE  1 
ATOM   272  N  N   . PHE A 1 35  ? 6.499   4.901   -8.827  1.00 9.06  ? 35  PHE A N   1 
ATOM   273  C  CA  . PHE A 1 35  ? 5.939   4.080   -9.897  1.00 8.08  ? 35  PHE A CA  1 
ATOM   274  C  C   . PHE A 1 35  ? 6.993   3.113   -10.436 1.00 6.09  ? 35  PHE A C   1 
ATOM   275  O  O   . PHE A 1 35  ? 6.735   1.923   -10.641 1.00 7.63  ? 35  PHE A O   1 
ATOM   276  C  CB  . PHE A 1 35  ? 5.444   4.972   -11.033 1.00 4.26  ? 35  PHE A CB  1 
ATOM   277  C  CG  . PHE A 1 35  ? 3.984   5.292   -10.957 1.00 6.18  ? 35  PHE A CG  1 
ATOM   278  C  CD1 . PHE A 1 35  ? 3.551   6.605   -10.844 1.00 6.05  ? 35  PHE A CD1 1 
ATOM   279  C  CD2 . PHE A 1 35  ? 3.036   4.277   -11.030 1.00 4.64  ? 35  PHE A CD2 1 
ATOM   280  C  CE1 . PHE A 1 35  ? 2.189   6.905   -10.807 1.00 5.60  ? 35  PHE A CE1 1 
ATOM   281  C  CE2 . PHE A 1 35  ? 1.677   4.570   -10.993 1.00 2.89  ? 35  PHE A CE2 1 
ATOM   282  C  CZ  . PHE A 1 35  ? 1.252   5.883   -10.882 1.00 3.03  ? 35  PHE A CZ  1 
ATOM   283  N  N   . GLU A 1 36  ? 8.184   3.652   -10.659 1.00 3.63  ? 36  GLU A N   1 
ATOM   284  C  CA  . GLU A 1 36  ? 9.306   2.894   -11.184 1.00 8.11  ? 36  GLU A CA  1 
ATOM   285  C  C   . GLU A 1 36  ? 9.655   1.731   -10.260 1.00 13.72 ? 36  GLU A C   1 
ATOM   286  O  O   . GLU A 1 36  ? 9.786   0.588   -10.696 1.00 16.13 ? 36  GLU A O   1 
ATOM   287  C  CB  . GLU A 1 36  ? 10.503  3.830   -11.343 1.00 7.26  ? 36  GLU A CB  1 
ATOM   288  C  CG  . GLU A 1 36  ? 11.656  3.243   -12.135 1.00 2.92  ? 36  GLU A CG  1 
ATOM   289  C  CD  . GLU A 1 36  ? 12.809  4.222   -12.312 1.00 8.34  ? 36  GLU A CD  1 
ATOM   290  O  OE1 . GLU A 1 36  ? 12.672  5.422   -11.980 1.00 2.00  ? 36  GLU A OE1 1 
ATOM   291  O  OE2 . GLU A 1 36  ? 13.862  3.777   -12.802 1.00 2.00  ? 36  GLU A OE2 1 
ATOM   292  N  N   . THR A 1 37  ? 9.810   2.045   -8.981  1.00 14.74 ? 37  THR A N   1 
ATOM   293  C  CA  . THR A 1 37  ? 10.134  1.064   -7.963  1.00 13.71 ? 37  THR A CA  1 
ATOM   294  C  C   . THR A 1 37  ? 9.063   -0.018  -7.951  1.00 16.06 ? 37  THR A C   1 
ATOM   295  O  O   . THR A 1 37  ? 9.362   -1.203  -7.874  1.00 22.05 ? 37  THR A O   1 
ATOM   296  C  CB  . THR A 1 37  ? 10.178  1.749   -6.587  1.00 16.64 ? 37  THR A CB  1 
ATOM   297  O  OG1 . THR A 1 37  ? 11.047  2.882   -6.661  1.00 17.52 ? 37  THR A OG1 1 
ATOM   298  C  CG2 . THR A 1 37  ? 10.677  0.792   -5.504  1.00 14.21 ? 37  THR A CG2 1 
ATOM   299  N  N   . MET A 1 38  ? 7.810   0.404   -8.051  1.00 15.26 ? 38  MET A N   1 
ATOM   300  C  CA  . MET A 1 38  ? 6.675   -0.508  -8.051  1.00 17.02 ? 38  MET A CA  1 
ATOM   301  C  C   . MET A 1 38  ? 6.678   -1.444  -9.254  1.00 15.74 ? 38  MET A C   1 
ATOM   302  O  O   . MET A 1 38  ? 6.420   -2.637  -9.119  1.00 16.21 ? 38  MET A O   1 
ATOM   303  C  CB  . MET A 1 38  ? 5.382   0.288   -8.039  1.00 16.97 ? 38  MET A CB  1 
ATOM   304  C  CG  . MET A 1 38  ? 4.154   -0.573  -8.070  1.00 17.10 ? 38  MET A CG  1 
ATOM   305  S  SD  . MET A 1 38  ? 2.785   0.360   -8.672  1.00 3.00  ? 38  MET A SD  1 
ATOM   306  C  CE  . MET A 1 38  ? 2.467   -0.529  -10.164 1.00 6.89  ? 38  MET A CE  1 
ATOM   307  N  N   . TYR A 1 39  ? 6.895   -0.885  -10.438 1.00 19.28 ? 39  TYR A N   1 
ATOM   308  C  CA  . TYR A 1 39  ? 6.946   -1.682  -11.658 1.00 20.64 ? 39  TYR A CA  1 
ATOM   309  C  C   . TYR A 1 39  ? 8.116   -2.637  -11.557 1.00 21.56 ? 39  TYR A C   1 
ATOM   310  O  O   . TYR A 1 39  ? 7.975   -3.833  -11.780 1.00 22.15 ? 39  TYR A O   1 
ATOM   311  C  CB  . TYR A 1 39  ? 7.139   -0.778  -12.876 1.00 20.43 ? 39  TYR A CB  1 
ATOM   312  C  CG  . TYR A 1 39  ? 5.906   0.005   -13.256 1.00 17.50 ? 39  TYR A CG  1 
ATOM   313  C  CD1 . TYR A 1 39  ? 5.990   1.354   -13.588 1.00 11.61 ? 39  TYR A CD1 1 
ATOM   314  C  CD2 . TYR A 1 39  ? 4.656   -0.609  -13.285 1.00 10.71 ? 39  TYR A CD2 1 
ATOM   315  C  CE1 . TYR A 1 39  ? 4.864   2.070   -13.937 1.00 11.96 ? 39  TYR A CE1 1 
ATOM   316  C  CE2 . TYR A 1 39  ? 3.527   0.096   -13.629 1.00 7.61  ? 39  TYR A CE2 1 
ATOM   317  C  CZ  . TYR A 1 39  ? 3.633   1.434   -13.954 1.00 13.61 ? 39  TYR A CZ  1 
ATOM   318  O  OH  . TYR A 1 39  ? 2.496   2.135   -14.284 1.00 12.96 ? 39  TYR A OH  1 
ATOM   319  N  N   . GLU A 1 40  ? 9.261   -2.088  -11.169 1.00 22.09 ? 40  GLU A N   1 
ATOM   320  C  CA  . GLU A 1 40  ? 10.502  -2.832  -11.016 1.00 29.15 ? 40  GLU A CA  1 
ATOM   321  C  C   . GLU A 1 40  ? 10.401  -3.990  -10.022 1.00 30.60 ? 40  GLU A C   1 
ATOM   322  O  O   . GLU A 1 40  ? 10.977  -5.060  -10.250 1.00 28.11 ? 40  GLU A O   1 
ATOM   323  C  CB  . GLU A 1 40  ? 11.605  -1.852  -10.593 1.00 36.06 ? 40  GLU A CB  1 
ATOM   324  C  CG  . GLU A 1 40  ? 12.874  -2.473  -10.037 1.00 46.74 ? 40  GLU A CG  1 
ATOM   325  C  CD  . GLU A 1 40  ? 13.601  -3.327  -11.046 1.00 53.59 ? 40  GLU A CD  1 
ATOM   326  O  OE1 . GLU A 1 40  ? 13.920  -2.817  -12.143 1.00 57.68 ? 40  GLU A OE1 1 
ATOM   327  O  OE2 . GLU A 1 40  ? 13.855  -4.511  -10.735 1.00 59.22 ? 40  GLU A OE2 1 
ATOM   328  N  N   . ALA A 1 41  ? 9.615   -3.788  -8.962  1.00 34.41 ? 41  ALA A N   1 
ATOM   329  C  CA  . ALA A 1 41  ? 9.441   -4.768  -7.887  1.00 32.05 ? 41  ALA A CA  1 
ATOM   330  C  C   . ALA A 1 41  ? 9.252   -6.245  -8.256  1.00 31.91 ? 41  ALA A C   1 
ATOM   331  O  O   . ALA A 1 41  ? 10.114  -7.055  -7.937  1.00 37.67 ? 41  ALA A O   1 
ATOM   332  C  CB  . ALA A 1 41  ? 8.381   -4.306  -6.923  1.00 32.11 ? 41  ALA A CB  1 
ATOM   333  N  N   . PRO A 1 42  ? 8.133   -6.627  -8.907  1.00 28.88 ? 42  PRO A N   1 
ATOM   334  C  CA  . PRO A 1 42  ? 6.977   -5.854  -9.365  1.00 25.24 ? 42  PRO A CA  1 
ATOM   335  C  C   . PRO A 1 42  ? 5.773   -5.981  -8.426  1.00 21.79 ? 42  PRO A C   1 
ATOM   336  O  O   . PRO A 1 42  ? 5.541   -7.040  -7.826  1.00 15.54 ? 42  PRO A O   1 
ATOM   337  C  CB  . PRO A 1 42  ? 6.670   -6.500  -10.708 1.00 25.23 ? 42  PRO A CB  1 
ATOM   338  C  CG  . PRO A 1 42  ? 6.852   -7.944  -10.390 1.00 29.20 ? 42  PRO A CG  1 
ATOM   339  C  CD  . PRO A 1 42  ? 8.114   -7.972  -9.522  1.00 25.41 ? 42  PRO A CD  1 
ATOM   340  N  N   . GLY A 1 43  ? 5.007   -4.897  -8.325  1.00 20.61 ? 43  GLY A N   1 
ATOM   341  C  CA  . GLY A 1 43  ? 3.815   -4.882  -7.501  1.00 21.12 ? 43  GLY A CA  1 
ATOM   342  C  C   . GLY A 1 43  ? 2.724   -4.111  -8.222  1.00 21.42 ? 43  GLY A C   1 
ATOM   343  O  O   . GLY A 1 43  ? 3.012   -3.423  -9.211  1.00 24.98 ? 43  GLY A O   1 
ATOM   344  N  N   . ILE A 1 44  ? 1.476   -4.249  -7.770  1.00 15.70 ? 44  ILE A N   1 
ATOM   345  C  CA  . ILE A 1 44  ? 0.361   -3.529  -8.387  1.00 9.48  ? 44  ILE A CA  1 
ATOM   346  C  C   . ILE A 1 44  ? -0.031  -2.291  -7.582  1.00 6.57  ? 44  ILE A C   1 
ATOM   347  O  O   . ILE A 1 44  ? -1.042  -1.660  -7.871  1.00 4.41  ? 44  ILE A O   1 
ATOM   348  C  CB  . ILE A 1 44  ? -0.885  -4.433  -8.604  1.00 8.81  ? 44  ILE A CB  1 
ATOM   349  C  CG1 . ILE A 1 44  ? -1.557  -4.763  -7.267  1.00 10.41 ? 44  ILE A CG1 1 
ATOM   350  C  CG2 . ILE A 1 44  ? -0.477  -5.705  -9.336  1.00 7.17  ? 44  ILE A CG2 1 
ATOM   351  C  CD1 . ILE A 1 44  ? -2.756  -5.682  -7.379  1.00 6.58  ? 44  ILE A CD1 1 
ATOM   352  N  N   . GLY A 1 45  ? 0.800   -1.937  -6.603  1.00 6.83  ? 45  GLY A N   1 
ATOM   353  C  CA  . GLY A 1 45  ? 0.550   -0.776  -5.760  1.00 3.71  ? 45  GLY A CA  1 
ATOM   354  C  C   . GLY A 1 45  ? 1.715   -0.503  -4.826  1.00 2.00  ? 45  GLY A C   1 
ATOM   355  O  O   . GLY A 1 45  ? 2.542   -1.383  -4.597  1.00 4.23  ? 45  GLY A O   1 
ATOM   356  N  N   . LEU A 1 46  ? 1.772   0.707   -4.268  1.00 2.06  ? 46  LEU A N   1 
ATOM   357  C  CA  . LEU A 1 46  ? 2.850   1.110   -3.355  1.00 5.61  ? 46  LEU A CA  1 
ATOM   358  C  C   . LEU A 1 46  ? 2.524   2.427   -2.647  1.00 6.99  ? 46  LEU A C   1 
ATOM   359  O  O   . LEU A 1 46  ? 2.127   3.401   -3.290  1.00 8.25  ? 46  LEU A O   1 
ATOM   360  C  CB  . LEU A 1 46  ? 4.170   1.290   -4.131  1.00 3.68  ? 46  LEU A CB  1 
ATOM   361  C  CG  . LEU A 1 46  ? 5.495   1.533   -3.394  1.00 5.31  ? 46  LEU A CG  1 
ATOM   362  C  CD1 . LEU A 1 46  ? 6.123   0.207   -2.997  1.00 7.46  ? 46  LEU A CD1 1 
ATOM   363  C  CD2 . LEU A 1 46  ? 6.456   2.286   -4.285  1.00 3.66  ? 46  LEU A CD2 1 
ATOM   364  N  N   . ALA A 1 47  ? 2.698   2.449   -1.327  1.00 4.12  ? 47  ALA A N   1 
ATOM   365  C  CA  . ALA A 1 47  ? 2.465   3.651   -0.534  1.00 2.32  ? 47  ALA A CA  1 
ATOM   366  C  C   . ALA A 1 47  ? 3.821   4.193   -0.085  1.00 5.08  ? 47  ALA A C   1 
ATOM   367  O  O   . ALA A 1 47  ? 4.765   3.437   0.128   1.00 7.90  ? 47  ALA A O   1 
ATOM   368  C  CB  . ALA A 1 47  ? 1.607   3.335   0.655   1.00 2.00  ? 47  ALA A CB  1 
ATOM   369  N  N   . ALA A 1 48  ? 3.909   5.504   0.074   1.00 2.79  ? 48  ALA A N   1 
ATOM   370  C  CA  . ALA A 1 48  ? 5.150   6.153   0.465   1.00 5.18  ? 48  ALA A CA  1 
ATOM   371  C  C   . ALA A 1 48  ? 5.881   5.617   1.704   1.00 9.35  ? 48  ALA A C   1 
ATOM   372  O  O   . ALA A 1 48  ? 7.110   5.730   1.798   1.00 11.90 ? 48  ALA A O   1 
ATOM   373  C  CB  . ALA A 1 48  ? 4.921   7.635   0.597   1.00 2.80  ? 48  ALA A CB  1 
ATOM   374  N  N   . THR A 1 49  ? 5.140   5.069   2.663   1.00 10.81 ? 49  THR A N   1 
ATOM   375  C  CA  . THR A 1 49  ? 5.743   4.528   3.885   1.00 11.59 ? 49  THR A CA  1 
ATOM   376  C  C   . THR A 1 49  ? 6.682   3.339   3.591   1.00 11.63 ? 49  THR A C   1 
ATOM   377  O  O   . THR A 1 49  ? 7.714   3.181   4.253   1.00 12.14 ? 49  THR A O   1 
ATOM   378  C  CB  . THR A 1 49  ? 4.651   4.092   4.918   1.00 15.14 ? 49  THR A CB  1 
ATOM   379  O  OG1 . THR A 1 49  ? 3.789   5.203   5.216   1.00 12.40 ? 49  THR A OG1 1 
ATOM   380  C  CG2 . THR A 1 49  ? 5.296   3.621   6.218   1.00 14.09 ? 49  THR A CG2 1 
ATOM   381  N  N   . GLN A 1 50  ? 6.341   2.540   2.577   1.00 6.19  ? 50  GLN A N   1 
ATOM   382  C  CA  . GLN A 1 50  ? 7.140   1.375   2.213   1.00 2.00  ? 50  GLN A CA  1 
ATOM   383  C  C   . GLN A 1 50  ? 8.552   1.727   1.778   1.00 6.86  ? 50  GLN A C   1 
ATOM   384  O  O   . GLN A 1 50  ? 9.435   0.872   1.809   1.00 12.40 ? 50  GLN A O   1 
ATOM   385  C  CB  . GLN A 1 50  ? 6.477   0.579   1.087   1.00 2.00  ? 50  GLN A CB  1 
ATOM   386  C  CG  . GLN A 1 50  ? 5.115   -0.026  1.400   1.00 2.97  ? 50  GLN A CG  1 
ATOM   387  C  CD  . GLN A 1 50  ? 4.658   -1.028  0.335   1.00 8.36  ? 50  GLN A CD  1 
ATOM   388  O  OE1 . GLN A 1 50  ? 3.971   -0.673  -0.626  1.00 14.75 ? 50  GLN A OE1 1 
ATOM   389  N  NE2 . GLN A 1 50  ? 5.033   -2.289  0.514   1.00 7.14  ? 50  GLN A NE2 1 
ATOM   390  N  N   . VAL A 1 51  ? 8.761   2.984   1.376   1.00 9.31  ? 51  VAL A N   1 
ATOM   391  C  CA  . VAL A 1 51  ? 10.062  3.459   0.896   1.00 5.41  ? 51  VAL A CA  1 
ATOM   392  C  C   . VAL A 1 51  ? 10.701  4.538   1.780   1.00 7.11  ? 51  VAL A C   1 
ATOM   393  O  O   . VAL A 1 51  ? 11.611  5.248   1.337   1.00 7.10  ? 51  VAL A O   1 
ATOM   394  C  CB  . VAL A 1 51  ? 9.953   4.016   -0.549  1.00 4.68  ? 51  VAL A CB  1 
ATOM   395  C  CG1 . VAL A 1 51  ? 9.423   2.970   -1.487  1.00 2.00  ? 51  VAL A CG1 1 
ATOM   396  C  CG2 . VAL A 1 51  ? 9.069   5.249   -0.586  1.00 4.99  ? 51  VAL A CG2 1 
ATOM   397  N  N   . ASN A 1 52  ? 10.198  4.663   3.011   1.00 5.87  ? 52  ASN A N   1 
ATOM   398  C  CA  . ASN A 1 52  ? 10.674  5.616   4.021   1.00 6.92  ? 52  ASN A CA  1 
ATOM   399  C  C   . ASN A 1 52  ? 10.332  7.096   3.834   1.00 4.64  ? 52  ASN A C   1 
ATOM   400  O  O   . ASN A 1 52  ? 11.040  7.985   4.327   1.00 2.00  ? 52  ASN A O   1 
ATOM   401  C  CB  . ASN A 1 52  ? 12.169  5.445   4.296   1.00 10.14 ? 52  ASN A CB  1 
ATOM   402  C  CG  . ASN A 1 52  ? 12.540  5.827   5.721   1.00 13.59 ? 52  ASN A CG  1 
ATOM   403  O  OD1 . ASN A 1 52  ? 11.848  5.455   6.677   1.00 10.29 ? 52  ASN A OD1 1 
ATOM   404  N  ND2 . ASN A 1 52  ? 13.624  6.585   5.870   1.00 8.87  ? 52  ASN A ND2 1 
ATOM   405  N  N   . VAL A 1 53  ? 9.271   7.363   3.083   1.00 3.32  ? 53  VAL A N   1 
ATOM   406  C  CA  . VAL A 1 53  ? 8.805   8.726   2.894   1.00 2.70  ? 53  VAL A CA  1 
ATOM   407  C  C   . VAL A 1 53  ? 7.425   8.636   3.520   1.00 5.83  ? 53  VAL A C   1 
ATOM   408  O  O   . VAL A 1 53  ? 6.535   7.975   2.994   1.00 7.88  ? 53  VAL A O   1 
ATOM   409  C  CB  . VAL A 1 53  ? 8.681   9.102   1.423   1.00 4.17  ? 53  VAL A CB  1 
ATOM   410  C  CG1 . VAL A 1 53  ? 8.141   10.503  1.312   1.00 2.00  ? 53  VAL A CG1 1 
ATOM   411  C  CG2 . VAL A 1 53  ? 10.033  8.994   0.727   1.00 2.00  ? 53  VAL A CG2 1 
ATOM   412  N  N   . HIS A 1 54  ? 7.259   9.260   4.675   1.00 5.04  ? 54  HIS A N   1 
ATOM   413  C  CA  . HIS A 1 54  ? 5.995   9.172   5.385   1.00 5.79  ? 54  HIS A CA  1 
ATOM   414  C  C   . HIS A 1 54  ? 5.036   10.319  5.141   1.00 6.89  ? 54  HIS A C   1 
ATOM   415  O  O   . HIS A 1 54  ? 4.885   11.238  5.963   1.00 2.00  ? 54  HIS A O   1 
ATOM   416  C  CB  . HIS A 1 54  ? 6.289   8.921   6.856   1.00 5.45  ? 54  HIS A CB  1 
ATOM   417  C  CG  . HIS A 1 54  ? 7.303   7.839   7.058   1.00 2.00  ? 54  HIS A CG  1 
ATOM   418  N  ND1 . HIS A 1 54  ? 7.056   6.523   6.729   1.00 6.11  ? 54  HIS A ND1 1 
ATOM   419  C  CD2 . HIS A 1 54  ? 8.599   7.893   7.442   1.00 2.00  ? 54  HIS A CD2 1 
ATOM   420  C  CE1 . HIS A 1 54  ? 8.157   5.813   6.897   1.00 2.00  ? 54  HIS A CE1 1 
ATOM   421  N  NE2 . HIS A 1 54  ? 9.108   6.622   7.329   1.00 2.27  ? 54  HIS A NE2 1 
ATOM   422  N  N   . LYS A 1 55  ? 4.444   10.262  3.947   1.00 7.31  ? 55  LYS A N   1 
ATOM   423  C  CA  . LYS A 1 55  ? 3.463   11.225  3.467   1.00 9.11  ? 55  LYS A CA  1 
ATOM   424  C  C   . LYS A 1 55  ? 2.348   10.354  2.927   1.00 8.23  ? 55  LYS A C   1 
ATOM   425  O  O   . LYS A 1 55  ? 2.606   9.238   2.473   1.00 3.05  ? 55  LYS A O   1 
ATOM   426  C  CB  . LYS A 1 55  ? 4.027   12.054  2.318   1.00 9.02  ? 55  LYS A CB  1 
ATOM   427  C  CG  . LYS A 1 55  ? 5.339   12.745  2.602   1.00 14.34 ? 55  LYS A CG  1 
ATOM   428  C  CD  . LYS A 1 55  ? 5.778   13.527  1.368   1.00 25.62 ? 55  LYS A CD  1 
ATOM   429  C  CE  . LYS A 1 55  ? 7.090   14.258  1.601   1.00 29.88 ? 55  LYS A CE  1 
ATOM   430  N  NZ  . LYS A 1 55  ? 7.443   15.132  0.447   1.00 38.75 ? 55  LYS A NZ  1 
ATOM   431  N  N   . ARG A 1 56  ? 1.116   10.856  2.966   1.00 10.49 ? 56  ARG A N   1 
ATOM   432  C  CA  . ARG A 1 56  ? -0.025  10.083  2.491   1.00 10.02 ? 56  ARG A CA  1 
ATOM   433  C  C   . ARG A 1 56  ? -0.084  10.172  0.982   1.00 6.38  ? 56  ARG A C   1 
ATOM   434  O  O   . ARG A 1 56  ? -0.650  11.106  0.430   1.00 8.57  ? 56  ARG A O   1 
ATOM   435  C  CB  . ARG A 1 56  ? -1.321  10.585  3.134   1.00 11.55 ? 56  ARG A CB  1 
ATOM   436  C  CG  . ARG A 1 56  ? -1.190  10.836  4.641   1.00 8.89  ? 56  ARG A CG  1 
ATOM   437  C  CD  . ARG A 1 56  ? -2.530  11.052  5.338   1.00 5.38  ? 56  ARG A CD  1 
ATOM   438  N  NE  . ARG A 1 56  ? -3.297  9.813   5.476   1.00 2.00  ? 56  ARG A NE  1 
ATOM   439  C  CZ  . ARG A 1 56  ? -3.083  8.894   6.419   1.00 7.86  ? 56  ARG A CZ  1 
ATOM   440  N  NH1 . ARG A 1 56  ? -2.122  9.062   7.323   1.00 3.60  ? 56  ARG A NH1 1 
ATOM   441  N  NH2 . ARG A 1 56  ? -3.817  7.789   6.446   1.00 4.64  ? 56  ARG A NH2 1 
ATOM   442  N  N   . ILE A 1 57  ? 0.567   9.213   0.329   1.00 10.17 ? 57  ILE A N   1 
ATOM   443  C  CA  . ILE A 1 57  ? 0.654   9.130   -1.121  1.00 7.53  ? 57  ILE A CA  1 
ATOM   444  C  C   . ILE A 1 57  ? 0.646   7.664   -1.509  1.00 5.53  ? 57  ILE A C   1 
ATOM   445  O  O   . ILE A 1 57  ? 1.529   6.910   -1.110  1.00 9.72  ? 57  ILE A O   1 
ATOM   446  C  CB  . ILE A 1 57  ? 1.994   9.714   -1.643  1.00 8.27  ? 57  ILE A CB  1 
ATOM   447  C  CG1 . ILE A 1 57  ? 2.125   11.197  -1.299  1.00 8.48  ? 57  ILE A CG1 1 
ATOM   448  C  CG2 . ILE A 1 57  ? 2.089   9.537   -3.149  1.00 7.92  ? 57  ILE A CG2 1 
ATOM   449  C  CD1 . ILE A 1 57  ? 3.513   11.775  -1.576  1.00 16.42 ? 57  ILE A CD1 1 
ATOM   450  N  N   . VAL A 1 58  ? -0.358  7.267   -2.279  1.00 5.08  ? 58  VAL A N   1 
ATOM   451  C  CA  . VAL A 1 58  ? -0.481  5.896   -2.746  1.00 5.91  ? 58  VAL A CA  1 
ATOM   452  C  C   . VAL A 1 58  ? -0.422  5.902   -4.273  1.00 9.93  ? 58  VAL A C   1 
ATOM   453  O  O   . VAL A 1 58  ? -1.000  6.766   -4.940  1.00 11.61 ? 58  VAL A O   1 
ATOM   454  C  CB  . VAL A 1 58  ? -1.791  5.249   -2.289  1.00 4.87  ? 58  VAL A CB  1 
ATOM   455  C  CG1 . VAL A 1 58  ? -1.934  3.857   -2.884  1.00 2.00  ? 58  VAL A CG1 1 
ATOM   456  C  CG2 . VAL A 1 58  ? -1.841  5.192   -0.787  1.00 2.00  ? 58  VAL A CG2 1 
ATOM   457  N  N   . VAL A 1 59  ? 0.297   4.933   -4.814  1.00 10.16 ? 59  VAL A N   1 
ATOM   458  C  CA  . VAL A 1 59  ? 0.482   4.801   -6.244  1.00 7.98  ? 59  VAL A CA  1 
ATOM   459  C  C   . VAL A 1 59  ? -0.098  3.434   -6.616  1.00 10.09 ? 59  VAL A C   1 
ATOM   460  O  O   . VAL A 1 59  ? -0.104  2.520   -5.789  1.00 8.02  ? 59  VAL A O   1 
ATOM   461  C  CB  . VAL A 1 59  ? 2.001   4.942   -6.559  1.00 6.55  ? 59  VAL A CB  1 
ATOM   462  C  CG1 . VAL A 1 59  ? 2.455   3.967   -7.609  1.00 2.00  ? 59  VAL A CG1 1 
ATOM   463  C  CG2 . VAL A 1 59  ? 2.318   6.375   -6.956  1.00 2.00  ? 59  VAL A CG2 1 
ATOM   464  N  N   . MET A 1 60  ? -0.619  3.298   -7.836  1.00 7.75  ? 60  MET A N   1 
ATOM   465  C  CA  . MET A 1 60  ? -1.221  2.031   -8.239  1.00 9.70  ? 60  MET A CA  1 
ATOM   466  C  C   . MET A 1 60  ? -1.324  1.867   -9.749  1.00 8.41  ? 60  MET A C   1 
ATOM   467  O  O   . MET A 1 60  ? -1.259  2.836   -10.494 1.00 11.01 ? 60  MET A O   1 
ATOM   468  C  CB  . MET A 1 60  ? -2.621  1.922   -7.614  1.00 12.16 ? 60  MET A CB  1 
ATOM   469  C  CG  . MET A 1 60  ? -3.271  0.547   -7.665  1.00 18.00 ? 60  MET A CG  1 
ATOM   470  S  SD  . MET A 1 60  ? -4.883  0.471   -6.820  1.00 14.15 ? 60  MET A SD  1 
ATOM   471  C  CE  . MET A 1 60  ? -4.483  1.341   -5.311  1.00 12.08 ? 60  MET A CE  1 
ATOM   472  N  N   . ASP A 1 61  ? -1.423  0.613   -10.178 1.00 6.94  ? 61  ASP A N   1 
ATOM   473  C  CA  . ASP A 1 61  ? -1.585  0.244   -11.576 1.00 8.07  ? 61  ASP A CA  1 
ATOM   474  C  C   . ASP A 1 61  ? -2.069  -1.200  -11.566 1.00 8.87  ? 61  ASP A C   1 
ATOM   475  O  O   . ASP A 1 61  ? -1.275  -2.133  -11.443 1.00 2.95  ? 61  ASP A O   1 
ATOM   476  C  CB  . ASP A 1 61  ? -0.274  0.365   -12.350 1.00 8.73  ? 61  ASP A CB  1 
ATOM   477  C  CG  . ASP A 1 61  ? -0.482  0.329   -13.869 1.00 3.84  ? 61  ASP A CG  1 
ATOM   478  O  OD1 . ASP A 1 61  ? -0.981  -0.694  -14.378 1.00 2.00  ? 61  ASP A OD1 1 
ATOM   479  O  OD2 . ASP A 1 61  ? -0.161  1.325   -14.550 1.00 2.11  ? 61  ASP A OD2 1 
ATOM   480  N  N   . LEU A 1 62  ? -3.387  -1.367  -11.647 1.00 10.30 ? 62  LEU A N   1 
ATOM   481  C  CA  . LEU A 1 62  ? -4.013  -2.685  -11.628 1.00 17.26 ? 62  LEU A CA  1 
ATOM   482  C  C   . LEU A 1 62  ? -4.154  -3.341  -13.003 1.00 23.08 ? 62  LEU A C   1 
ATOM   483  O  O   . LEU A 1 62  ? -5.097  -4.104  -13.228 1.00 25.52 ? 62  LEU A O   1 
ATOM   484  C  CB  . LEU A 1 62  ? -5.392  -2.586  -10.988 1.00 16.19 ? 62  LEU A CB  1 
ATOM   485  C  CG  . LEU A 1 62  ? -5.466  -1.943  -9.606  1.00 19.10 ? 62  LEU A CG  1 
ATOM   486  C  CD1 . LEU A 1 62  ? -6.919  -1.811  -9.201  1.00 16.32 ? 62  LEU A CD1 1 
ATOM   487  C  CD2 . LEU A 1 62  ? -4.687  -2.766  -8.587  1.00 19.65 ? 62  LEU A CD2 1 
ATOM   488  N  N   . SER A 1 63  ? -3.204  -3.088  -13.900 1.00 30.54 ? 63  SER A N   1 
ATOM   489  C  CA  . SER A 1 63  ? -3.267  -3.659  -15.244 1.00 33.69 ? 63  SER A CA  1 
ATOM   490  C  C   . SER A 1 63  ? -2.040  -4.456  -15.674 1.00 35.16 ? 63  SER A C   1 
ATOM   491  O  O   . SER A 1 63  ? -0.952  -4.304  -15.113 1.00 35.11 ? 63  SER A O   1 
ATOM   492  C  CB  . SER A 1 63  ? -3.553  -2.562  -16.272 1.00 33.41 ? 63  SER A CB  1 
ATOM   493  O  OG  . SER A 1 63  ? -2.507  -1.609  -16.311 1.00 38.70 ? 63  SER A OG  1 
ATOM   494  N  N   . GLU A 1 64  ? -2.236  -5.285  -16.699 1.00 36.71 ? 64  GLU A N   1 
ATOM   495  C  CA  . GLU A 1 64  ? -1.193  -6.140  -17.262 1.00 38.13 ? 64  GLU A CA  1 
ATOM   496  C  C   . GLU A 1 64  ? -0.063  -5.292  -17.817 1.00 36.02 ? 64  GLU A C   1 
ATOM   497  O  O   . GLU A 1 64  ? 1.039   -5.277  -17.269 1.00 41.92 ? 64  GLU A O   1 
ATOM   498  C  CB  . GLU A 1 64  ? -1.778  -7.006  -18.370 1.00 46.03 ? 64  GLU A CB  1 
ATOM   499  C  CG  . GLU A 1 64  ? -2.998  -7.798  -17.950 1.00 54.84 ? 64  GLU A CG  1 
ATOM   500  C  CD  . GLU A 1 64  ? -3.497  -8.714  -19.047 1.00 60.17 ? 64  GLU A CD  1 
ATOM   501  O  OE1 . GLU A 1 64  ? -3.342  -9.944  -18.901 1.00 65.03 ? 64  GLU A OE1 1 
ATOM   502  O  OE2 . GLU A 1 64  ? -4.036  -8.206  -20.055 1.00 62.17 ? 64  GLU A OE2 1 
ATOM   503  N  N   . ASP A 1 65  ? -0.334  -4.618  -18.930 1.00 32.78 ? 65  ASP A N   1 
ATOM   504  C  CA  . ASP A 1 65  ? 0.634   -3.723  -19.545 1.00 26.86 ? 65  ASP A CA  1 
ATOM   505  C  C   . ASP A 1 65  ? 0.611   -2.463  -18.682 1.00 24.03 ? 65  ASP A C   1 
ATOM   506  O  O   . ASP A 1 65  ? -0.449  -2.079  -18.192 1.00 26.92 ? 65  ASP A O   1 
ATOM   507  C  CB  . ASP A 1 65  ? 0.209   -3.411  -20.976 1.00 27.95 ? 65  ASP A CB  1 
ATOM   508  C  CG  . ASP A 1 65  ? -1.279  -3.165  -21.099 1.00 31.24 ? 65  ASP A CG  1 
ATOM   509  O  OD1 . ASP A 1 65  ? -1.761  -2.134  -20.594 1.00 33.81 ? 65  ASP A OD1 1 
ATOM   510  O  OD2 . ASP A 1 65  ? -1.972  -4.011  -21.694 1.00 34.60 ? 65  ASP A OD2 1 
ATOM   511  N  N   . LYS A 1 66  ? 1.759   -1.823  -18.488 1.00 17.87 ? 66  LYS A N   1 
ATOM   512  C  CA  . LYS A 1 66  ? 1.823   -0.639  -17.636 1.00 14.33 ? 66  LYS A CA  1 
ATOM   513  C  C   . LYS A 1 66  ? 1.065   0.578   -18.184 1.00 15.38 ? 66  LYS A C   1 
ATOM   514  O  O   . LYS A 1 66  ? 1.609   1.692   -18.222 1.00 13.49 ? 66  LYS A O   1 
ATOM   515  C  CB  . LYS A 1 66  ? 3.279   -0.254  -17.354 1.00 11.20 ? 66  LYS A CB  1 
ATOM   516  C  CG  . LYS A 1 66  ? 4.343   -1.345  -17.556 1.00 16.50 ? 66  LYS A CG  1 
ATOM   517  C  CD  . LYS A 1 66  ? 4.502   -2.290  -16.385 1.00 16.02 ? 66  LYS A CD  1 
ATOM   518  C  CE  . LYS A 1 66  ? 3.497   -3.423  -16.438 1.00 24.32 ? 66  LYS A CE  1 
ATOM   519  N  NZ  . LYS A 1 66  ? 3.633   -4.191  -17.715 1.00 33.74 ? 66  LYS A NZ  1 
ATOM   520  N  N   . SER A 1 67  ? -0.216  0.390   -18.497 1.00 17.79 ? 67  SER A N   1 
ATOM   521  C  CA  . SER A 1 67  ? -1.044  1.451   -19.062 1.00 20.30 ? 67  SER A CA  1 
ATOM   522  C  C   . SER A 1 67  ? -2.121  2.081   -18.172 1.00 23.65 ? 67  SER A C   1 
ATOM   523  O  O   . SER A 1 67  ? -2.881  2.920   -18.650 1.00 23.25 ? 67  SER A O   1 
ATOM   524  C  CB  . SER A 1 67  ? -1.725  0.941   -20.320 1.00 15.91 ? 67  SER A CB  1 
ATOM   525  O  OG  . SER A 1 67  ? -2.870  0.187   -19.968 1.00 9.11  ? 67  SER A OG  1 
ATOM   526  N  N   . GLU A 1 68  ? -2.191  1.705   -16.896 1.00 25.20 ? 68  GLU A N   1 
ATOM   527  C  CA  . GLU A 1 68  ? -3.212  2.259   -15.997 1.00 23.71 ? 68  GLU A CA  1 
ATOM   528  C  C   . GLU A 1 68  ? -2.707  2.976   -14.744 1.00 22.36 ? 68  GLU A C   1 
ATOM   529  O  O   . GLU A 1 68  ? -3.306  2.860   -13.677 1.00 26.46 ? 68  GLU A O   1 
ATOM   530  C  CB  . GLU A 1 68  ? -4.196  1.163   -15.577 1.00 27.91 ? 68  GLU A CB  1 
ATOM   531  C  CG  . GLU A 1 68  ? -5.174  0.720   -16.656 1.00 30.01 ? 68  GLU A CG  1 
ATOM   532  C  CD  . GLU A 1 68  ? -6.257  1.761   -16.953 1.00 36.22 ? 68  GLU A CD  1 
ATOM   533  O  OE1 . GLU A 1 68  ? -6.235  2.871   -16.361 1.00 38.90 ? 68  GLU A OE1 1 
ATOM   534  O  OE2 . GLU A 1 68  ? -7.142  1.457   -17.787 1.00 39.12 ? 68  GLU A OE2 1 
ATOM   535  N  N   . PRO A 1 69  ? -1.630  3.765   -14.859 1.00 20.27 ? 69  PRO A N   1 
ATOM   536  C  CA  . PRO A 1 69  ? -1.120  4.465   -13.678 1.00 17.41 ? 69  PRO A CA  1 
ATOM   537  C  C   . PRO A 1 69  ? -2.126  5.343   -12.941 1.00 15.76 ? 69  PRO A C   1 
ATOM   538  O  O   . PRO A 1 69  ? -2.612  6.336   -13.482 1.00 17.64 ? 69  PRO A O   1 
ATOM   539  C  CB  . PRO A 1 69  ? 0.045   5.287   -14.244 1.00 13.99 ? 69  PRO A CB  1 
ATOM   540  C  CG  . PRO A 1 69  ? -0.281  5.431   -15.681 1.00 12.46 ? 69  PRO A CG  1 
ATOM   541  C  CD  . PRO A 1 69  ? -0.803  4.081   -16.037 1.00 18.14 ? 69  PRO A CD  1 
ATOM   542  N  N   . ARG A 1 70  ? -2.398  4.978   -11.688 1.00 14.91 ? 70  ARG A N   1 
ATOM   543  C  CA  . ARG A 1 70  ? -3.328  5.706   -10.819 1.00 11.81 ? 70  ARG A CA  1 
ATOM   544  C  C   . ARG A 1 70  ? -2.598  6.259   -9.610  1.00 11.50 ? 70  ARG A C   1 
ATOM   545  O  O   . ARG A 1 70  ? -1.805  5.557   -9.000  1.00 11.13 ? 70  ARG A O   1 
ATOM   546  C  CB  . ARG A 1 70  ? -4.427  4.776   -10.310 1.00 11.83 ? 70  ARG A CB  1 
ATOM   547  C  CG  . ARG A 1 70  ? -5.357  4.230   -11.376 1.00 19.63 ? 70  ARG A CG  1 
ATOM   548  C  CD  . ARG A 1 70  ? -6.114  5.348   -12.054 1.00 19.54 ? 70  ARG A CD  1 
ATOM   549  N  NE  . ARG A 1 70  ? -6.787  6.203   -11.083 1.00 23.01 ? 70  ARG A NE  1 
ATOM   550  C  CZ  . ARG A 1 70  ? -7.868  5.854   -10.391 1.00 23.14 ? 70  ARG A CZ  1 
ATOM   551  N  NH1 . ARG A 1 70  ? -8.420  4.657   -10.553 1.00 19.40 ? 70  ARG A NH1 1 
ATOM   552  N  NH2 . ARG A 1 70  ? -8.396  6.714   -9.537  1.00 21.53 ? 70  ARG A NH2 1 
ATOM   553  N  N   . VAL A 1 71  ? -2.920  7.495   -9.235  1.00 13.27 ? 71  VAL A N   1 
ATOM   554  C  CA  . VAL A 1 71  ? -2.319  8.169   -8.082  1.00 8.81  ? 71  VAL A CA  1 
ATOM   555  C  C   . VAL A 1 71  ? -3.395  8.520   -7.042  1.00 8.69  ? 71  VAL A C   1 
ATOM   556  O  O   . VAL A 1 71  ? -4.438  9.089   -7.386  1.00 3.60  ? 71  VAL A O   1 
ATOM   557  C  CB  . VAL A 1 71  ? -1.630  9.478   -8.511  1.00 6.04  ? 71  VAL A CB  1 
ATOM   558  C  CG1 . VAL A 1 71  ? -1.059  10.202  -7.308  1.00 7.19  ? 71  VAL A CG1 1 
ATOM   559  C  CG2 . VAL A 1 71  ? -0.549  9.196   -9.545  1.00 3.87  ? 71  VAL A CG2 1 
ATOM   560  N  N   . PHE A 1 72  ? -3.135  8.179   -5.777  1.00 8.50  ? 72  PHE A N   1 
ATOM   561  C  CA  . PHE A 1 72  ? -4.057  8.460   -4.670  1.00 6.70  ? 72  PHE A CA  1 
ATOM   562  C  C   . PHE A 1 72  ? -3.331  9.200   -3.564  1.00 10.14 ? 72  PHE A C   1 
ATOM   563  O  O   . PHE A 1 72  ? -2.500  8.614   -2.870  1.00 7.32  ? 72  PHE A O   1 
ATOM   564  C  CB  . PHE A 1 72  ? -4.616  7.169   -4.076  1.00 8.39  ? 72  PHE A CB  1 
ATOM   565  C  CG  . PHE A 1 72  ? -5.547  6.433   -4.981  1.00 8.97  ? 72  PHE A CG  1 
ATOM   566  C  CD1 . PHE A 1 72  ? -5.077  5.406   -5.798  1.00 14.61 ? 72  PHE A CD1 1 
ATOM   567  C  CD2 . PHE A 1 72  ? -6.897  6.744   -5.004  1.00 2.87  ? 72  PHE A CD2 1 
ATOM   568  C  CE1 . PHE A 1 72  ? -5.938  4.692   -6.624  1.00 8.85  ? 72  PHE A CE1 1 
ATOM   569  C  CE2 . PHE A 1 72  ? -7.770  6.037   -5.827  1.00 5.57  ? 72  PHE A CE2 1 
ATOM   570  C  CZ  . PHE A 1 72  ? -7.288  5.008   -6.637  1.00 9.04  ? 72  PHE A CZ  1 
ATOM   571  N  N   . ILE A 1 73  ? -3.661  10.475  -3.383  1.00 9.34  ? 73  ILE A N   1 
ATOM   572  C  CA  . ILE A 1 73  ? -3.028  11.289  -2.356  1.00 7.97  ? 73  ILE A CA  1 
ATOM   573  C  C   . ILE A 1 73  ? -4.028  11.613  -1.264  1.00 10.11 ? 73  ILE A C   1 
ATOM   574  O  O   . ILE A 1 73  ? -5.191  11.912  -1.555  1.00 13.83 ? 73  ILE A O   1 
ATOM   575  C  CB  . ILE A 1 73  ? -2.425  12.585  -2.953  1.00 12.60 ? 73  ILE A CB  1 
ATOM   576  C  CG1 . ILE A 1 73  ? -1.201  12.233  -3.807  1.00 13.50 ? 73  ILE A CG1 1 
ATOM   577  C  CG2 . ILE A 1 73  ? -2.034  13.571  -1.847  1.00 8.42  ? 73  ILE A CG2 1 
ATOM   578  C  CD1 . ILE A 1 73  ? -0.426  13.438  -4.245  1.00 3.73  ? 73  ILE A CD1 1 
ATOM   579  N  N   . ASN A 1 74  ? -3.563  11.554  -0.011  1.00 9.06  ? 74  ASN A N   1 
ATOM   580  C  CA  . ASN A 1 74  ? -4.406  11.800  1.158   1.00 3.04  ? 74  ASN A CA  1 
ATOM   581  C  C   . ASN A 1 74  ? -5.667  10.970  1.001   1.00 6.10  ? 74  ASN A C   1 
ATOM   582  O  O   . ASN A 1 74  ? -6.780  11.492  1.079   1.00 5.16  ? 74  ASN A O   1 
ATOM   583  C  CB  . ASN A 1 74  ? -4.748  13.284  1.281   1.00 2.00  ? 74  ASN A CB  1 
ATOM   584  C  CG  . ASN A 1 74  ? -3.544  14.115  1.620   1.00 2.00  ? 74  ASN A CG  1 
ATOM   585  O  OD1 . ASN A 1 74  ? -2.520  13.573  2.023   1.00 4.91  ? 74  ASN A OD1 1 
ATOM   586  N  ND2 . ASN A 1 74  ? -3.645  15.438  1.449   1.00 2.02  ? 74  ASN A ND2 1 
ATOM   587  N  N   . PRO A 1 75  ? -5.501  9.660   0.749   1.00 8.52  ? 75  PRO A N   1 
ATOM   588  C  CA  . PRO A 1 75  ? -6.662  8.789   0.577   1.00 15.52 ? 75  PRO A CA  1 
ATOM   589  C  C   . PRO A 1 75  ? -7.398  8.482   1.872   1.00 19.76 ? 75  PRO A C   1 
ATOM   590  O  O   . PRO A 1 75  ? -6.934  8.792   2.981   1.00 17.42 ? 75  PRO A O   1 
ATOM   591  C  CB  . PRO A 1 75  ? -6.049  7.529   -0.038  1.00 14.57 ? 75  PRO A CB  1 
ATOM   592  C  CG  . PRO A 1 75  ? -4.722  7.436   0.658   1.00 11.25 ? 75  PRO A CG  1 
ATOM   593  C  CD  . PRO A 1 75  ? -4.242  8.884   0.676   1.00 6.58  ? 75  PRO A CD  1 
ATOM   594  N  N   . GLU A 1 76  ? -8.576  7.903   1.696   1.00 22.44 ? 76  GLU A N   1 
ATOM   595  C  CA  . GLU A 1 76  ? -9.453  7.492   2.780   1.00 22.88 ? 76  GLU A CA  1 
ATOM   596  C  C   . GLU A 1 76  ? -10.623 6.804   2.096   1.00 22.29 ? 76  GLU A C   1 
ATOM   597  O  O   . GLU A 1 76  ? -11.011 7.191   0.999   1.00 25.88 ? 76  GLU A O   1 
ATOM   598  C  CB  . GLU A 1 76  ? -9.917  8.694   3.621   1.00 24.34 ? 76  GLU A CB  1 
ATOM   599  C  CG  . GLU A 1 76  ? -10.603 9.804   2.848   1.00 27.90 ? 76  GLU A CG  1 
ATOM   600  C  CD  . GLU A 1 76  ? -11.000 10.982  3.725   1.00 33.02 ? 76  GLU A CD  1 
ATOM   601  O  OE1 . GLU A 1 76  ? -10.279 12.009  3.722   1.00 29.57 ? 76  GLU A OE1 1 
ATOM   602  O  OE2 . GLU A 1 76  ? -12.046 10.886  4.404   1.00 38.19 ? 76  GLU A OE2 1 
ATOM   603  N  N   . PHE A 1 77  ? -11.110 5.721   2.681   1.00 23.43 ? 77  PHE A N   1 
ATOM   604  C  CA  . PHE A 1 77  ? -12.232 5.002   2.104   1.00 24.86 ? 77  PHE A CA  1 
ATOM   605  C  C   . PHE A 1 77  ? -13.248 4.626   3.176   1.00 24.09 ? 77  PHE A C   1 
ATOM   606  O  O   . PHE A 1 77  ? -12.945 4.642   4.373   1.00 18.23 ? 77  PHE A O   1 
ATOM   607  C  CB  . PHE A 1 77  ? -11.748 3.755   1.367   1.00 27.76 ? 77  PHE A CB  1 
ATOM   608  C  CG  . PHE A 1 77  ? -11.243 2.674   2.273   1.00 29.01 ? 77  PHE A CG  1 
ATOM   609  C  CD1 . PHE A 1 77  ? -12.047 1.582   2.584   1.00 30.29 ? 77  PHE A CD1 1 
ATOM   610  C  CD2 . PHE A 1 77  ? -9.969  2.751   2.826   1.00 26.62 ? 77  PHE A CD2 1 
ATOM   611  C  CE1 . PHE A 1 77  ? -11.593 0.575   3.438   1.00 29.51 ? 77  PHE A CE1 1 
ATOM   612  C  CE2 . PHE A 1 77  ? -9.503  1.750   3.678   1.00 22.43 ? 77  PHE A CE2 1 
ATOM   613  C  CZ  . PHE A 1 77  ? -10.320 0.658   3.986   1.00 25.65 ? 77  PHE A CZ  1 
ATOM   614  N  N   . GLU A 1 78  ? -14.453 4.278   2.737   1.00 27.40 ? 78  GLU A N   1 
ATOM   615  C  CA  . GLU A 1 78  ? -15.527 3.914   3.648   1.00 30.60 ? 78  GLU A CA  1 
ATOM   616  C  C   . GLU A 1 78  ? -16.263 2.685   3.143   1.00 30.71 ? 78  GLU A C   1 
ATOM   617  O  O   . GLU A 1 78  ? -16.573 2.592   1.958   1.00 32.56 ? 78  GLU A O   1 
ATOM   618  C  CB  . GLU A 1 78  ? -16.529 5.070   3.766   1.00 31.89 ? 78  GLU A CB  1 
ATOM   619  C  CG  . GLU A 1 78  ? -15.944 6.371   4.302   1.00 38.92 ? 78  GLU A CG  1 
ATOM   620  C  CD  . GLU A 1 78  ? -16.915 7.535   4.206   1.00 42.22 ? 78  GLU A CD  1 
ATOM   621  O  OE1 . GLU A 1 78  ? -16.756 8.383   3.295   1.00 38.29 ? 78  GLU A OE1 1 
ATOM   622  O  OE2 . GLU A 1 78  ? -17.834 7.600   5.048   1.00 46.67 ? 78  GLU A OE2 1 
ATOM   623  N  N   . PRO A 1 79  ? -16.508 1.700   4.027   1.00 31.39 ? 79  PRO A N   1 
ATOM   624  C  CA  . PRO A 1 79  ? -17.229 0.486   3.617   1.00 30.94 ? 79  PRO A CA  1 
ATOM   625  C  C   . PRO A 1 79  ? -18.709 0.846   3.426   1.00 31.43 ? 79  PRO A C   1 
ATOM   626  O  O   . PRO A 1 79  ? -19.392 1.210   4.381   1.00 34.54 ? 79  PRO A O   1 
ATOM   627  C  CB  . PRO A 1 79  ? -17.025 -0.454  4.812   1.00 28.96 ? 79  PRO A CB  1 
ATOM   628  C  CG  . PRO A 1 79  ? -15.750 0.054   5.455   1.00 25.04 ? 79  PRO A CG  1 
ATOM   629  C  CD  . PRO A 1 79  ? -15.939 1.543   5.376   1.00 30.13 ? 79  PRO A CD  1 
ATOM   630  N  N   . LEU A 1 80  ? -19.186 0.797   2.188   1.00 29.44 ? 80  LEU A N   1 
ATOM   631  C  CA  . LEU A 1 80  ? -20.573 1.141   1.892   1.00 31.33 ? 80  LEU A CA  1 
ATOM   632  C  C   . LEU A 1 80  ? -21.508 -0.018  2.160   1.00 32.34 ? 80  LEU A C   1 
ATOM   633  O  O   . LEU A 1 80  ? -22.722 0.105   2.004   1.00 31.47 ? 80  LEU A O   1 
ATOM   634  C  CB  . LEU A 1 80  ? -20.719 1.568   0.431   1.00 34.09 ? 80  LEU A CB  1 
ATOM   635  C  CG  . LEU A 1 80  ? -19.841 2.718   -0.060  1.00 33.12 ? 80  LEU A CG  1 
ATOM   636  C  CD1 . LEU A 1 80  ? -20.271 3.095   -1.460  1.00 32.91 ? 80  LEU A CD1 1 
ATOM   637  C  CD2 . LEU A 1 80  ? -19.946 3.915   0.874   1.00 27.76 ? 80  LEU A CD2 1 
ATOM   638  N  N   . THR A 1 81  ? -20.937 -1.143  2.566   1.00 35.68 ? 81  THR A N   1 
ATOM   639  C  CA  . THR A 1 81  ? -21.725 -2.330  2.833   1.00 36.10 ? 81  THR A CA  1 
ATOM   640  C  C   . THR A 1 81  ? -21.057 -3.194  3.890   1.00 38.67 ? 81  THR A C   1 
ATOM   641  O  O   . THR A 1 81  ? -19.836 -3.151  4.068   1.00 35.61 ? 81  THR A O   1 
ATOM   642  C  CB  . THR A 1 81  ? -21.910 -3.163  1.552   1.00 32.14 ? 81  THR A CB  1 
ATOM   643  O  OG1 . THR A 1 81  ? -22.810 -4.245  1.807   1.00 36.35 ? 81  THR A OG1 1 
ATOM   644  C  CG2 . THR A 1 81  ? -20.579 -3.730  1.091   1.00 32.50 ? 81  THR A CG2 1 
ATOM   645  N  N   . GLU A 1 82  ? -21.875 -3.994  4.569   1.00 43.40 ? 82  GLU A N   1 
ATOM   646  C  CA  . GLU A 1 82  ? -21.404 -4.899  5.609   1.00 44.69 ? 82  GLU A CA  1 
ATOM   647  C  C   . GLU A 1 82  ? -20.776 -6.158  5.011   1.00 43.29 ? 82  GLU A C   1 
ATOM   648  O  O   . GLU A 1 82  ? -20.373 -7.060  5.742   1.00 44.84 ? 82  GLU A O   1 
ATOM   649  C  CB  . GLU A 1 82  ? -22.562 -5.287  6.538   1.00 45.21 ? 82  GLU A CB  1 
ATOM   650  C  CG  . GLU A 1 82  ? -23.200 -4.115  7.288   1.00 52.02 ? 82  GLU A CG  1 
ATOM   651  C  CD  . GLU A 1 82  ? -22.250 -3.442  8.266   1.00 56.11 ? 82  GLU A CD  1 
ATOM   652  O  OE1 . GLU A 1 82  ? -21.583 -2.451  7.888   1.00 59.76 ? 82  GLU A OE1 1 
ATOM   653  O  OE2 . GLU A 1 82  ? -22.177 -3.905  9.423   1.00 57.09 ? 82  GLU A OE2 1 
ATOM   654  N  N   . ASP A 1 83  ? -20.690 -6.204  3.682   1.00 40.72 ? 83  ASP A N   1 
ATOM   655  C  CA  . ASP A 1 83  ? -20.117 -7.349  2.974   1.00 37.96 ? 83  ASP A CA  1 
ATOM   656  C  C   . ASP A 1 83  ? -18.600 -7.468  3.115   1.00 36.42 ? 83  ASP A C   1 
ATOM   657  O  O   . ASP A 1 83  ? -17.890 -6.464  3.215   1.00 37.61 ? 83  ASP A O   1 
ATOM   658  C  CB  . ASP A 1 83  ? -20.514 -7.313  1.498   1.00 41.42 ? 83  ASP A CB  1 
ATOM   659  C  CG  . ASP A 1 83  ? -21.985 -7.637  1.277   1.00 45.41 ? 83  ASP A CG  1 
ATOM   660  O  OD1 . ASP A 1 83  ? -22.474 -8.631  1.861   1.00 46.23 ? 83  ASP A OD1 1 
ATOM   661  O  OD2 . ASP A 1 83  ? -22.653 -6.911  0.510   1.00 48.58 ? 83  ASP A OD2 1 
ATOM   662  N  N   . MET A 1 84  ? -18.126 -8.714  3.142   1.00 35.90 ? 84  MET A N   1 
ATOM   663  C  CA  . MET A 1 84  ? -16.703 -9.039  3.285   1.00 35.14 ? 84  MET A CA  1 
ATOM   664  C  C   . MET A 1 84  ? -16.207 -9.897  2.130   1.00 36.24 ? 84  MET A C   1 
ATOM   665  O  O   . MET A 1 84  ? -16.995 -10.505 1.409   1.00 35.63 ? 84  MET A O   1 
ATOM   666  C  CB  . MET A 1 84  ? -16.456 -9.814  4.579   1.00 33.34 ? 84  MET A CB  1 
ATOM   667  C  CG  . MET A 1 84  ? -16.675 -9.026  5.836   1.00 32.58 ? 84  MET A CG  1 
ATOM   668  S  SD  . MET A 1 84  ? -15.538 -7.673  5.944   1.00 29.68 ? 84  MET A SD  1 
ATOM   669  C  CE  . MET A 1 84  ? -14.407 -8.251  7.195   1.00 30.27 ? 84  MET A CE  1 
ATOM   670  N  N   . ASP A 1 85  ? -14.888 -9.995  2.009   1.00 37.36 ? 85  ASP A N   1 
ATOM   671  C  CA  . ASP A 1 85  ? -14.269 -10.781 0.952   1.00 40.25 ? 85  ASP A CA  1 
ATOM   672  C  C   . ASP A 1 85  ? -12.906 -11.291 1.392   1.00 40.30 ? 85  ASP A C   1 
ATOM   673  O  O   . ASP A 1 85  ? -12.134 -10.562 2.016   1.00 41.12 ? 85  ASP A O   1 
ATOM   674  C  CB  . ASP A 1 85  ? -14.122 -9.927  -0.307  1.00 47.60 ? 85  ASP A CB  1 
ATOM   675  C  CG  . ASP A 1 85  ? -13.288 -10.601 -1.377  1.00 54.28 ? 85  ASP A CG  1 
ATOM   676  O  OD1 . ASP A 1 85  ? -13.807 -11.522 -2.047  1.00 59.22 ? 85  ASP A OD1 1 
ATOM   677  O  OD2 . ASP A 1 85  ? -12.111 -10.204 -1.542  1.00 57.45 ? 85  ASP A OD2 1 
ATOM   678  N  N   . GLN A 1 86  ? -12.617 -12.543 1.054   1.00 37.69 ? 86  GLN A N   1 
ATOM   679  C  CA  . GLN A 1 86  ? -11.348 -13.162 1.402   1.00 38.69 ? 86  GLN A CA  1 
ATOM   680  C  C   . GLN A 1 86  ? -10.419 -13.128 0.194   1.00 40.48 ? 86  GLN A C   1 
ATOM   681  O  O   . GLN A 1 86  ? -10.799 -13.557 -0.897  1.00 42.44 ? 86  GLN A O   1 
ATOM   682  C  CB  . GLN A 1 86  ? -11.575 -14.595 1.858   1.00 39.29 ? 86  GLN A CB  1 
ATOM   683  N  N   . TYR A 1 87  ? -9.206  -12.617 0.386   1.00 39.49 ? 87  TYR A N   1 
ATOM   684  C  CA  . TYR A 1 87  ? -8.243  -12.529 -0.706  1.00 34.51 ? 87  TYR A CA  1 
ATOM   685  C  C   . TYR A 1 87  ? -6.827  -12.818 -0.227  1.00 29.98 ? 87  TYR A C   1 
ATOM   686  O  O   . TYR A 1 87  ? -6.378  -12.254 0.764   1.00 29.48 ? 87  TYR A O   1 
ATOM   687  C  CB  . TYR A 1 87  ? -8.298  -11.138 -1.344  1.00 38.83 ? 87  TYR A CB  1 
ATOM   688  C  CG  . TYR A 1 87  ? -7.635  -11.060 -2.700  1.00 41.80 ? 87  TYR A CG  1 
ATOM   689  C  CD1 . TYR A 1 87  ? -8.383  -11.205 -3.866  1.00 48.21 ? 87  TYR A CD1 1 
ATOM   690  C  CD2 . TYR A 1 87  ? -6.259  -10.865 -2.820  1.00 41.10 ? 87  TYR A CD2 1 
ATOM   691  C  CE1 . TYR A 1 87  ? -7.777  -11.159 -5.124  1.00 52.19 ? 87  TYR A CE1 1 
ATOM   692  C  CE2 . TYR A 1 87  ? -5.642  -10.819 -4.072  1.00 46.59 ? 87  TYR A CE2 1 
ATOM   693  C  CZ  . TYR A 1 87  ? -6.406  -10.968 -5.221  1.00 52.00 ? 87  TYR A CZ  1 
ATOM   694  O  OH  . TYR A 1 87  ? -5.809  -10.935 -6.466  1.00 56.42 ? 87  TYR A OH  1 
ATOM   695  N  N   . GLN A 1 88  ? -6.121  -13.680 -0.951  1.00 26.78 ? 88  GLN A N   1 
ATOM   696  C  CA  . GLN A 1 88  ? -4.751  -14.039 -0.599  1.00 22.23 ? 88  GLN A CA  1 
ATOM   697  C  C   . GLN A 1 88  ? -3.809  -12.934 -1.047  1.00 18.81 ? 88  GLN A C   1 
ATOM   698  O  O   . GLN A 1 88  ? -3.378  -12.900 -2.194  1.00 19.74 ? 88  GLN A O   1 
ATOM   699  C  CB  . GLN A 1 88  ? -4.377  -15.360 -1.255  1.00 26.20 ? 88  GLN A CB  1 
ATOM   700  C  CG  . GLN A 1 88  ? -3.085  -15.947 -0.764  1.00 34.73 ? 88  GLN A CG  1 
ATOM   701  C  CD  . GLN A 1 88  ? -2.781  -17.270 -1.427  1.00 42.48 ? 88  GLN A CD  1 
ATOM   702  O  OE1 . GLN A 1 88  ? -2.474  -17.322 -2.621  1.00 48.78 ? 88  GLN A OE1 1 
ATOM   703  N  NE2 . GLN A 1 88  ? -2.876  -18.355 -0.662  1.00 46.58 ? 88  GLN A NE2 1 
ATOM   704  N  N   . GLU A 1 89  ? -3.506  -12.027 -0.123  1.00 15.51 ? 89  GLU A N   1 
ATOM   705  C  CA  . GLU A 1 89  ? -2.645  -10.879 -0.380  1.00 11.30 ? 89  GLU A CA  1 
ATOM   706  C  C   . GLU A 1 89  ? -1.180  -11.089 -0.025  1.00 8.12  ? 89  GLU A C   1 
ATOM   707  O  O   . GLU A 1 89  ? -0.851  -11.736 0.966   1.00 9.32  ? 89  GLU A O   1 
ATOM   708  C  CB  . GLU A 1 89  ? -3.134  -9.671  0.424   1.00 12.91 ? 89  GLU A CB  1 
ATOM   709  C  CG  . GLU A 1 89  ? -4.610  -9.344  0.282   1.00 14.51 ? 89  GLU A CG  1 
ATOM   710  C  CD  . GLU A 1 89  ? -5.053  -8.213  1.198   1.00 15.71 ? 89  GLU A CD  1 
ATOM   711  O  OE1 . GLU A 1 89  ? -4.198  -7.419  1.657   1.00 17.29 ? 89  GLU A OE1 1 
ATOM   712  O  OE2 . GLU A 1 89  ? -6.269  -8.117  1.454   1.00 22.09 ? 89  GLU A OE2 1 
ATOM   713  N  N   . GLY A 1 90  ? -0.318  -10.470 -0.821  1.00 6.67  ? 90  GLY A N   1 
ATOM   714  C  CA  . GLY A 1 90  ? 1.111   -10.508 -0.607  1.00 4.27  ? 90  GLY A CA  1 
ATOM   715  C  C   . GLY A 1 90  ? 1.534   -9.058  -0.461  1.00 5.42  ? 90  GLY A C   1 
ATOM   716  O  O   . GLY A 1 90  ? 0.729   -8.156  -0.698  1.00 6.71  ? 90  GLY A O   1 
ATOM   717  N  N   . CYS A 1 91  ? 2.786   -8.811  -0.095  1.00 2.00  ? 91  CYS A N   1 
ATOM   718  C  CA  . CYS A 1 91  ? 3.249   -7.445  0.081   1.00 2.67  ? 91  CYS A CA  1 
ATOM   719  C  C   . CYS A 1 91  ? 4.729   -7.366  -0.199  1.00 2.90  ? 91  CYS A C   1 
ATOM   720  O  O   . CYS A 1 91  ? 5.478   -8.291  0.114   1.00 5.61  ? 91  CYS A O   1 
ATOM   721  C  CB  . CYS A 1 91  ? 2.959   -6.969  1.515   1.00 2.51  ? 91  CYS A CB  1 
ATOM   722  S  SG  . CYS A 1 91  ? 3.562   -5.307  1.944   1.00 13.85 ? 91  CYS A SG  1 
ATOM   723  N  N   . LEU A 1 92  ? 5.147   -6.259  -0.797  1.00 5.36  ? 92  LEU A N   1 
ATOM   724  C  CA  . LEU A 1 92  ? 6.551   -6.058  -1.123  1.00 7.94  ? 92  LEU A CA  1 
ATOM   725  C  C   . LEU A 1 92  ? 7.369   -5.844  0.146   1.00 10.74 ? 92  LEU A C   1 
ATOM   726  O  O   . LEU A 1 92  ? 8.600   -5.932  0.131   1.00 14.70 ? 92  LEU A O   1 
ATOM   727  C  CB  . LEU A 1 92  ? 6.726   -4.865  -2.076  1.00 7.16  ? 92  LEU A CB  1 
ATOM   728  C  CG  . LEU A 1 92  ? 6.001   -4.899  -3.432  1.00 5.04  ? 92  LEU A CG  1 
ATOM   729  C  CD1 . LEU A 1 92  ? 6.388   -3.681  -4.247  1.00 2.00  ? 92  LEU A CD1 1 
ATOM   730  C  CD2 . LEU A 1 92  ? 6.320   -6.182  -4.189  1.00 3.87  ? 92  LEU A CD2 1 
ATOM   731  N  N   . SER A 1 93  ? 6.684   -5.563  1.246   1.00 10.10 ? 93  SER A N   1 
ATOM   732  C  CA  . SER A 1 93  ? 7.371   -5.346  2.509   1.00 9.20  ? 93  SER A CA  1 
ATOM   733  C  C   . SER A 1 93  ? 7.334   -6.599  3.383   1.00 8.67  ? 93  SER A C   1 
ATOM   734  O  O   . SER A 1 93  ? 7.985   -6.664  4.421   1.00 12.75 ? 93  SER A O   1 
ATOM   735  C  CB  . SER A 1 93  ? 6.785   -4.128  3.215   1.00 7.58  ? 93  SER A CB  1 
ATOM   736  O  OG  . SER A 1 93  ? 6.938   -2.976  2.390   1.00 6.14  ? 93  SER A OG  1 
ATOM   737  N  N   . VAL A 1 94  ? 6.600   -7.605  2.918   1.00 7.97  ? 94  VAL A N   1 
ATOM   738  C  CA  . VAL A 1 94  ? 6.475   -8.905  3.587   1.00 5.69  ? 94  VAL A CA  1 
ATOM   739  C  C   . VAL A 1 94  ? 6.607   -9.897  2.423   1.00 8.63  ? 94  VAL A C   1 
ATOM   740  O  O   . VAL A 1 94  ? 5.703   -10.694 2.145   1.00 12.63 ? 94  VAL A O   1 
ATOM   741  C  CB  . VAL A 1 94  ? 5.095   -9.054  4.259   1.00 3.55  ? 94  VAL A CB  1 
ATOM   742  C  CG1 . VAL A 1 94  ? 5.005   -10.376 5.001   1.00 6.52  ? 94  VAL A CG1 1 
ATOM   743  C  CG2 . VAL A 1 94  ? 4.857   -7.904  5.217   1.00 5.73  ? 94  VAL A CG2 1 
ATOM   744  N  N   . PRO A 1 95  ? 7.768   -9.882  1.752   1.00 6.64  ? 95  PRO A N   1 
ATOM   745  C  CA  . PRO A 1 95  ? 8.026   -10.753 0.606   1.00 7.33  ? 95  PRO A CA  1 
ATOM   746  C  C   . PRO A 1 95  ? 8.126   -12.241 0.848   1.00 9.72  ? 95  PRO A C   1 
ATOM   747  O  O   . PRO A 1 95  ? 8.858   -12.689 1.722   1.00 13.65 ? 95  PRO A O   1 
ATOM   748  C  CB  . PRO A 1 95  ? 9.324   -10.183 0.044   1.00 6.24  ? 95  PRO A CB  1 
ATOM   749  C  CG  . PRO A 1 95  ? 10.047  -9.769  1.260   1.00 5.19  ? 95  PRO A CG  1 
ATOM   750  C  CD  . PRO A 1 95  ? 8.985   -9.132  2.120   1.00 4.99  ? 95  PRO A CD  1 
ATOM   751  N  N   . GLY A 1 96  ? 7.408   -12.997 0.022   1.00 9.76  ? 96  GLY A N   1 
ATOM   752  C  CA  . GLY A 1 96  ? 7.426   -14.442 0.111   1.00 6.94  ? 96  GLY A CA  1 
ATOM   753  C  C   . GLY A 1 96  ? 6.230   -15.027 0.822   1.00 9.35  ? 96  GLY A C   1 
ATOM   754  O  O   . GLY A 1 96  ? 5.886   -16.196 0.604   1.00 8.92  ? 96  GLY A O   1 
ATOM   755  N  N   . PHE A 1 97  ? 5.584   -14.206 1.653   1.00 13.53 ? 97  PHE A N   1 
ATOM   756  C  CA  . PHE A 1 97  ? 4.423   -14.629 2.431   1.00 12.97 ? 97  PHE A CA  1 
ATOM   757  C  C   . PHE A 1 97  ? 3.124   -14.068 1.878   1.00 15.63 ? 97  PHE A C   1 
ATOM   758  O  O   . PHE A 1 97  ? 3.025   -12.869 1.601   1.00 16.04 ? 97  PHE A O   1 
ATOM   759  C  CB  . PHE A 1 97  ? 4.586   -14.188 3.881   1.00 12.79 ? 97  PHE A CB  1 
ATOM   760  C  CG  . PHE A 1 97  ? 5.905   -14.558 4.472   1.00 6.62  ? 97  PHE A CG  1 
ATOM   761  C  CD1 . PHE A 1 97  ? 6.928   -13.630 4.542   1.00 6.03  ? 97  PHE A CD1 1 
ATOM   762  C  CD2 . PHE A 1 97  ? 6.133   -15.847 4.934   1.00 9.54  ? 97  PHE A CD2 1 
ATOM   763  C  CE1 . PHE A 1 97  ? 8.161   -13.978 5.059   1.00 9.40  ? 97  PHE A CE1 1 
ATOM   764  C  CE2 . PHE A 1 97  ? 7.369   -16.206 5.456   1.00 9.09  ? 97  PHE A CE2 1 
ATOM   765  C  CZ  . PHE A 1 97  ? 8.383   -15.271 5.518   1.00 6.70  ? 97  PHE A CZ  1 
ATOM   766  N  N   . TYR A 1 98  ? 2.126   -14.939 1.746   1.00 16.01 ? 98  TYR A N   1 
ATOM   767  C  CA  . TYR A 1 98  ? 0.817   -14.560 1.221   1.00 22.46 ? 98  TYR A CA  1 
ATOM   768  C  C   . TYR A 1 98  ? -0.277  -15.188 2.064   1.00 24.25 ? 98  TYR A C   1 
ATOM   769  O  O   . TYR A 1 98  ? -0.425  -16.413 2.102   1.00 26.00 ? 98  TYR A O   1 
ATOM   770  C  CB  . TYR A 1 98  ? 0.670   -15.032 -0.224  1.00 26.85 ? 98  TYR A CB  1 
ATOM   771  C  CG  . TYR A 1 98  ? 1.889   -14.747 -1.055  1.00 35.65 ? 98  TYR A CG  1 
ATOM   772  C  CD1 . TYR A 1 98  ? 2.878   -15.714 -1.221  1.00 42.04 ? 98  TYR A CD1 1 
ATOM   773  C  CD2 . TYR A 1 98  ? 2.086   -13.495 -1.629  1.00 39.32 ? 98  TYR A CD2 1 
ATOM   774  C  CE1 . TYR A 1 98  ? 4.039   -15.440 -1.936  1.00 43.91 ? 98  TYR A CE1 1 
ATOM   775  C  CE2 . TYR A 1 98  ? 3.239   -13.207 -2.345  1.00 44.01 ? 98  TYR A CE2 1 
ATOM   776  C  CZ  . TYR A 1 98  ? 4.214   -14.183 -2.495  1.00 45.19 ? 98  TYR A CZ  1 
ATOM   777  O  OH  . TYR A 1 98  ? 5.370   -13.905 -3.195  1.00 46.54 ? 98  TYR A OH  1 
ATOM   778  N  N   . GLU A 1 99  ? -1.053  -14.349 2.734   1.00 26.24 ? 99  GLU A N   1 
ATOM   779  C  CA  . GLU A 1 99  ? -2.120  -14.847 3.584   1.00 25.52 ? 99  GLU A CA  1 
ATOM   780  C  C   . GLU A 1 99  ? -3.483  -14.302 3.209   1.00 22.88 ? 99  GLU A C   1 
ATOM   781  O  O   . GLU A 1 99  ? -3.625  -13.131 2.858   1.00 22.76 ? 99  GLU A O   1 
ATOM   782  C  CB  . GLU A 1 99  ? -1.813  -14.531 5.045   1.00 29.59 ? 99  GLU A CB  1 
ATOM   783  C  CG  . GLU A 1 99  ? -0.428  -14.979 5.502   1.00 33.62 ? 99  GLU A CG  1 
ATOM   784  C  CD  . GLU A 1 99  ? -0.117  -16.436 5.175   1.00 33.97 ? 99  GLU A CD  1 
ATOM   785  O  OE1 . GLU A 1 99  ? -1.010  -17.305 5.303   1.00 36.65 ? 99  GLU A OE1 1 
ATOM   786  O  OE2 . GLU A 1 99  ? 1.034   -16.708 4.771   1.00 36.24 ? 99  GLU A OE2 1 
ATOM   787  N  N   . ASN A 1 100 ? -4.481  -15.170 3.295   1.00 22.39 ? 100 ASN A N   1 
ATOM   788  C  CA  . ASN A 1 100 ? -5.862  -14.826 2.979   1.00 24.73 ? 100 ASN A CA  1 
ATOM   789  C  C   . ASN A 1 100 ? -6.344  -13.766 3.968   1.00 26.76 ? 100 ASN A C   1 
ATOM   790  O  O   . ASN A 1 100 ? -6.552  -14.057 5.147   1.00 27.54 ? 100 ASN A O   1 
ATOM   791  C  CB  . ASN A 1 100 ? -6.740  -16.083 3.066   1.00 22.50 ? 100 ASN A CB  1 
ATOM   792  C  CG  . ASN A 1 100 ? -8.056  -15.936 2.323   1.00 28.32 ? 100 ASN A CG  1 
ATOM   793  O  OD1 . ASN A 1 100 ? -9.136  -15.966 2.920   1.00 30.95 ? 100 ASN A OD1 1 
ATOM   794  N  ND2 . ASN A 1 100 ? -7.972  -15.793 1.008   1.00 28.06 ? 100 ASN A ND2 1 
ATOM   795  N  N   . VAL A 1 101 ? -6.441  -12.523 3.504   1.00 26.59 ? 101 VAL A N   1 
ATOM   796  C  CA  . VAL A 1 101 ? -6.898  -11.428 4.355   1.00 25.29 ? 101 VAL A CA  1 
ATOM   797  C  C   . VAL A 1 101 ? -8.360  -11.126 4.069   1.00 28.02 ? 101 VAL A C   1 
ATOM   798  O  O   . VAL A 1 101 ? -8.773  -11.067 2.907   1.00 32.28 ? 101 VAL A O   1 
ATOM   799  C  CB  . VAL A 1 101 ? -6.067  -10.149 4.150   1.00 24.01 ? 101 VAL A CB  1 
ATOM   800  C  CG1 . VAL A 1 101 ? -6.627  -9.025  4.998   1.00 19.52 ? 101 VAL A CG1 1 
ATOM   801  C  CG2 . VAL A 1 101 ? -4.618  -10.399 4.517   1.00 24.85 ? 101 VAL A CG2 1 
ATOM   802  N  N   . ASP A 1 102 ? -9.137  -10.938 5.134   1.00 28.05 ? 102 ASP A N   1 
ATOM   803  C  CA  . ASP A 1 102 ? -10.553 -10.650 4.993   1.00 27.86 ? 102 ASP A CA  1 
ATOM   804  C  C   . ASP A 1 102 ? -10.813 -9.160  5.087   1.00 27.32 ? 102 ASP A C   1 
ATOM   805  O  O   . ASP A 1 102 ? -10.460 -8.513  6.079   1.00 24.80 ? 102 ASP A O   1 
ATOM   806  C  CB  . ASP A 1 102 ? -11.369 -11.398 6.042   1.00 36.26 ? 102 ASP A CB  1 
ATOM   807  C  CG  . ASP A 1 102 ? -12.775 -11.689 5.571   1.00 38.03 ? 102 ASP A CG  1 
ATOM   808  O  OD1 . ASP A 1 102 ? -12.937 -12.596 4.724   1.00 39.22 ? 102 ASP A OD1 1 
ATOM   809  O  OD2 . ASP A 1 102 ? -13.712 -11.003 6.031   1.00 43.04 ? 102 ASP A OD2 1 
ATOM   810  N  N   . ARG A 1 103 ? -11.435 -8.629  4.038   1.00 26.43 ? 103 ARG A N   1 
ATOM   811  C  CA  . ARG A 1 103 ? -11.741 -7.209  3.942   1.00 20.50 ? 103 ARG A CA  1 
ATOM   812  C  C   . ARG A 1 103 ? -13.067 -6.968  3.225   1.00 19.19 ? 103 ARG A C   1 
ATOM   813  O  O   . ARG A 1 103 ? -13.523 -7.812  2.446   1.00 13.89 ? 103 ARG A O   1 
ATOM   814  C  CB  . ARG A 1 103 ? -10.650 -6.490  3.135   1.00 20.00 ? 103 ARG A CB  1 
ATOM   815  C  CG  . ARG A 1 103 ? -9.255  -6.470  3.734   1.00 20.76 ? 103 ARG A CG  1 
ATOM   816  C  CD  . ARG A 1 103 ? -8.344  -5.626  2.853   1.00 14.69 ? 103 ARG A CD  1 
ATOM   817  N  NE  . ARG A 1 103 ? -6.925  -5.778  3.163   1.00 6.95  ? 103 ARG A NE  1 
ATOM   818  C  CZ  . ARG A 1 103 ? -6.242  -4.935  3.919   1.00 2.47  ? 103 ARG A CZ  1 
ATOM   819  N  NH1 . ARG A 1 103 ? -6.852  -3.889  4.449   1.00 4.53  ? 103 ARG A NH1 1 
ATOM   820  N  NH2 . ARG A 1 103 ? -4.943  -5.110  4.103   1.00 4.25  ? 103 ARG A NH2 1 
ATOM   821  N  N   . PRO A 1 104 ? -13.680 -5.787  3.458   1.00 17.68 ? 104 PRO A N   1 
ATOM   822  C  CA  . PRO A 1 104 ? -14.949 -5.349  2.865   1.00 20.10 ? 104 PRO A CA  1 
ATOM   823  C  C   . PRO A 1 104 ? -14.894 -5.389  1.332   1.00 24.57 ? 104 PRO A C   1 
ATOM   824  O  O   . PRO A 1 104 ? -13.889 -5.002  0.731   1.00 25.52 ? 104 PRO A O   1 
ATOM   825  C  CB  . PRO A 1 104 ? -15.071 -3.911  3.371   1.00 14.37 ? 104 PRO A CB  1 
ATOM   826  C  CG  . PRO A 1 104 ? -14.459 -3.987  4.724   1.00 12.91 ? 104 PRO A CG  1 
ATOM   827  C  CD  . PRO A 1 104 ? -13.225 -4.819  4.477   1.00 13.93 ? 104 PRO A CD  1 
ATOM   828  N  N   . GLN A 1 105 ? -15.975 -5.869  0.715   1.00 29.09 ? 105 GLN A N   1 
ATOM   829  C  CA  . GLN A 1 105 ? -16.077 -5.979  -0.741  1.00 33.81 ? 105 GLN A CA  1 
ATOM   830  C  C   . GLN A 1 105 ? -16.213 -4.630  -1.438  1.00 34.42 ? 105 GLN A C   1 
ATOM   831  O  O   . GLN A 1 105 ? -15.473 -4.339  -2.383  1.00 39.29 ? 105 GLN A O   1 
ATOM   832  C  CB  . GLN A 1 105 ? -17.278 -6.850  -1.137  1.00 38.16 ? 105 GLN A CB  1 
ATOM   833  C  CG  . GLN A 1 105 ? -17.119 -8.331  -0.868  1.00 46.78 ? 105 GLN A CG  1 
ATOM   834  C  CD  . GLN A 1 105 ? -18.393 -9.130  -1.130  1.00 52.15 ? 105 GLN A CD  1 
ATOM   835  O  OE1 . GLN A 1 105 ? -18.795 -9.326  -2.279  1.00 55.68 ? 105 GLN A OE1 1 
ATOM   836  N  NE2 . GLN A 1 105 ? -19.021 -9.609  -0.062  1.00 53.44 ? 105 GLN A NE2 1 
ATOM   837  N  N   . LYS A 1 106 ? -17.174 -3.825  -0.983  1.00 32.97 ? 106 LYS A N   1 
ATOM   838  C  CA  . LYS A 1 106 ? -17.436 -2.519  -1.583  1.00 30.14 ? 106 LYS A CA  1 
ATOM   839  C  C   . LYS A 1 106 ? -17.164 -1.317  -0.686  1.00 26.51 ? 106 LYS A C   1 
ATOM   840  O  O   . LYS A 1 106 ? -17.852 -1.087  0.308   1.00 26.34 ? 106 LYS A O   1 
ATOM   841  C  CB  . LYS A 1 106 ? -18.870 -2.471  -2.126  1.00 35.90 ? 106 LYS A CB  1 
ATOM   842  C  CG  . LYS A 1 106 ? -19.230 -1.163  -2.821  1.00 38.27 ? 106 LYS A CG  1 
ATOM   843  C  CD  . LYS A 1 106 ? -20.005 -1.400  -4.106  1.00 43.25 ? 106 LYS A CD  1 
ATOM   844  C  CE  . LYS A 1 106 ? -21.301 -2.154  -3.872  1.00 46.74 ? 106 LYS A CE  1 
ATOM   845  N  NZ  . LYS A 1 106 ? -22.046 -2.321  -5.149  1.00 44.82 ? 106 LYS A NZ  1 
ATOM   846  N  N   . VAL A 1 107 ? -16.172 -0.532  -1.087  1.00 24.05 ? 107 VAL A N   1 
ATOM   847  C  CA  . VAL A 1 107 ? -15.769 0.660   -0.355  1.00 20.00 ? 107 VAL A CA  1 
ATOM   848  C  C   . VAL A 1 107 ? -15.850 1.896   -1.254  1.00 16.73 ? 107 VAL A C   1 
ATOM   849  O  O   . VAL A 1 107 ? -15.925 1.777   -2.474  1.00 16.21 ? 107 VAL A O   1 
ATOM   850  C  CB  . VAL A 1 107 ? -14.312 0.520   0.167   1.00 20.84 ? 107 VAL A CB  1 
ATOM   851  C  CG1 . VAL A 1 107 ? -14.189 -0.693  1.076   1.00 24.15 ? 107 VAL A CG1 1 
ATOM   852  C  CG2 . VAL A 1 107 ? -13.329 0.413   -0.999  1.00 20.84 ? 107 VAL A CG2 1 
ATOM   853  N  N   . ARG A 1 108 ? -15.880 3.074   -0.642  1.00 10.93 ? 108 ARG A N   1 
ATOM   854  C  CA  . ARG A 1 108 ? -15.914 4.322   -1.380  1.00 8.37  ? 108 ARG A CA  1 
ATOM   855  C  C   . ARG A 1 108 ? -14.604 5.047   -1.144  1.00 10.63 ? 108 ARG A C   1 
ATOM   856  O  O   . ARG A 1 108 ? -14.377 5.593   -0.057  1.00 11.33 ? 108 ARG A O   1 
ATOM   857  C  CB  . ARG A 1 108 ? -17.064 5.212   -0.914  1.00 17.42 ? 108 ARG A CB  1 
ATOM   858  C  CG  . ARG A 1 108 ? -16.924 6.674   -1.358  1.00 21.90 ? 108 ARG A CG  1 
ATOM   859  C  CD  . ARG A 1 108 ? -18.269 7.347   -1.514  1.00 29.21 ? 108 ARG A CD  1 
ATOM   860  N  NE  . ARG A 1 108 ? -19.052 6.706   -2.568  1.00 33.49 ? 108 ARG A NE  1 
ATOM   861  C  CZ  . ARG A 1 108 ? -20.372 6.779   -2.669  1.00 36.11 ? 108 ARG A CZ  1 
ATOM   862  N  NH1 . ARG A 1 108 ? -21.071 7.477   -1.783  1.00 38.52 ? 108 ARG A NH1 1 
ATOM   863  N  NH2 . ARG A 1 108 ? -20.995 6.120   -3.636  1.00 35.60 ? 108 ARG A NH2 1 
ATOM   864  N  N   . ILE A 1 109 ? -13.746 5.068   -2.162  1.00 9.78  ? 109 ILE A N   1 
ATOM   865  C  CA  . ILE A 1 109 ? -12.459 5.741   -2.050  1.00 10.88 ? 109 ILE A CA  1 
ATOM   866  C  C   . ILE A 1 109 ? -12.656 7.240   -2.149  1.00 12.83 ? 109 ILE A C   1 
ATOM   867  O  O   . ILE A 1 109 ? -13.614 7.696   -2.758  1.00 17.55 ? 109 ILE A O   1 
ATOM   868  C  CB  . ILE A 1 109 ? -11.504 5.319   -3.163  1.00 8.82  ? 109 ILE A CB  1 
ATOM   869  C  CG1 . ILE A 1 109 ? -11.439 3.797   -3.264  1.00 10.76 ? 109 ILE A CG1 1 
ATOM   870  C  CG2 . ILE A 1 109 ? -10.112 5.843   -2.871  1.00 2.00  ? 109 ILE A CG2 1 
ATOM   871  C  CD1 . ILE A 1 109 ? -10.604 3.325   -4.451  1.00 10.89 ? 109 ILE A CD1 1 
ATOM   872  N  N   . LYS A 1 110 ? -11.737 7.995   -1.553  1.00 14.52 ? 110 LYS A N   1 
ATOM   873  C  CA  . LYS A 1 110 ? -11.775 9.456   -1.570  1.00 14.64 ? 110 LYS A CA  1 
ATOM   874  C  C   . LYS A 1 110 ? -10.329 9.950   -1.458  1.00 11.92 ? 110 LYS A C   1 
ATOM   875  O  O   . LYS A 1 110 ? -9.665  9.685   -0.456  1.00 14.20 ? 110 LYS A O   1 
ATOM   876  C  CB  . LYS A 1 110 ? -12.631 9.975   -0.404  1.00 17.09 ? 110 LYS A CB  1 
ATOM   877  C  CG  . LYS A 1 110 ? -13.186 11.380  -0.613  1.00 27.04 ? 110 LYS A CG  1 
ATOM   878  C  CD  . LYS A 1 110 ? -14.521 11.566  0.103   1.00 34.94 ? 110 LYS A CD  1 
ATOM   879  C  CE  . LYS A 1 110 ? -14.356 12.118  1.516   1.00 39.34 ? 110 LYS A CE  1 
ATOM   880  N  NZ  . LYS A 1 110 ? -13.928 13.558  1.558   1.00 41.58 ? 110 LYS A NZ  1 
ATOM   881  N  N   . ALA A 1 111 ? -9.849  10.656  -2.487  1.00 9.25  ? 111 ALA A N   1 
ATOM   882  C  CA  . ALA A 1 111 ? -8.468  11.148  -2.525  1.00 8.74  ? 111 ALA A CA  1 
ATOM   883  C  C   . ALA A 1 111 ? -8.244  12.445  -3.316  1.00 10.22 ? 111 ALA A C   1 
ATOM   884  O  O   . ALA A 1 111 ? -9.133  13.284  -3.414  1.00 13.86 ? 111 ALA A O   1 
ATOM   885  C  CB  . ALA A 1 111 ? -7.552  10.042  -3.072  1.00 5.37  ? 111 ALA A CB  1 
ATOM   886  N  N   . LEU A 1 112 ? -7.014  12.622  -3.802  1.00 12.12 ? 112 LEU A N   1 
ATOM   887  C  CA  . LEU A 1 112 ? -6.589  13.778  -4.611  1.00 10.99 ? 112 LEU A CA  1 
ATOM   888  C  C   . LEU A 1 112 ? -5.708  13.187  -5.723  1.00 12.16 ? 112 LEU A C   1 
ATOM   889  O  O   . LEU A 1 112 ? -4.760  12.461  -5.424  1.00 14.99 ? 112 LEU A O   1 
ATOM   890  C  CB  . LEU A 1 112 ? -5.709  14.748  -3.798  1.00 7.87  ? 112 LEU A CB  1 
ATOM   891  C  CG  . LEU A 1 112 ? -5.993  15.359  -2.418  1.00 6.17  ? 112 LEU A CG  1 
ATOM   892  C  CD1 . LEU A 1 112 ? -4.828  16.285  -2.054  1.00 2.05  ? 112 LEU A CD1 1 
ATOM   893  C  CD2 . LEU A 1 112 ? -7.306  16.152  -2.384  1.00 2.00  ? 112 LEU A CD2 1 
ATOM   894  N  N   . ASP A 1 113 ? -5.996  13.492  -6.990  1.00 14.99 ? 113 ASP A N   1 
ATOM   895  C  CA  . ASP A 1 113 ? -5.184  12.949  -8.088  1.00 11.21 ? 113 ASP A CA  1 
ATOM   896  C  C   . ASP A 1 113 ? -3.751  13.502  -8.110  1.00 10.35 ? 113 ASP A C   1 
ATOM   897  O  O   . ASP A 1 113 ? -3.336  14.215  -7.186  1.00 6.42  ? 113 ASP A O   1 
ATOM   898  C  CB  . ASP A 1 113 ? -5.874  13.154  -9.445  1.00 11.54 ? 113 ASP A CB  1 
ATOM   899  C  CG  . ASP A 1 113 ? -6.112  14.619  -9.790  1.00 16.05 ? 113 ASP A CG  1 
ATOM   900  O  OD1 . ASP A 1 113 ? -5.426  15.516  -9.255  1.00 12.07 ? 113 ASP A OD1 1 
ATOM   901  O  OD2 . ASP A 1 113 ? -7.005  14.868  -10.627 1.00 22.48 ? 113 ASP A OD2 1 
ATOM   902  N  N   . ARG A 1 114 ? -3.005  13.193  -9.173  1.00 11.12 ? 114 ARG A N   1 
ATOM   903  C  CA  . ARG A 1 114 ? -1.621  13.646  -9.312  1.00 7.03  ? 114 ARG A CA  1 
ATOM   904  C  C   . ARG A 1 114 ? -1.457  15.151  -9.211  1.00 7.12  ? 114 ARG A C   1 
ATOM   905  O  O   . ARG A 1 114 ? -0.366  15.643  -8.931  1.00 12.30 ? 114 ARG A O   1 
ATOM   906  C  CB  . ARG A 1 114 ? -0.998  13.138  -10.618 1.00 9.70  ? 114 ARG A CB  1 
ATOM   907  C  CG  . ARG A 1 114 ? -1.892  13.203  -11.856 1.00 11.45 ? 114 ARG A CG  1 
ATOM   908  C  CD  . ARG A 1 114 ? -2.570  11.858  -12.152 1.00 20.31 ? 114 ARG A CD  1 
ATOM   909  N  NE  . ARG A 1 114 ? -3.554  11.486  -11.132 1.00 22.41 ? 114 ARG A NE  1 
ATOM   910  C  CZ  . ARG A 1 114 ? -4.363  10.429  -11.193 1.00 19.94 ? 114 ARG A CZ  1 
ATOM   911  N  NH1 . ARG A 1 114 ? -4.329  9.604   -12.232 1.00 21.70 ? 114 ARG A NH1 1 
ATOM   912  N  NH2 . ARG A 1 114 ? -5.217  10.196  -10.207 1.00 19.38 ? 114 ARG A NH2 1 
ATOM   913  N  N   . ASP A 1 115 ? -2.550  15.877  -9.411  1.00 8.66  ? 115 ASP A N   1 
ATOM   914  C  CA  . ASP A 1 115 ? -2.541  17.341  -9.354  1.00 9.40  ? 115 ASP A CA  1 
ATOM   915  C  C   . ASP A 1 115 ? -3.026  17.839  -7.996  1.00 7.73  ? 115 ASP A C   1 
ATOM   916  O  O   . ASP A 1 115 ? -2.851  19.010  -7.648  1.00 4.12  ? 115 ASP A O   1 
ATOM   917  C  CB  . ASP A 1 115 ? -3.437  17.913  -10.462 1.00 11.96 ? 115 ASP A CB  1 
ATOM   918  C  CG  . ASP A 1 115 ? -2.979  17.511  -11.849 1.00 11.70 ? 115 ASP A CG  1 
ATOM   919  O  OD1 . ASP A 1 115 ? -3.730  16.806  -12.555 1.00 11.83 ? 115 ASP A OD1 1 
ATOM   920  O  OD2 . ASP A 1 115 ? -1.859  17.902  -12.232 1.00 19.72 ? 115 ASP A OD2 1 
ATOM   921  N  N   . GLY A 1 116 ? -3.640  16.935  -7.242  1.00 9.62  ? 116 GLY A N   1 
ATOM   922  C  CA  . GLY A 1 116 ? -4.159  17.282  -5.935  1.00 15.49 ? 116 GLY A CA  1 
ATOM   923  C  C   . GLY A 1 116 ? -5.616  17.718  -5.930  1.00 15.37 ? 116 GLY A C   1 
ATOM   924  O  O   . GLY A 1 116 ? -6.023  18.462  -5.048  1.00 14.37 ? 116 GLY A O   1 
ATOM   925  N  N   . ASN A 1 117 ? -6.395  17.280  -6.914  1.00 15.91 ? 117 ASN A N   1 
ATOM   926  C  CA  . ASN A 1 117 ? -7.810  17.631  -6.980  1.00 14.14 ? 117 ASN A CA  1 
ATOM   927  C  C   . ASN A 1 117 ? -8.656  16.511  -6.376  1.00 14.81 ? 117 ASN A C   1 
ATOM   928  O  O   . ASN A 1 117 ? -8.521  15.337  -6.749  1.00 17.69 ? 117 ASN A O   1 
ATOM   929  C  CB  . ASN A 1 117 ? -8.243  17.866  -8.420  1.00 17.43 ? 117 ASN A CB  1 
ATOM   930  C  CG  . ASN A 1 117 ? -7.349  18.838  -9.139  1.00 18.43 ? 117 ASN A CG  1 
ATOM   931  O  OD1 . ASN A 1 117 ? -6.893  18.556  -10.242 1.00 24.23 ? 117 ASN A OD1 1 
ATOM   932  N  ND2 . ASN A 1 117 ? -7.082  19.983  -8.521  1.00 13.96 ? 117 ASN A ND2 1 
ATOM   933  N  N   . PRO A 1 118 ? -9.578  16.861  -5.470  1.00 10.41 ? 118 PRO A N   1 
ATOM   934  C  CA  . PRO A 1 118 ? -10.396 15.814  -4.873  1.00 7.69  ? 118 PRO A CA  1 
ATOM   935  C  C   . PRO A 1 118 ? -11.247 15.107  -5.902  1.00 11.78 ? 118 PRO A C   1 
ATOM   936  O  O   . PRO A 1 118 ? -11.680 15.709  -6.889  1.00 12.68 ? 118 PRO A O   1 
ATOM   937  C  CB  . PRO A 1 118 ? -11.282 16.578  -3.889  1.00 8.26  ? 118 PRO A CB  1 
ATOM   938  C  CG  . PRO A 1 118 ? -10.525 17.848  -3.618  1.00 9.70  ? 118 PRO A CG  1 
ATOM   939  C  CD  . PRO A 1 118 ? -9.973  18.187  -4.966  1.00 8.72  ? 118 PRO A CD  1 
ATOM   940  N  N   . PHE A 1 119 ? -11.402 13.804  -5.695  1.00 10.57 ? 119 PHE A N   1 
ATOM   941  C  CA  . PHE A 1 119 ? -12.245 12.967  -6.530  1.00 8.70  ? 119 PHE A CA  1 
ATOM   942  C  C   . PHE A 1 119 ? -12.764 11.875  -5.611  1.00 9.01  ? 119 PHE A C   1 
ATOM   943  O  O   . PHE A 1 119 ? -12.158 11.590  -4.582  1.00 11.86 ? 119 PHE A O   1 
ATOM   944  C  CB  . PHE A 1 119 ? -11.493 12.382  -7.741  1.00 10.21 ? 119 PHE A CB  1 
ATOM   945  C  CG  . PHE A 1 119 ? -10.401 11.414  -7.390  1.00 8.81  ? 119 PHE A CG  1 
ATOM   946  C  CD1 . PHE A 1 119 ? -10.680 10.064  -7.224  1.00 6.57  ? 119 PHE A CD1 1 
ATOM   947  C  CD2 . PHE A 1 119 ? -9.088  11.851  -7.233  1.00 5.63  ? 119 PHE A CD2 1 
ATOM   948  C  CE1 . PHE A 1 119 ? -9.664  9.158   -6.905  1.00 4.68  ? 119 PHE A CE1 1 
ATOM   949  C  CE2 . PHE A 1 119 ? -8.068  10.954  -6.915  1.00 6.61  ? 119 PHE A CE2 1 
ATOM   950  C  CZ  . PHE A 1 119 ? -8.360  9.606   -6.751  1.00 2.00  ? 119 PHE A CZ  1 
ATOM   951  N  N   . GLU A 1 120 ? -13.937 11.341  -5.926  1.00 11.51 ? 120 GLU A N   1 
ATOM   952  C  CA  . GLU A 1 120 ? -14.527 10.276  -5.128  1.00 11.43 ? 120 GLU A CA  1 
ATOM   953  C  C   . GLU A 1 120 ? -14.807 9.137   -6.078  1.00 13.57 ? 120 GLU A C   1 
ATOM   954  O  O   . GLU A 1 120 ? -14.945 9.351   -7.289  1.00 18.25 ? 120 GLU A O   1 
ATOM   955  C  CB  . GLU A 1 120 ? -15.814 10.749  -4.457  1.00 13.42 ? 120 GLU A CB  1 
ATOM   956  C  CG  . GLU A 1 120 ? -15.617 12.015  -3.620  1.00 9.18  ? 120 GLU A CG  1 
ATOM   957  C  CD  . GLU A 1 120 ? -16.783 12.314  -2.702  1.00 9.44  ? 120 GLU A CD  1 
ATOM   958  O  OE1 . GLU A 1 120 ? -17.788 11.574  -2.738  1.00 9.97  ? 120 GLU A OE1 1 
ATOM   959  O  OE2 . GLU A 1 120 ? -16.693 13.289  -1.932  1.00 8.23  ? 120 GLU A OE2 1 
ATOM   960  N  N   . GLU A 1 121 ? -14.863 7.923   -5.551  1.00 12.37 ? 121 GLU A N   1 
ATOM   961  C  CA  . GLU A 1 121 ? -15.105 6.783   -6.406  1.00 10.42 ? 121 GLU A CA  1 
ATOM   962  C  C   . GLU A 1 121 ? -15.648 5.647   -5.579  1.00 13.78 ? 121 GLU A C   1 
ATOM   963  O  O   . GLU A 1 121 ? -15.664 5.731   -4.358  1.00 23.08 ? 121 GLU A O   1 
ATOM   964  C  CB  . GLU A 1 121 ? -13.801 6.363   -7.066  1.00 10.96 ? 121 GLU A CB  1 
ATOM   965  C  CG  . GLU A 1 121 ? -13.995 5.490   -8.278  1.00 17.17 ? 121 GLU A CG  1 
ATOM   966  C  CD  . GLU A 1 121 ? -12.797 4.623   -8.576  1.00 17.66 ? 121 GLU A CD  1 
ATOM   967  O  OE1 . GLU A 1 121 ? -11.661 5.141   -8.546  1.00 17.25 ? 121 GLU A OE1 1 
ATOM   968  O  OE2 . GLU A 1 121 ? -13.007 3.420   -8.849  1.00 18.20 ? 121 GLU A OE2 1 
ATOM   969  N  N   . VAL A 1 122 ? -16.118 4.597   -6.237  1.00 14.49 ? 122 VAL A N   1 
ATOM   970  C  CA  . VAL A 1 122 ? -16.653 3.435   -5.539  1.00 19.47 ? 122 VAL A CA  1 
ATOM   971  C  C   . VAL A 1 122 ? -15.909 2.192   -6.008  1.00 22.33 ? 122 VAL A C   1 
ATOM   972  O  O   . VAL A 1 122 ? -16.031 1.791   -7.165  1.00 22.25 ? 122 VAL A O   1 
ATOM   973  C  CB  . VAL A 1 122 ? -18.162 3.282   -5.782  1.00 22.38 ? 122 VAL A CB  1 
ATOM   974  C  CG1 . VAL A 1 122 ? -18.654 1.930   -5.283  1.00 19.00 ? 122 VAL A CG1 1 
ATOM   975  C  CG2 . VAL A 1 122 ? -18.903 4.391   -5.067  1.00 19.50 ? 122 VAL A CG2 1 
ATOM   976  N  N   . ALA A 1 123 ? -15.163 1.581   -5.089  1.00 20.49 ? 123 ALA A N   1 
ATOM   977  C  CA  . ALA A 1 123 ? -14.357 0.403   -5.389  1.00 19.47 ? 123 ALA A CA  1 
ATOM   978  C  C   . ALA A 1 123 ? -14.952 -0.962  -5.061  1.00 19.54 ? 123 ALA A C   1 
ATOM   979  O  O   . ALA A 1 123 ? -15.709 -1.136  -4.110  1.00 20.43 ? 123 ALA A O   1 
ATOM   980  C  CB  . ALA A 1 123 ? -12.993 0.539   -4.737  1.00 14.47 ? 123 ALA A CB  1 
ATOM   981  N  N   . GLU A 1 124 ? -14.588 -1.925  -5.893  1.00 22.03 ? 124 GLU A N   1 
ATOM   982  C  CA  . GLU A 1 124 ? -14.996 -3.318  -5.772  1.00 23.96 ? 124 GLU A CA  1 
ATOM   983  C  C   . GLU A 1 124 ? -13.821 -4.064  -6.385  1.00 20.52 ? 124 GLU A C   1 
ATOM   984  O  O   . GLU A 1 124 ? -12.879 -3.442  -6.883  1.00 18.56 ? 124 GLU A O   1 
ATOM   985  C  CB  . GLU A 1 124 ? -16.255 -3.600  -6.597  1.00 33.19 ? 124 GLU A CB  1 
ATOM   986  C  CG  . GLU A 1 124 ? -17.507 -2.858  -6.139  1.00 41.05 ? 124 GLU A CG  1 
ATOM   987  C  CD  . GLU A 1 124 ? -18.673 -2.994  -7.120  1.00 46.65 ? 124 GLU A CD  1 
ATOM   988  O  OE1 . GLU A 1 124 ? -19.071 -1.972  -7.722  1.00 44.02 ? 124 GLU A OE1 1 
ATOM   989  O  OE2 . GLU A 1 124 ? -19.194 -4.121  -7.281  1.00 49.64 ? 124 GLU A OE2 1 
ATOM   990  N  N   . GLY A 1 125 ? -13.858 -5.387  -6.339  1.00 22.26 ? 125 GLY A N   1 
ATOM   991  C  CA  . GLY A 1 125 ? -12.774 -6.164  -6.914  1.00 26.16 ? 125 GLY A CA  1 
ATOM   992  C  C   . GLY A 1 125 ? -11.400 -5.851  -6.346  1.00 28.79 ? 125 GLY A C   1 
ATOM   993  O  O   . GLY A 1 125 ? -11.258 -5.529  -5.165  1.00 32.82 ? 125 GLY A O   1 
ATOM   994  N  N   . LEU A 1 126 ? -10.399 -5.868  -7.218  1.00 25.41 ? 126 LEU A N   1 
ATOM   995  C  CA  . LEU A 1 126 ? -9.011  -5.634  -6.828  1.00 20.83 ? 126 LEU A CA  1 
ATOM   996  C  C   . LEU A 1 126 ? -8.668  -4.232  -6.304  1.00 19.95 ? 126 LEU A C   1 
ATOM   997  O  O   . LEU A 1 126 ? -7.838  -4.092  -5.410  1.00 25.25 ? 126 LEU A O   1 
ATOM   998  C  CB  . LEU A 1 126 ? -8.094  -6.031  -7.990  1.00 23.08 ? 126 LEU A CB  1 
ATOM   999  C  CG  . LEU A 1 126 ? -6.618  -6.337  -7.730  1.00 23.00 ? 126 LEU A CG  1 
ATOM   1000 C  CD1 . LEU A 1 126 ? -6.448  -7.271  -6.539  1.00 23.95 ? 126 LEU A CD1 1 
ATOM   1001 C  CD2 . LEU A 1 126 ? -6.028  -6.954  -8.986  1.00 19.46 ? 126 LEU A CD2 1 
ATOM   1002 N  N   . LEU A 1 127 ? -9.306  -3.202  -6.852  1.00 17.27 ? 127 LEU A N   1 
ATOM   1003 C  CA  . LEU A 1 127 ? -9.062  -1.825  -6.423  1.00 13.90 ? 127 LEU A CA  1 
ATOM   1004 C  C   . LEU A 1 127 ? -9.466  -1.586  -4.968  1.00 15.72 ? 127 LEU A C   1 
ATOM   1005 O  O   . LEU A 1 127 ? -8.779  -0.868  -4.235  1.00 18.66 ? 127 LEU A O   1 
ATOM   1006 C  CB  . LEU A 1 127 ? -9.815  -0.854  -7.332  1.00 8.56  ? 127 LEU A CB  1 
ATOM   1007 C  CG  . LEU A 1 127 ? -9.852  0.620   -6.915  1.00 9.47  ? 127 LEU A CG  1 
ATOM   1008 C  CD1 . LEU A 1 127 ? -8.451  1.219   -6.854  1.00 2.00  ? 127 LEU A CD1 1 
ATOM   1009 C  CD2 . LEU A 1 127 ? -10.712 1.389   -7.892  1.00 5.64  ? 127 LEU A CD2 1 
ATOM   1010 N  N   . ALA A 1 128 ? -10.597 -2.162  -4.565  1.00 15.48 ? 128 ALA A N   1 
ATOM   1011 C  CA  . ALA A 1 128 ? -11.092 -2.015  -3.205  1.00 15.59 ? 128 ALA A CA  1 
ATOM   1012 C  C   . ALA A 1 128 ? -10.048 -2.574  -2.264  1.00 16.06 ? 128 ALA A C   1 
ATOM   1013 O  O   . ALA A 1 128 ? -9.538  -1.857  -1.405  1.00 18.98 ? 128 ALA A O   1 
ATOM   1014 C  CB  . ALA A 1 128 ? -12.410 -2.754  -3.032  1.00 11.88 ? 128 ALA A CB  1 
ATOM   1015 N  N   . VAL A 1 129 ? -9.673  -3.831  -2.495  1.00 13.69 ? 129 VAL A N   1 
ATOM   1016 C  CA  . VAL A 1 129 ? -8.676  -4.526  -1.679  1.00 13.29 ? 129 VAL A CA  1 
ATOM   1017 C  C   . VAL A 1 129 ? -7.359  -3.756  -1.637  1.00 10.56 ? 129 VAL A C   1 
ATOM   1018 O  O   . VAL A 1 129 ? -6.812  -3.473  -0.568  1.00 9.07  ? 129 VAL A O   1 
ATOM   1019 C  CB  . VAL A 1 129 ? -8.401  -5.941  -2.234  1.00 16.20 ? 129 VAL A CB  1 
ATOM   1020 C  CG1 . VAL A 1 129 ? -7.516  -6.718  -1.288  1.00 21.47 ? 129 VAL A CG1 1 
ATOM   1021 C  CG2 . VAL A 1 129 ? -9.707  -6.682  -2.451  1.00 20.72 ? 129 VAL A CG2 1 
ATOM   1022 N  N   . CYS A 1 130 ? -6.896  -3.348  -2.808  1.00 11.95 ? 130 CYS A N   1 
ATOM   1023 C  CA  . CYS A 1 130 ? -5.645  -2.626  -2.907  1.00 7.29  ? 130 CYS A CA  1 
ATOM   1024 C  C   . CYS A 1 130 ? -5.591  -1.303  -2.165  1.00 8.92  ? 130 CYS A C   1 
ATOM   1025 O  O   . CYS A 1 130 ? -4.626  -1.073  -1.435  1.00 12.34 ? 130 CYS A O   1 
ATOM   1026 C  CB  . CYS A 1 130 ? -5.246  -2.436  -4.361  1.00 5.77  ? 130 CYS A CB  1 
ATOM   1027 S  SG  . CYS A 1 130 ? -3.556  -1.870  -4.551  1.00 12.18 ? 130 CYS A SG  1 
ATOM   1028 N  N   . ILE A 1 131 ? -6.585  -0.424  -2.329  1.00 10.12 ? 131 ILE A N   1 
ATOM   1029 C  CA  . ILE A 1 131 ? -6.529  0.858   -1.603  1.00 11.62 ? 131 ILE A CA  1 
ATOM   1030 C  C   . ILE A 1 131 ? -6.589  0.655   -0.104  1.00 12.51 ? 131 ILE A C   1 
ATOM   1031 O  O   . ILE A 1 131 ? -6.073  1.464   0.669   1.00 10.02 ? 131 ILE A O   1 
ATOM   1032 C  CB  . ILE A 1 131 ? -7.640  1.856   -1.998  1.00 11.72 ? 131 ILE A CB  1 
ATOM   1033 C  CG1 . ILE A 1 131 ? -9.007  1.176   -1.987  1.00 6.71  ? 131 ILE A CG1 1 
ATOM   1034 C  CG2 . ILE A 1 131 ? -7.310  2.503   -3.327  1.00 18.02 ? 131 ILE A CG2 1 
ATOM   1035 C  CD1 . ILE A 1 131 ? -9.734  1.338   -0.700  1.00 2.03  ? 131 ILE A CD1 1 
ATOM   1036 N  N   . GLN A 1 132 ? -7.250  -0.426  0.296   1.00 12.13 ? 132 GLN A N   1 
ATOM   1037 C  CA  . GLN A 1 132 ? -7.373  -0.762  1.702   1.00 11.76 ? 132 GLN A CA  1 
ATOM   1038 C  C   . GLN A 1 132 ? -6.012  -1.255  2.183   1.00 10.08 ? 132 GLN A C   1 
ATOM   1039 O  O   . GLN A 1 132 ? -5.558  -0.888  3.260   1.00 13.14 ? 132 GLN A O   1 
ATOM   1040 C  CB  . GLN A 1 132 ? -8.443  -1.840  1.906   1.00 14.80 ? 132 GLN A CB  1 
ATOM   1041 C  CG  . GLN A 1 132 ? -9.846  -1.444  1.446   1.00 17.85 ? 132 GLN A CG  1 
ATOM   1042 C  CD  . GLN A 1 132 ? -10.923 -2.432  1.885   1.00 21.12 ? 132 GLN A CD  1 
ATOM   1043 O  OE1 . GLN A 1 132 ? -11.310 -2.464  3.053   1.00 23.32 ? 132 GLN A OE1 1 
ATOM   1044 N  NE2 . GLN A 1 132 ? -11.417 -3.231  0.947   1.00 22.28 ? 132 GLN A NE2 1 
ATOM   1045 N  N   . HIS A 1 133 ? -5.346  -2.050  1.351   1.00 9.68  ? 133 HIS A N   1 
ATOM   1046 C  CA  . HIS A 1 133 ? -4.031  -2.581  1.688   1.00 5.97  ? 133 HIS A CA  1 
ATOM   1047 C  C   . HIS A 1 133 ? -2.991  -1.467  1.736   1.00 5.26  ? 133 HIS A C   1 
ATOM   1048 O  O   . HIS A 1 133 ? -2.028  -1.549  2.492   1.00 10.39 ? 133 HIS A O   1 
ATOM   1049 C  CB  . HIS A 1 133 ? -3.644  -3.663  0.678   1.00 6.98  ? 133 HIS A CB  1 
ATOM   1050 C  CG  . HIS A 1 133 ? -2.257  -4.207  0.852   1.00 8.18  ? 133 HIS A CG  1 
ATOM   1051 N  ND1 . HIS A 1 133 ? -2.007  -5.440  1.415   1.00 7.80  ? 133 HIS A ND1 1 
ATOM   1052 C  CD2 . HIS A 1 133 ? -1.052  -3.722  0.459   1.00 6.24  ? 133 HIS A CD2 1 
ATOM   1053 C  CE1 . HIS A 1 133 ? -0.713  -5.694  1.358   1.00 2.93  ? 133 HIS A CE1 1 
ATOM   1054 N  NE2 . HIS A 1 133 ? -0.109  -4.669  0.783   1.00 3.64  ? 133 HIS A NE2 1 
ATOM   1055 N  N   . GLU A 1 134 ? -3.229  -0.402  0.972   1.00 8.96  ? 134 GLU A N   1 
ATOM   1056 C  CA  . GLU A 1 134 ? -2.323  0.751   0.898   1.00 5.66  ? 134 GLU A CA  1 
ATOM   1057 C  C   . GLU A 1 134 ? -2.574  1.800   1.971   1.00 2.00  ? 134 GLU A C   1 
ATOM   1058 O  O   . GLU A 1 134 ? -1.649  2.498   2.396   1.00 4.17  ? 134 GLU A O   1 
ATOM   1059 C  CB  . GLU A 1 134 ? -2.417  1.429   -0.480  1.00 13.22 ? 134 GLU A CB  1 
ATOM   1060 C  CG  . GLU A 1 134 ? -2.066  0.549   -1.683  1.00 12.88 ? 134 GLU A CG  1 
ATOM   1061 C  CD  . GLU A 1 134 ? -0.673  -0.044  -1.613  1.00 10.78 ? 134 GLU A CD  1 
ATOM   1062 O  OE1 . GLU A 1 134 ? 0.230   0.592   -1.029  1.00 10.24 ? 134 GLU A OE1 1 
ATOM   1063 O  OE2 . GLU A 1 134 ? -0.485  -1.154  -2.142  1.00 7.31  ? 134 GLU A OE2 1 
ATOM   1064 N  N   . CYS A 1 135 ? -3.840  1.996   2.324   1.00 6.45  ? 135 CYS A N   1 
ATOM   1065 C  CA  . CYS A 1 135 ? -4.191  2.966   3.361   1.00 7.77  ? 135 CYS A CA  1 
ATOM   1066 C  C   . CYS A 1 135 ? -3.721  2.426   4.719   1.00 8.42  ? 135 CYS A C   1 
ATOM   1067 O  O   . CYS A 1 135 ? -3.535  3.188   5.674   1.00 7.14  ? 135 CYS A O   1 
ATOM   1068 C  CB  . CYS A 1 135 ? -5.698  3.236   3.369   1.00 8.80  ? 135 CYS A CB  1 
ATOM   1069 S  SG  . CYS A 1 135 ? -6.354  3.890   1.811   1.00 12.45 ? 135 CYS A SG  1 
ATOM   1070 N  N   . ASP A 1 136 ? -3.538  1.104   4.794   1.00 7.92  ? 136 ASP A N   1 
ATOM   1071 C  CA  . ASP A 1 136 ? -3.037  0.456   6.002   1.00 10.78 ? 136 ASP A CA  1 
ATOM   1072 C  C   . ASP A 1 136 ? -1.575  0.880   6.193   1.00 12.97 ? 136 ASP A C   1 
ATOM   1073 O  O   . ASP A 1 136 ? -1.160  1.228   7.300   1.00 19.06 ? 136 ASP A O   1 
ATOM   1074 C  CB  . ASP A 1 136 ? -3.123  -1.071  5.879   1.00 17.55 ? 136 ASP A CB  1 
ATOM   1075 C  CG  . ASP A 1 136 ? -4.503  -1.628  6.230   1.00 20.46 ? 136 ASP A CG  1 
ATOM   1076 O  OD1 . ASP A 1 136 ? -5.315  -0.918  6.860   1.00 22.40 ? 136 ASP A OD1 1 
ATOM   1077 O  OD2 . ASP A 1 136 ? -4.770  -2.802  5.888   1.00 14.98 ? 136 ASP A OD2 1 
ATOM   1078 N  N   . HIS A 1 137 ? -0.816  0.879   5.095   1.00 11.35 ? 137 HIS A N   1 
ATOM   1079 C  CA  . HIS A 1 137 ? 0.595   1.270   5.097   1.00 9.41  ? 137 HIS A CA  1 
ATOM   1080 C  C   . HIS A 1 137 ? 0.809   2.656   5.690   1.00 13.18 ? 137 HIS A C   1 
ATOM   1081 O  O   . HIS A 1 137 ? 1.797   2.900   6.388   1.00 18.53 ? 137 HIS A O   1 
ATOM   1082 C  CB  . HIS A 1 137 ? 1.158   1.241   3.669   1.00 6.87  ? 137 HIS A CB  1 
ATOM   1083 C  CG  . HIS A 1 137 ? 1.591   -0.114  3.216   1.00 4.41  ? 137 HIS A CG  1 
ATOM   1084 N  ND1 . HIS A 1 137 ? 2.581   -0.827  3.855   1.00 2.82  ? 137 HIS A ND1 1 
ATOM   1085 C  CD2 . HIS A 1 137 ? 1.127   -0.914  2.228   1.00 6.35  ? 137 HIS A CD2 1 
ATOM   1086 C  CE1 . HIS A 1 137 ? 2.702   -2.013  3.287   1.00 8.73  ? 137 HIS A CE1 1 
ATOM   1087 N  NE2 . HIS A 1 137 ? 1.832   -2.093  2.295   1.00 5.48  ? 137 HIS A NE2 1 
ATOM   1088 N  N   . LEU A 1 138 ? -0.121  3.557   5.401   1.00 12.69 ? 138 LEU A N   1 
ATOM   1089 C  CA  . LEU A 1 138 ? -0.063  4.925   5.888   1.00 10.62 ? 138 LEU A CA  1 
ATOM   1090 C  C   . LEU A 1 138 ? -0.296  5.006   7.390   1.00 11.79 ? 138 LEU A C   1 
ATOM   1091 O  O   . LEU A 1 138 ? 0.134   5.971   8.034   1.00 11.28 ? 138 LEU A O   1 
ATOM   1092 C  CB  . LEU A 1 138 ? -1.102  5.783   5.167   1.00 11.78 ? 138 LEU A CB  1 
ATOM   1093 C  CG  . LEU A 1 138 ? -1.038  5.773   3.642   1.00 7.84  ? 138 LEU A CG  1 
ATOM   1094 C  CD1 . LEU A 1 138 ? -2.076  6.737   3.099   1.00 10.17 ? 138 LEU A CD1 1 
ATOM   1095 C  CD2 . LEU A 1 138 ? 0.355   6.169   3.186   1.00 9.85  ? 138 LEU A CD2 1 
ATOM   1096 N  N   . ASN A 1 139 ? -0.988  4.003   7.935   1.00 13.23 ? 139 ASN A N   1 
ATOM   1097 C  CA  . ASN A 1 139 ? -1.289  3.951   9.370   1.00 17.04 ? 139 ASN A CA  1 
ATOM   1098 C  C   . ASN A 1 139 ? -0.377  3.012   10.177  1.00 18.06 ? 139 ASN A C   1 
ATOM   1099 O  O   . ASN A 1 139 ? -0.494  2.928   11.406  1.00 18.91 ? 139 ASN A O   1 
ATOM   1100 C  CB  . ASN A 1 139 ? -2.768  3.598   9.595   1.00 10.30 ? 139 ASN A CB  1 
ATOM   1101 C  CG  . ASN A 1 139 ? -3.710  4.621   8.966   1.00 9.85  ? 139 ASN A CG  1 
ATOM   1102 O  OD1 . ASN A 1 139 ? -3.380  5.803   8.855   1.00 4.52  ? 139 ASN A OD1 1 
ATOM   1103 N  ND2 . ASN A 1 139 ? -4.873  4.162   8.526   1.00 3.43  ? 139 ASN A ND2 1 
ATOM   1104 N  N   . GLY A 1 140 ? 0.560   2.356   9.485   1.00 16.71 ? 140 GLY A N   1 
ATOM   1105 C  CA  . GLY A 1 140 ? 1.489   1.446   10.139  1.00 15.30 ? 140 GLY A CA  1 
ATOM   1106 C  C   . GLY A 1 140 ? 1.086   -0.018  10.142  1.00 13.92 ? 140 GLY A C   1 
ATOM   1107 O  O   . GLY A 1 140 ? 1.760   -0.845  10.752  1.00 18.68 ? 140 GLY A O   1 
ATOM   1108 N  N   . LYS A 1 141 ? 0.001   -0.355  9.453   1.00 13.99 ? 141 LYS A N   1 
ATOM   1109 C  CA  . LYS A 1 141 ? -0.480  -1.736  9.414   1.00 14.26 ? 141 LYS A CA  1 
ATOM   1110 C  C   . LYS A 1 141 ? 0.045   -2.533  8.240   1.00 13.53 ? 141 LYS A C   1 
ATOM   1111 O  O   . LYS A 1 141 ? 0.368   -1.978  7.194   1.00 12.76 ? 141 LYS A O   1 
ATOM   1112 C  CB  . LYS A 1 141 ? -2.009  -1.782  9.358   1.00 15.23 ? 141 LYS A CB  1 
ATOM   1113 C  CG  . LYS A 1 141 ? -2.716  -1.176  10.532  1.00 13.68 ? 141 LYS A CG  1 
ATOM   1114 C  CD  . LYS A 1 141 ? -4.165  -1.618  10.541  1.00 18.38 ? 141 LYS A CD  1 
ATOM   1115 C  CE  . LYS A 1 141 ? -4.272  -3.135  10.612  1.00 17.37 ? 141 LYS A CE  1 
ATOM   1116 N  NZ  . LYS A 1 141 ? -5.680  -3.581  10.788  1.00 22.33 ? 141 LYS A NZ  1 
ATOM   1117 N  N   . LEU A 1 142 ? 0.068   -3.849  8.409   1.00 10.20 ? 142 LEU A N   1 
ATOM   1118 C  CA  . LEU A 1 142 ? 0.515   -4.778  7.377   1.00 7.75  ? 142 LEU A CA  1 
ATOM   1119 C  C   . LEU A 1 142 ? -0.530  -5.883  7.378   1.00 7.18  ? 142 LEU A C   1 
ATOM   1120 O  O   . LEU A 1 142 ? -1.174  -6.118  8.402   1.00 10.35 ? 142 LEU A O   1 
ATOM   1121 C  CB  . LEU A 1 142 ? 1.881   -5.364  7.737   1.00 8.87  ? 142 LEU A CB  1 
ATOM   1122 C  CG  . LEU A 1 142 ? 3.024   -4.379  7.961   1.00 15.10 ? 142 LEU A CG  1 
ATOM   1123 C  CD1 . LEU A 1 142 ? 4.131   -5.058  8.727   1.00 8.34  ? 142 LEU A CD1 1 
ATOM   1124 C  CD2 . LEU A 1 142 ? 3.528   -3.839  6.632   1.00 17.46 ? 142 LEU A CD2 1 
ATOM   1125 N  N   . PHE A 1 143 ? -0.704  -6.579  6.259   1.00 3.24  ? 143 PHE A N   1 
ATOM   1126 C  CA  . PHE A 1 143 ? -1.710  -7.636  6.237   1.00 7.13  ? 143 PHE A CA  1 
ATOM   1127 C  C   . PHE A 1 143 ? -1.431  -8.652  7.346   1.00 7.87  ? 143 PHE A C   1 
ATOM   1128 O  O   . PHE A 1 143 ? -2.345  -9.292  7.855   1.00 14.19 ? 143 PHE A O   1 
ATOM   1129 C  CB  . PHE A 1 143 ? -1.796  -8.314  4.856   1.00 8.40  ? 143 PHE A CB  1 
ATOM   1130 C  CG  . PHE A 1 143 ? -0.603  -9.162  4.498   1.00 9.67  ? 143 PHE A CG  1 
ATOM   1131 C  CD1 . PHE A 1 143 ? -0.677  -10.555 4.576   1.00 15.79 ? 143 PHE A CD1 1 
ATOM   1132 C  CD2 . PHE A 1 143 ? 0.579   -8.580  4.053   1.00 7.29  ? 143 PHE A CD2 1 
ATOM   1133 C  CE1 . PHE A 1 143 ? 0.408   -11.355 4.212   1.00 13.02 ? 143 PHE A CE1 1 
ATOM   1134 C  CE2 . PHE A 1 143 ? 1.667   -9.372  3.689   1.00 9.35  ? 143 PHE A CE2 1 
ATOM   1135 C  CZ  . PHE A 1 143 ? 1.580   -10.761 3.768   1.00 10.55 ? 143 PHE A CZ  1 
ATOM   1136 N  N   . VAL A 1 144 ? -0.174  -8.708  7.780   1.00 7.13  ? 144 VAL A N   1 
ATOM   1137 C  CA  . VAL A 1 144 ? 0.249   -9.624  8.826   1.00 7.47  ? 144 VAL A CA  1 
ATOM   1138 C  C   . VAL A 1 144 ? -0.280  -9.284  10.224  1.00 10.10 ? 144 VAL A C   1 
ATOM   1139 O  O   . VAL A 1 144 ? -0.043  -10.030 11.165  1.00 14.96 ? 144 VAL A O   1 
ATOM   1140 C  CB  . VAL A 1 144 ? 1.783   -9.739  8.871   1.00 7.20  ? 144 VAL A CB  1 
ATOM   1141 C  CG1 . VAL A 1 144 ? 2.299   -10.183 7.527   1.00 2.00  ? 144 VAL A CG1 1 
ATOM   1142 C  CG2 . VAL A 1 144 ? 2.412   -8.429  9.296   1.00 2.00  ? 144 VAL A CG2 1 
ATOM   1143 N  N   . ASP A 1 145 ? -0.965  -8.149  10.362  1.00 9.78  ? 145 ASP A N   1 
ATOM   1144 C  CA  . ASP A 1 145 ? -1.532  -7.733  11.646  1.00 8.28  ? 145 ASP A CA  1 
ATOM   1145 C  C   . ASP A 1 145 ? -2.971  -8.224  11.784  1.00 9.89  ? 145 ASP A C   1 
ATOM   1146 O  O   . ASP A 1 145 ? -3.647  -7.951  12.777  1.00 10.49 ? 145 ASP A O   1 
ATOM   1147 C  CB  . ASP A 1 145 ? -1.464  -6.217  11.804  1.00 2.15  ? 145 ASP A CB  1 
ATOM   1148 C  CG  . ASP A 1 145 ? -0.043  -5.700  11.808  1.00 7.48  ? 145 ASP A CG  1 
ATOM   1149 O  OD1 . ASP A 1 145 ? 0.900   -6.521  11.872  1.00 12.60 ? 145 ASP A OD1 1 
ATOM   1150 O  OD2 . ASP A 1 145 ? 0.143   -4.468  11.746  1.00 12.42 ? 145 ASP A OD2 1 
ATOM   1151 N  N   . TYR A 1 146 ? -3.432  -8.912  10.748  1.00 9.83  ? 146 TYR A N   1 
ATOM   1152 C  CA  . TYR A 1 146 ? -4.760  -9.494  10.711  1.00 11.85 ? 146 TYR A CA  1 
ATOM   1153 C  C   . TYR A 1 146 ? -4.551  -10.974 10.947  1.00 14.45 ? 146 TYR A C   1 
ATOM   1154 O  O   . TYR A 1 146 ? -5.502  -11.754 10.998  1.00 21.73 ? 146 TYR A O   1 
ATOM   1155 C  CB  . TYR A 1 146 ? -5.400  -9.287  9.337   1.00 5.12  ? 146 TYR A CB  1 
ATOM   1156 C  CG  . TYR A 1 146 ? -5.711  -7.854  9.025   1.00 11.31 ? 146 TYR A CG  1 
ATOM   1157 C  CD1 . TYR A 1 146 ? -4.905  -7.117  8.161   1.00 7.21  ? 146 TYR A CD1 1 
ATOM   1158 C  CD2 . TYR A 1 146 ? -6.813  -7.228  9.603   1.00 14.95 ? 146 TYR A CD2 1 
ATOM   1159 C  CE1 . TYR A 1 146 ? -5.194  -5.794  7.881   1.00 8.35  ? 146 TYR A CE1 1 
ATOM   1160 C  CE2 . TYR A 1 146 ? -7.111  -5.906  9.331   1.00 14.18 ? 146 TYR A CE2 1 
ATOM   1161 C  CZ  . TYR A 1 146 ? -6.303  -5.193  8.471   1.00 13.25 ? 146 TYR A CZ  1 
ATOM   1162 O  OH  . TYR A 1 146 ? -6.612  -3.881  8.209   1.00 14.80 ? 146 TYR A OH  1 
ATOM   1163 N  N   . LEU A 1 147 ? -3.279  -11.353 11.040  1.00 13.36 ? 147 LEU A N   1 
ATOM   1164 C  CA  . LEU A 1 147 ? -2.870  -12.734 11.274  1.00 8.17  ? 147 LEU A CA  1 
ATOM   1165 C  C   . LEU A 1 147 ? -2.694  -13.018 12.761  1.00 6.74  ? 147 LEU A C   1 
ATOM   1166 O  O   . LEU A 1 147 ? -2.579  -12.107 13.579  1.00 6.67  ? 147 LEU A O   1 
ATOM   1167 C  CB  . LEU A 1 147 ? -1.537  -13.026 10.577  1.00 6.95  ? 147 LEU A CB  1 
ATOM   1168 C  CG  . LEU A 1 147 ? -1.391  -12.803 9.074   1.00 10.96 ? 147 LEU A CG  1 
ATOM   1169 C  CD1 . LEU A 1 147 ? -0.131  -13.522 8.609   1.00 9.10  ? 147 LEU A CD1 1 
ATOM   1170 C  CD2 . LEU A 1 147 ? -2.617  -13.336 8.340   1.00 10.10 ? 147 LEU A CD2 1 
ATOM   1171 N  N   . SER A 1 148 ? -2.646  -14.301 13.100  1.00 8.78  ? 148 SER A N   1 
ATOM   1172 C  CA  . SER A 1 148 ? -2.448  -14.711 14.475  1.00 10.78 ? 148 SER A CA  1 
ATOM   1173 C  C   . SER A 1 148 ? -1.048  -14.291 14.957  1.00 12.81 ? 148 SER A C   1 
ATOM   1174 O  O   . SER A 1 148 ? -0.180  -13.923 14.158  1.00 13.88 ? 148 SER A O   1 
ATOM   1175 C  CB  . SER A 1 148 ? -2.625  -16.218 14.584  1.00 14.20 ? 148 SER A CB  1 
ATOM   1176 O  OG  . SER A 1 148 ? -1.745  -16.884 13.703  1.00 20.56 ? 148 SER A OG  1 
ATOM   1177 N  N   . THR A 1 149 ? -0.845  -14.331 16.270  1.00 15.62 ? 149 THR A N   1 
ATOM   1178 C  CA  . THR A 1 149 ? 0.427   -13.941 16.865  1.00 13.52 ? 149 THR A CA  1 
ATOM   1179 C  C   . THR A 1 149 ? 1.533   -14.941 16.549  1.00 13.72 ? 149 THR A C   1 
ATOM   1180 O  O   . THR A 1 149 ? 2.650   -14.558 16.208  1.00 11.60 ? 149 THR A O   1 
ATOM   1181 C  CB  . THR A 1 149 ? 0.288   -13.781 18.384  1.00 10.59 ? 149 THR A CB  1 
ATOM   1182 O  OG1 . THR A 1 149 ? -0.659  -12.741 18.672  1.00 18.54 ? 149 THR A OG1 1 
ATOM   1183 C  CG2 . THR A 1 149 ? 1.617   -13.422 19.000  1.00 11.53 ? 149 THR A CG2 1 
ATOM   1184 N  N   . LEU A 1 150 ? 1.211   -16.224 16.653  1.00 14.93 ? 150 LEU A N   1 
ATOM   1185 C  CA  . LEU A 1 150 ? 2.180   -17.275 16.372  1.00 16.96 ? 150 LEU A CA  1 
ATOM   1186 C  C   . LEU A 1 150 ? 2.520   -17.323 14.886  1.00 16.22 ? 150 LEU A C   1 
ATOM   1187 O  O   . LEU A 1 150 ? 3.676   -17.486 14.522  1.00 17.38 ? 150 LEU A O   1 
ATOM   1188 C  CB  . LEU A 1 150 ? 1.654   -18.635 16.861  1.00 17.73 ? 150 LEU A CB  1 
ATOM   1189 C  CG  . LEU A 1 150 ? 2.072   -19.193 18.239  1.00 19.72 ? 150 LEU A CG  1 
ATOM   1190 C  CD1 . LEU A 1 150 ? 2.225   -18.127 19.303  1.00 13.32 ? 150 LEU A CD1 1 
ATOM   1191 C  CD2 . LEU A 1 150 ? 1.067   -20.242 18.683  1.00 20.37 ? 150 LEU A CD2 1 
ATOM   1192 N  N   . LYS A 1 151 ? 1.514   -17.139 14.038  1.00 17.53 ? 151 LYS A N   1 
ATOM   1193 C  CA  . LYS A 1 151 ? 1.709   -17.161 12.589  1.00 16.39 ? 151 LYS A CA  1 
ATOM   1194 C  C   . LYS A 1 151 ? 2.516   -15.944 12.179  1.00 16.83 ? 151 LYS A C   1 
ATOM   1195 O  O   . LYS A 1 151 ? 3.438   -16.046 11.379  1.00 17.20 ? 151 LYS A O   1 
ATOM   1196 C  CB  . LYS A 1 151 ? 0.366   -17.136 11.872  1.00 19.30 ? 151 LYS A CB  1 
ATOM   1197 C  CG  . LYS A 1 151 ? 0.383   -17.593 10.431  1.00 28.08 ? 151 LYS A CG  1 
ATOM   1198 C  CD  . LYS A 1 151 ? -1.022  -17.528 9.844   1.00 31.69 ? 151 LYS A CD  1 
ATOM   1199 C  CE  . LYS A 1 151 ? -1.172  -18.459 8.663   1.00 38.91 ? 151 LYS A CE  1 
ATOM   1200 N  NZ  . LYS A 1 151 ? -0.945  -19.873 9.062   1.00 39.30 ? 151 LYS A NZ  1 
ATOM   1201 N  N   . ARG A 1 152 ? 2.207   -14.801 12.775  1.00 13.48 ? 152 ARG A N   1 
ATOM   1202 C  CA  . ARG A 1 152 ? 2.912   -13.580 12.442  1.00 12.95 ? 152 ARG A CA  1 
ATOM   1203 C  C   . ARG A 1 152 ? 4.342   -13.577 12.936  1.00 14.98 ? 152 ARG A C   1 
ATOM   1204 O  O   . ARG A 1 152 ? 5.210   -12.947 12.333  1.00 15.15 ? 152 ARG A O   1 
ATOM   1205 C  CB  . ARG A 1 152 ? 2.198   -12.384 13.031  1.00 11.68 ? 152 ARG A CB  1 
ATOM   1206 C  CG  . ARG A 1 152 ? 2.776   -11.065 12.584  1.00 9.77  ? 152 ARG A CG  1 
ATOM   1207 C  CD  . ARG A 1 152 ? 2.185   -9.960  13.410  1.00 16.15 ? 152 ARG A CD  1 
ATOM   1208 N  NE  . ARG A 1 152 ? 0.779   -10.240 13.683  1.00 16.46 ? 152 ARG A NE  1 
ATOM   1209 C  CZ  . ARG A 1 152 ? 0.180   -9.986  14.836  1.00 18.83 ? 152 ARG A CZ  1 
ATOM   1210 N  NH1 . ARG A 1 152 ? 0.862   -9.436  15.832  1.00 17.48 ? 152 ARG A NH1 1 
ATOM   1211 N  NH2 . ARG A 1 152 ? -1.093  -10.312 15.003  1.00 23.87 ? 152 ARG A NH2 1 
ATOM   1212 N  N   . ASP A 1 153 ? 4.576   -14.232 14.065  1.00 16.33 ? 153 ASP A N   1 
ATOM   1213 C  CA  . ASP A 1 153 ? 5.915   -14.296 14.638  1.00 14.87 ? 153 ASP A CA  1 
ATOM   1214 C  C   . ASP A 1 153 ? 6.778   -15.262 13.821  1.00 15.49 ? 153 ASP A C   1 
ATOM   1215 O  O   . ASP A 1 153 ? 7.961   -15.019 13.584  1.00 20.24 ? 153 ASP A O   1 
ATOM   1216 C  CB  . ASP A 1 153 ? 5.828   -14.736 16.102  1.00 11.44 ? 153 ASP A CB  1 
ATOM   1217 C  CG  . ASP A 1 153 ? 7.088   -14.415 16.888  1.00 9.04  ? 153 ASP A CG  1 
ATOM   1218 O  OD1 . ASP A 1 153 ? 7.491   -13.235 16.941  1.00 2.32  ? 153 ASP A OD1 1 
ATOM   1219 O  OD2 . ASP A 1 153 ? 7.676   -15.352 17.469  1.00 9.19  ? 153 ASP A OD2 1 
ATOM   1220 N  N   . ARG A 1 154 ? 6.157   -16.340 13.360  1.00 14.98 ? 154 ARG A N   1 
ATOM   1221 C  CA  . ARG A 1 154 ? 6.830   -17.347 12.552  1.00 16.27 ? 154 ARG A CA  1 
ATOM   1222 C  C   . ARG A 1 154 ? 7.355   -16.640 11.312  1.00 18.34 ? 154 ARG A C   1 
ATOM   1223 O  O   . ARG A 1 154 ? 8.394   -17.006 10.770  1.00 23.15 ? 154 ARG A O   1 
ATOM   1224 C  CB  . ARG A 1 154 ? 5.828   -18.430 12.154  1.00 17.49 ? 154 ARG A CB  1 
ATOM   1225 C  CG  . ARG A 1 154 ? 6.431   -19.759 11.744  1.00 23.49 ? 154 ARG A CG  1 
ATOM   1226 C  CD  . ARG A 1 154 ? 5.325   -20.707 11.328  1.00 26.04 ? 154 ARG A CD  1 
ATOM   1227 N  NE  . ARG A 1 154 ? 4.286   -20.778 12.355  1.00 33.54 ? 154 ARG A NE  1 
ATOM   1228 C  CZ  . ARG A 1 154 ? 2.979   -20.688 12.120  1.00 37.49 ? 154 ARG A CZ  1 
ATOM   1229 N  NH1 . ARG A 1 154 ? 2.528   -20.521 10.883  1.00 41.18 ? 154 ARG A NH1 1 
ATOM   1230 N  NH2 . ARG A 1 154 ? 2.122   -20.757 13.126  1.00 34.22 ? 154 ARG A NH2 1 
ATOM   1231 N  N   . ILE A 1 155 ? 6.624   -15.603 10.897  1.00 19.55 ? 155 ILE A N   1 
ATOM   1232 C  CA  . ILE A 1 155 ? 6.967   -14.779 9.741   1.00 15.04 ? 155 ILE A CA  1 
ATOM   1233 C  C   . ILE A 1 155 ? 8.050   -13.778 10.128  1.00 12.91 ? 155 ILE A C   1 
ATOM   1234 O  O   . ILE A 1 155 ? 9.063   -13.678 9.445   1.00 14.30 ? 155 ILE A O   1 
ATOM   1235 C  CB  . ILE A 1 155 ? 5.713   -14.024 9.173   1.00 18.32 ? 155 ILE A CB  1 
ATOM   1236 C  CG1 . ILE A 1 155 ? 4.869   -14.946 8.278   1.00 19.72 ? 155 ILE A CG1 1 
ATOM   1237 C  CG2 . ILE A 1 155 ? 6.145   -12.833 8.307   1.00 16.21 ? 155 ILE A CG2 1 
ATOM   1238 C  CD1 . ILE A 1 155 ? 4.562   -16.326 8.825   1.00 25.07 ? 155 ILE A CD1 1 
ATOM   1239 N  N   . ARG A 1 156 ? 7.831   -13.023 11.204  1.00 13.88 ? 156 ARG A N   1 
ATOM   1240 C  CA  . ARG A 1 156 ? 8.825   -12.053 11.660  1.00 11.64 ? 156 ARG A CA  1 
ATOM   1241 C  C   . ARG A 1 156 ? 10.191  -12.702 11.822  1.00 11.32 ? 156 ARG A C   1 
ATOM   1242 O  O   . ARG A 1 156 ? 11.208  -12.104 11.483  1.00 10.32 ? 156 ARG A O   1 
ATOM   1243 C  CB  . ARG A 1 156 ? 8.438   -11.429 13.004  1.00 10.62 ? 156 ARG A CB  1 
ATOM   1244 C  CG  . ARG A 1 156 ? 9.633   -10.768 13.699  1.00 11.76 ? 156 ARG A CG  1 
ATOM   1245 C  CD  . ARG A 1 156 ? 9.358   -10.336 15.106  1.00 8.47  ? 156 ARG A CD  1 
ATOM   1246 N  NE  . ARG A 1 156 ? 8.744   -9.019  15.143  1.00 20.55 ? 156 ARG A NE  1 
ATOM   1247 C  CZ  . ARG A 1 156 ? 7.455   -8.805  15.387  1.00 24.16 ? 156 ARG A CZ  1 
ATOM   1248 N  NH1 . ARG A 1 156 ? 6.630   -9.829  15.623  1.00 15.00 ? 156 ARG A NH1 1 
ATOM   1249 N  NH2 . ARG A 1 156 ? 6.989   -7.560  15.378  1.00 26.15 ? 156 ARG A NH2 1 
ATOM   1250 N  N   . LYS A 1 157 ? 10.220  -13.910 12.370  1.00 13.72 ? 157 LYS A N   1 
ATOM   1251 C  CA  . LYS A 1 157 ? 11.495  -14.591 12.558  1.00 17.64 ? 157 LYS A CA  1 
ATOM   1252 C  C   . LYS A 1 157 ? 12.185  -14.932 11.239  1.00 16.34 ? 157 LYS A C   1 
ATOM   1253 O  O   . LYS A 1 157 ? 13.354  -14.588 11.052  1.00 17.92 ? 157 LYS A O   1 
ATOM   1254 C  CB  . LYS A 1 157 ? 11.347  -15.841 13.440  1.00 20.61 ? 157 LYS A CB  1 
ATOM   1255 C  CG  . LYS A 1 157 ? 10.975  -15.539 14.889  1.00 17.94 ? 157 LYS A CG  1 
ATOM   1256 C  CD  . LYS A 1 157 ? 11.841  -14.432 15.469  1.00 18.42 ? 157 LYS A CD  1 
ATOM   1257 C  CE  . LYS A 1 157 ? 11.213  -13.817 16.720  1.00 18.50 ? 157 LYS A CE  1 
ATOM   1258 N  NZ  . LYS A 1 157 ? 11.937  -12.565 17.142  1.00 26.80 ? 157 LYS A NZ  1 
ATOM   1259 N  N   . LYS A 1 158 ? 11.454  -15.566 10.319  1.00 15.96 ? 158 LYS A N   1 
ATOM   1260 C  CA  . LYS A 1 158 ? 12.000  -15.941 9.018   1.00 15.03 ? 158 LYS A CA  1 
ATOM   1261 C  C   . LYS A 1 158 ? 12.703  -14.758 8.384   1.00 15.80 ? 158 LYS A C   1 
ATOM   1262 O  O   . LYS A 1 158 ? 13.882  -14.837 8.054   1.00 16.00 ? 158 LYS A O   1 
ATOM   1263 C  CB  . LYS A 1 158 ? 10.904  -16.430 8.080   1.00 14.43 ? 158 LYS A CB  1 
ATOM   1264 C  CG  . LYS A 1 158 ? 10.799  -17.939 7.930   1.00 20.30 ? 158 LYS A CG  1 
ATOM   1265 C  CD  . LYS A 1 158 ? 9.850   -18.284 6.776   1.00 22.71 ? 158 LYS A CD  1 
ATOM   1266 C  CE  . LYS A 1 158 ? 9.636   -19.788 6.595   1.00 26.88 ? 158 LYS A CE  1 
ATOM   1267 N  NZ  . LYS A 1 158 ? 8.688   -20.091 5.472   1.00 29.06 ? 158 LYS A NZ  1 
ATOM   1268 N  N   . LEU A 1 159 ? 11.993  -13.645 8.256   1.00 16.38 ? 159 LEU A N   1 
ATOM   1269 C  CA  . LEU A 1 159 ? 12.578  -12.457 7.663   1.00 16.71 ? 159 LEU A CA  1 
ATOM   1270 C  C   . LEU A 1 159 ? 13.756  -11.940 8.472   1.00 20.04 ? 159 LEU A C   1 
ATOM   1271 O  O   . LEU A 1 159 ? 14.794  -11.640 7.898   1.00 23.02 ? 159 LEU A O   1 
ATOM   1272 C  CB  . LEU A 1 159 ? 11.532  -11.357 7.474   1.00 13.92 ? 159 LEU A CB  1 
ATOM   1273 C  CG  . LEU A 1 159 ? 10.500  -11.583 6.371   1.00 11.36 ? 159 LEU A CG  1 
ATOM   1274 C  CD1 . LEU A 1 159 ? 9.577   -10.408 6.327   1.00 10.09 ? 159 LEU A CD1 1 
ATOM   1275 C  CD2 . LEU A 1 159 ? 11.178  -11.753 5.033   1.00 12.05 ? 159 LEU A CD2 1 
ATOM   1276 N  N   . GLU A 1 160 ? 13.619  -11.856 9.795   1.00 21.44 ? 160 GLU A N   1 
ATOM   1277 C  CA  . GLU A 1 160 ? 14.729  -11.370 10.618  1.00 21.71 ? 160 GLU A CA  1 
ATOM   1278 C  C   . GLU A 1 160 ? 15.965  -12.237 10.387  1.00 21.58 ? 160 GLU A C   1 
ATOM   1279 O  O   . GLU A 1 160 ? 17.093  -11.767 10.509  1.00 19.53 ? 160 GLU A O   1 
ATOM   1280 C  CB  . GLU A 1 160 ? 14.354  -11.321 12.106  1.00 21.72 ? 160 GLU A CB  1 
ATOM   1281 C  CG  . GLU A 1 160 ? 13.374  -10.198 12.452  1.00 22.58 ? 160 GLU A CG  1 
ATOM   1282 C  CD  . GLU A 1 160 ? 13.123  -10.007 13.955  1.00 23.83 ? 160 GLU A CD  1 
ATOM   1283 O  OE1 . GLU A 1 160 ? 13.072  -11.003 14.703  1.00 26.89 ? 160 GLU A OE1 1 
ATOM   1284 O  OE2 . GLU A 1 160 ? 12.945  -8.848  14.387  1.00 23.21 ? 160 GLU A OE2 1 
ATOM   1285 N  N   . LYS A 1 161 ? 15.734  -13.492 9.999   1.00 23.13 ? 161 LYS A N   1 
ATOM   1286 C  CA  . LYS A 1 161 ? 16.811  -14.439 9.708   1.00 31.68 ? 161 LYS A CA  1 
ATOM   1287 C  C   . LYS A 1 161 ? 17.355  -14.176 8.303   1.00 34.49 ? 161 LYS A C   1 
ATOM   1288 O  O   . LYS A 1 161 ? 18.569  -14.085 8.096   1.00 34.56 ? 161 LYS A O   1 
ATOM   1289 C  CB  . LYS A 1 161 ? 16.289  -15.875 9.780   1.00 34.67 ? 161 LYS A CB  1 
ATOM   1290 C  CG  . LYS A 1 161 ? 17.350  -16.942 9.553   1.00 41.27 ? 161 LYS A CG  1 
ATOM   1291 C  CD  . LYS A 1 161 ? 16.735  -18.336 9.568   1.00 48.11 ? 161 LYS A CD  1 
ATOM   1292 C  CE  . LYS A 1 161 ? 17.799  -19.431 9.505   1.00 51.95 ? 161 LYS A CE  1 
ATOM   1293 N  NZ  . LYS A 1 161 ? 17.200  -20.800 9.456   1.00 54.94 ? 161 LYS A NZ  1 
ATOM   1294 N  N   . GLN A 1 162 ? 16.438  -14.080 7.342   1.00 35.60 ? 162 GLN A N   1 
ATOM   1295 C  CA  . GLN A 1 162 ? 16.787  -13.819 5.955   1.00 37.71 ? 162 GLN A CA  1 
ATOM   1296 C  C   . GLN A 1 162 ? 17.554  -12.514 5.835   1.00 34.88 ? 162 GLN A C   1 
ATOM   1297 O  O   . GLN A 1 162 ? 18.638  -12.468 5.253   1.00 28.40 ? 162 GLN A O   1 
ATOM   1298 C  CB  . GLN A 1 162 ? 15.527  -13.713 5.099   1.00 43.73 ? 162 GLN A CB  1 
ATOM   1299 C  CG  . GLN A 1 162 ? 14.752  -14.996 4.964   1.00 58.53 ? 162 GLN A CG  1 
ATOM   1300 C  CD  . GLN A 1 162 ? 13.669  -14.901 3.914   1.00 69.13 ? 162 GLN A CD  1 
ATOM   1301 O  OE1 . GLN A 1 162 ? 12.559  -15.407 4.099   1.00 74.68 ? 162 GLN A OE1 1 
ATOM   1302 N  NE2 . GLN A 1 162 ? 13.984  -14.250 2.796   1.00 75.45 ? 162 GLN A NE2 1 
ATOM   1303 N  N   . HIS A 1 163 ? 16.970  -11.462 6.397   1.00 35.45 ? 163 HIS A N   1 
ATOM   1304 C  CA  . HIS A 1 163 ? 17.547  -10.128 6.362   1.00 39.00 ? 163 HIS A CA  1 
ATOM   1305 C  C   . HIS A 1 163 ? 19.038  -10.166 6.614   1.00 42.24 ? 163 HIS A C   1 
ATOM   1306 O  O   . HIS A 1 163 ? 19.831  -9.966  5.692   1.00 46.87 ? 163 HIS A O   1 
ATOM   1307 C  CB  . HIS A 1 163 ? 16.846  -9.210  7.369   1.00 36.83 ? 163 HIS A CB  1 
ATOM   1308 C  CG  . HIS A 1 163 ? 15.424  -8.901  7.011   1.00 37.14 ? 163 HIS A CG  1 
ATOM   1309 N  ND1 . HIS A 1 163 ? 14.854  -9.299  5.820   1.00 35.72 ? 163 HIS A ND1 1 
ATOM   1310 C  CD2 . HIS A 1 163 ? 14.456  -8.247  7.691   1.00 37.44 ? 163 HIS A CD2 1 
ATOM   1311 C  CE1 . HIS A 1 163 ? 13.596  -8.903  5.783   1.00 41.11 ? 163 HIS A CE1 1 
ATOM   1312 N  NE2 . HIS A 1 163 ? 13.328  -8.262  6.906   1.00 42.31 ? 163 HIS A NE2 1 
ATOM   1313 N  N   . ARG A 1 164 ? 19.424  -10.440 7.851   1.00 41.17 ? 164 ARG A N   1 
ATOM   1314 C  CA  . ARG A 1 164 ? 20.833  -10.521 8.168   1.00 39.48 ? 164 ARG A CA  1 
ATOM   1315 C  C   . ARG A 1 164 ? 21.243  -11.988 8.060   1.00 36.78 ? 164 ARG A C   1 
ATOM   1316 O  O   . ARG A 1 164 ? 20.907  -12.815 8.908   1.00 35.59 ? 164 ARG A O   1 
ATOM   1317 C  CB  . ARG A 1 164 ? 21.121  -9.920  9.546   1.00 34.84 ? 164 ARG A CB  1 
ATOM   1318 C  CG  . ARG A 1 164 ? 20.661  -8.463  9.673   1.00 35.27 ? 164 ARG A CG  1 
ATOM   1319 C  CD  . ARG A 1 164 ? 21.694  -7.573  10.353  1.00 33.35 ? 164 ARG A CD  1 
ATOM   1320 N  NE  . ARG A 1 164 ? 21.808  -7.817  11.791  1.00 45.54 ? 164 ARG A NE  1 
ATOM   1321 C  CZ  . ARG A 1 164 ? 22.596  -7.121  12.608  1.00 52.28 ? 164 ARG A CZ  1 
ATOM   1322 N  NH1 . ARG A 1 164 ? 23.348  -6.128  12.138  1.00 56.89 ? 164 ARG A NH1 1 
ATOM   1323 N  NH2 . ARG A 1 164 ? 22.638  -7.422  13.901  1.00 57.88 ? 164 ARG A NH2 1 
ATOM   1324 N  N   . GLN A 1 165 ? 21.837  -12.302 6.914   1.00 34.95 ? 165 GLN A N   1 
ATOM   1325 C  CA  . GLN A 1 165 ? 22.319  -13.632 6.582   1.00 33.80 ? 165 GLN A CA  1 
ATOM   1326 C  C   . GLN A 1 165 ? 22.906  -13.621 5.169   1.00 35.31 ? 165 GLN A C   1 
ATOM   1327 O  O   . GLN A 1 165 ? 22.243  -13.066 4.264   1.00 35.86 ? 165 GLN A O   1 
ATOM   1328 C  CB  . GLN A 1 165 ? 21.197  -14.665 6.659   1.00 35.65 ? 165 GLN A CB  1 
ATOM   1329 C  CG  . GLN A 1 165 ? 21.708  -16.090 6.558   1.00 31.47 ? 165 GLN A CG  1 
ATOM   1330 C  CD  . GLN A 1 165 ? 20.605  -17.092 6.363   1.00 33.07 ? 165 GLN A CD  1 
ATOM   1331 O  OE1 . GLN A 1 165 ? 20.589  -18.147 7.000   1.00 38.55 ? 165 GLN A OE1 1 
ATOM   1332 N  NE2 . GLN A 1 165 ? 19.676  -16.780 5.466   1.00 31.23 ? 165 GLN A NE2 1 
HETATM 1333 ZN ZN  . ZN  B 2 .   ? 1.979   -3.771  0.761   1.00 21.25 ? 168 ZN  A ZN  1 
HETATM 1334 C  C5  . BB2 C 3 .   ? 2.108   -4.438  -3.220  1.00 15.38 ? 170 BB2 A C5  1 
HETATM 1335 C  C3  . BB2 C 3 .   ? 2.293   -3.807  -1.852  1.00 18.74 ? 170 BB2 A C3  1 
HETATM 1336 O  O4  . BB2 C 3 .   ? 3.108   -4.309  -1.038  1.00 20.44 ? 170 BB2 A O4  1 
HETATM 1337 N  N1  . BB2 C 3 .   ? 1.574   -2.700  -1.621  1.00 12.79 ? 170 BB2 A N1  1 
HETATM 1338 O  O2  . BB2 C 3 .   ? 1.592   -1.969  -0.439  1.00 14.31 ? 170 BB2 A O2  1 
HETATM 1339 C  C6  . BB2 C 3 .   ? 0.925   -5.397  -3.208  1.00 15.23 ? 170 BB2 A C6  1 
HETATM 1340 C  C12 . BB2 C 3 .   ? 1.114   -6.444  -4.292  1.00 18.96 ? 170 BB2 A C12 1 
HETATM 1341 O  O13 . BB2 C 3 .   ? 1.449   -6.120  -5.426  1.00 22.17 ? 170 BB2 A O13 1 
HETATM 1342 C  C7  . BB2 C 3 .   ? -0.374  -4.637  -3.474  1.00 13.58 ? 170 BB2 A C7  1 
HETATM 1343 C  C8  . BB2 C 3 .   ? -1.547  -5.028  -2.577  1.00 14.99 ? 170 BB2 A C8  1 
HETATM 1344 C  C9  . BB2 C 3 .   ? -1.838  -6.520  -2.616  1.00 11.29 ? 170 BB2 A C9  1 
HETATM 1345 C  C10 . BB2 C 3 .   ? -3.300  -6.782  -2.911  1.00 9.99  ? 170 BB2 A C10 1 
HETATM 1346 C  C11 . BB2 C 3 .   ? -4.184  -5.892  -2.090  1.00 9.86  ? 170 BB2 A C11 1 
HETATM 1347 N  N14 . BB2 C 3 .   ? 0.914   -7.704  -3.921  1.00 23.14 ? 170 BB2 A N14 1 
HETATM 1348 C  C15 . BB2 C 3 .   ? 1.034   -8.828  -4.843  1.00 22.64 ? 170 BB2 A C15 1 
HETATM 1349 C  C16 . BB2 C 3 .   ? 2.269   -9.717  -4.516  1.00 25.35 ? 170 BB2 A C16 1 
HETATM 1350 C  C18 . BB2 C 3 .   ? 3.535   -8.879  -4.425  1.00 24.75 ? 170 BB2 A C18 1 
HETATM 1351 C  C17 . BB2 C 3 .   ? 2.444   -10.775 -5.581  1.00 20.07 ? 170 BB2 A C17 1 
HETATM 1352 C  C19 . BB2 C 3 .   ? -0.245  -9.635  -4.645  1.00 24.39 ? 170 BB2 A C19 1 
HETATM 1353 O  O20 . BB2 C 3 .   ? -0.591  -9.967  -3.512  1.00 23.14 ? 170 BB2 A O20 1 
HETATM 1354 N  N21 . BB2 C 3 .   ? -0.989  -9.915  -5.733  1.00 31.28 ? 170 BB2 A N21 1 
HETATM 1355 C  C22 . BB2 C 3 .   ? -2.244  -10.679 -5.686  1.00 32.92 ? 170 BB2 A C22 1 
HETATM 1356 C  C23 . BB2 C 3 .   ? -0.775  -9.372  -7.085  1.00 31.99 ? 170 BB2 A C23 1 
HETATM 1357 C  C24 . BB2 C 3 .   ? -2.190  -9.258  -7.598  1.00 31.55 ? 170 BB2 A C24 1 
HETATM 1358 C  C25 . BB2 C 3 .   ? -2.777  -10.547 -7.119  1.00 32.38 ? 170 BB2 A C25 1 
HETATM 1359 C  C26 . BB2 C 3 .   ? -1.787  -12.096 -5.320  1.00 37.59 ? 170 BB2 A C26 1 
HETATM 1360 O  O27 . BB2 C 3 .   ? -2.832  -13.028 -5.570  1.00 51.82 ? 170 BB2 A O27 1 
HETATM 1361 O  O   . HOH D 4 .   ? -15.848 2.132   -10.166 1.00 35.38 ? 201 HOH A O   1 
HETATM 1362 O  O   . HOH D 4 .   ? 2.432   4.945   -17.937 1.00 20.27 ? 202 HOH A O   1 
HETATM 1363 O  O   . HOH D 4 .   ? -1.578  -4.809  -12.019 1.00 7.15  ? 203 HOH A O   1 
HETATM 1364 O  O   . HOH D 4 .   ? 5.861   13.313  7.371   1.00 22.79 ? 204 HOH A O   1 
HETATM 1365 O  O   . HOH D 4 .   ? 1.072   -5.960  15.634  1.00 26.53 ? 205 HOH A O   1 
HETATM 1366 O  O   . HOH D 4 .   ? 12.029  15.959  -5.752  1.00 22.64 ? 206 HOH A O   1 
HETATM 1367 O  O   . HOH D 4 .   ? 4.354   -11.005 -0.249  1.00 6.13  ? 207 HOH A O   1 
HETATM 1368 O  O   . HOH D 4 .   ? 16.626  -5.186  4.191   1.00 32.46 ? 208 HOH A O   1 
HETATM 1369 O  O   . HOH D 4 .   ? 12.651  -19.926 5.612   1.00 23.35 ? 209 HOH A O   1 
HETATM 1370 O  O   . HOH D 4 .   ? -1.867  -21.737 11.617  1.00 16.39 ? 210 HOH A O   1 
HETATM 1371 O  O   . HOH D 4 .   ? 8.751   7.381   14.784  1.00 10.28 ? 211 HOH A O   1 
HETATM 1372 O  O   . HOH D 4 .   ? -3.757  -10.249 17.011  1.00 5.67  ? 212 HOH A O   1 
HETATM 1373 O  O   . HOH D 4 .   ? -17.241 10.699  5.571   1.00 48.18 ? 213 HOH A O   1 
HETATM 1374 O  O   . HOH D 4 .   ? -2.063  -23.413 1.811   1.00 22.74 ? 214 HOH A O   1 
HETATM 1375 O  O   . HOH D 4 .   ? 8.399   4.673   14.329  1.00 21.94 ? 215 HOH A O   1 
HETATM 1376 O  O   . HOH D 4 .   ? -4.329  5.737   -15.368 1.00 35.78 ? 216 HOH A O   1 
HETATM 1377 O  O   . HOH D 4 .   ? -4.571  -22.609 11.134  1.00 23.42 ? 217 HOH A O   1 
HETATM 1378 O  O   . HOH D 4 .   ? -9.056  2.013   -11.111 1.00 16.19 ? 218 HOH A O   1 
HETATM 1379 O  O   . HOH D 4 .   ? -10.369 -0.918  -11.769 1.00 27.83 ? 219 HOH A O   1 
HETATM 1380 O  O   . HOH D 4 .   ? 15.377  6.695   3.385   1.00 22.53 ? 220 HOH A O   1 
HETATM 1381 O  O   . HOH D 4 .   ? -17.483 15.871  -2.671  1.00 32.82 ? 221 HOH A O   1 
HETATM 1382 O  O   . HOH D 4 .   ? 15.337  4.398   -1.110  1.00 25.18 ? 222 HOH A O   1 
HETATM 1383 O  O   . HOH D 4 .   ? 20.970  -2.150  -6.913  1.00 38.26 ? 223 HOH A O   1 
HETATM 1384 O  O   . HOH D 4 .   ? 1.250   15.384  -13.946 1.00 19.03 ? 224 HOH A O   1 
HETATM 1385 O  O   . HOH D 4 .   ? 5.998   23.164  -2.076  1.00 21.79 ? 225 HOH A O   1 
HETATM 1386 O  O   . HOH D 4 .   ? 14.634  -6.589  17.362  1.00 41.31 ? 226 HOH A O   1 
HETATM 1387 O  O   . HOH D 4 .   ? 14.386  -2.107  -2.128  1.00 21.11 ? 227 HOH A O   1 
HETATM 1388 O  O   . HOH D 4 .   ? 1.047   17.685  6.833   1.00 10.43 ? 228 HOH A O   1 
HETATM 1389 O  O   . HOH D 4 .   ? 8.343   10.791  12.097  1.00 30.86 ? 229 HOH A O   1 
HETATM 1390 O  O   . HOH D 4 .   ? 11.142  7.934   -11.661 1.00 10.96 ? 230 HOH A O   1 
HETATM 1391 O  O   . HOH D 4 .   ? 10.566  15.232  8.341   1.00 30.79 ? 231 HOH A O   1 
HETATM 1392 O  O   . HOH D 4 .   ? 5.655   20.617  -15.939 1.00 28.97 ? 232 HOH A O   1 
HETATM 1393 O  O   . HOH D 4 .   ? 3.883   18.035  0.139   1.00 33.94 ? 233 HOH A O   1 
HETATM 1394 O  O   . HOH D 4 .   ? 9.754   7.223   10.829  1.00 15.54 ? 234 HOH A O   1 
HETATM 1395 O  O   . HOH D 4 .   ? 7.590   -3.055  13.607  1.00 17.01 ? 235 HOH A O   1 
HETATM 1396 O  O   . HOH D 4 .   ? 19.612  5.970   -7.727  1.00 33.78 ? 236 HOH A O   1 
HETATM 1397 O  O   . HOH D 4 .   ? 10.479  -6.386  -1.542  1.00 13.72 ? 237 HOH A O   1 
HETATM 1398 O  O   . HOH D 4 .   ? 17.045  5.775   -5.632  1.00 40.42 ? 238 HOH A O   1 
HETATM 1399 O  O   . HOH D 4 .   ? 10.598  -19.372 -0.336  1.00 19.23 ? 239 HOH A O   1 
HETATM 1400 O  O   . HOH D 4 .   ? 15.216  10.023  -2.493  1.00 42.35 ? 240 HOH A O   1 
HETATM 1401 O  O   . HOH D 4 .   ? 9.377   -15.914 -2.008  1.00 43.40 ? 241 HOH A O   1 
HETATM 1402 O  O   . HOH D 4 .   ? 0.718   23.382  -6.949  1.00 28.95 ? 242 HOH A O   1 
HETATM 1403 O  O   . HOH D 4 .   ? -6.691  -9.539  15.101  1.00 15.07 ? 243 HOH A O   1 
HETATM 1404 O  O   . HOH D 4 .   ? 13.327  -5.056  8.771   1.00 37.95 ? 244 HOH A O   1 
HETATM 1405 O  O   . HOH D 4 .   ? 7.285   -3.459  10.361  1.00 27.63 ? 245 HOH A O   1 
HETATM 1406 O  O   . HOH D 4 .   ? 11.523  -2.244  -6.982  1.00 11.41 ? 246 HOH A O   1 
HETATM 1407 O  O   . HOH D 4 .   ? 22.635  -27.831 4.308   1.00 40.70 ? 247 HOH A O   1 
HETATM 1408 O  O   . HOH D 4 .   ? 7.630   25.000  -14.266 1.00 25.62 ? 248 HOH A O   1 
HETATM 1409 O  O   . HOH D 4 .   ? 8.492   -22.557 2.294   1.00 27.06 ? 249 HOH A O   1 
HETATM 1410 O  O   . HOH D 4 .   ? 4.654   23.845  -8.320  1.00 32.37 ? 250 HOH A O   1 
HETATM 1411 O  O   . HOH D 4 .   ? 15.483  -9.189  17.866  1.00 33.19 ? 251 HOH A O   1 
HETATM 1412 O  O   . HOH D 4 .   ? -9.455  -1.883  8.987   1.00 21.67 ? 252 HOH A O   1 
HETATM 1413 O  O   . HOH D 4 .   ? -2.215  19.942  -15.286 1.00 39.89 ? 253 HOH A O   1 
HETATM 1414 O  O   . HOH D 4 .   ? -7.575  -14.902 -3.412  1.00 48.21 ? 254 HOH A O   1 
HETATM 1415 O  O   . HOH D 4 .   ? 13.794  -2.981  6.473   1.00 36.34 ? 255 HOH A O   1 
HETATM 1416 O  O   . HOH D 4 .   ? -4.414  -4.702  14.766  1.00 23.26 ? 256 HOH A O   1 
HETATM 1417 O  O   . HOH D 4 .   ? 7.756   -18.311 -1.813  1.00 18.24 ? 257 HOH A O   1 
HETATM 1418 O  O   . HOH D 4 .   ? 4.518   8.589   13.637  1.00 40.14 ? 258 HOH A O   1 
HETATM 1419 O  O   . HOH D 4 .   ? 10.086  -10.010 -6.585  1.00 37.03 ? 259 HOH A O   1 
HETATM 1420 O  O   . HOH D 4 .   ? -2.340  -19.142 12.413  1.00 15.71 ? 260 HOH A O   1 
HETATM 1421 O  O   . HOH D 4 .   ? 9.247   -3.590  -16.047 1.00 24.38 ? 261 HOH A O   1 
HETATM 1422 O  O   . HOH D 4 .   ? 15.764  -11.837 15.827  1.00 25.68 ? 262 HOH A O   1 
HETATM 1423 O  O   . HOH D 4 .   ? 16.164  -8.004  10.748  1.00 37.69 ? 263 HOH A O   1 
HETATM 1424 O  O   . HOH D 4 .   ? 5.950   1.005   16.341  1.00 17.42 ? 264 HOH A O   1 
HETATM 1425 O  O   . HOH D 4 .   ? 2.643   -0.138  16.126  1.00 27.20 ? 265 HOH A O   1 
HETATM 1426 O  O   . HOH D 4 .   ? 10.393  6.309   -13.820 1.00 33.15 ? 266 HOH A O   1 
HETATM 1427 O  O   . HOH D 4 .   ? 8.667   12.634  8.090   1.00 24.09 ? 267 HOH A O   1 
HETATM 1428 O  O   . HOH D 4 .   ? 16.464  8.427   -11.841 1.00 36.68 ? 268 HOH A O   1 
HETATM 1429 O  O   . HOH D 4 .   ? -1.205  23.922  14.155  1.00 47.62 ? 269 HOH A O   1 
HETATM 1430 O  O   . HOH D 4 .   ? 16.351  10.614  -9.874  1.00 33.63 ? 270 HOH A O   1 
HETATM 1431 O  O   . HOH D 4 .   ? 0.132   0.532   14.153  1.00 28.16 ? 271 HOH A O   1 
HETATM 1432 O  O   . HOH D 4 .   ? 16.411  -4.022  -0.973  1.00 34.76 ? 272 HOH A O   1 
HETATM 1433 O  O   . HOH D 4 .   ? -5.071  4.536   -20.063 1.00 31.54 ? 273 HOH A O   1 
HETATM 1434 O  O   . HOH D 4 .   ? -21.893 -6.737  10.533  1.00 19.02 ? 274 HOH A O   1 
HETATM 1435 O  O   . HOH D 4 .   ? -22.652 -2.144  -10.464 1.00 29.91 ? 275 HOH A O   1 
HETATM 1436 O  O   . HOH D 4 .   ? -9.578  3.236   -14.485 1.00 33.59 ? 276 HOH A O   1 
HETATM 1437 O  O   . HOH D 4 .   ? -26.485 7.448   -7.118  1.00 33.93 ? 277 HOH A O   1 
HETATM 1438 O  O   . HOH D 4 .   ? -12.529 3.130   -13.393 1.00 22.63 ? 278 HOH A O   1 
HETATM 1439 O  O   . HOH D 4 .   ? -14.884 12.151  4.704   1.00 39.04 ? 279 HOH A O   1 
HETATM 1440 O  O   . HOH D 4 .   ? -10.141 -4.337  10.611  1.00 20.66 ? 280 HOH A O   1 
HETATM 1441 O  O   . HOH D 4 .   ? -18.613 5.755   -8.321  1.00 31.58 ? 281 HOH A O   1 
HETATM 1442 O  O   . HOH D 4 .   ? -15.317 2.531   10.657  1.00 27.19 ? 282 HOH A O   1 
HETATM 1443 O  O   . HOH D 4 .   ? 2.489   12.210  12.428  1.00 34.71 ? 283 HOH A O   1 
HETATM 1444 O  O   . HOH D 4 .   ? 22.654  7.303   -7.619  1.00 34.48 ? 284 HOH A O   1 
HETATM 1445 O  O   . HOH D 4 .   ? 3.144   18.297  -15.170 1.00 28.21 ? 285 HOH A O   1 
HETATM 1446 O  O   . HOH D 4 .   ? -0.387  -2.755  4.538   1.00 27.12 ? 286 HOH A O   1 
HETATM 1447 O  O   . HOH D 4 .   ? 9.149   19.988  14.417  1.00 29.51 ? 287 HOH A O   1 
HETATM 1448 O  O   . HOH D 4 .   ? -16.097 0.268   9.235   1.00 30.92 ? 288 HOH A O   1 
HETATM 1449 O  O   . HOH D 4 .   ? -12.799 13.693  5.450   1.00 25.57 ? 289 HOH A O   1 
HETATM 1450 O  O   . HOH D 4 .   ? -22.519 7.484   -5.499  1.00 17.83 ? 290 HOH A O   1 
HETATM 1451 O  O   . HOH D 4 .   ? -2.961  -9.396  -14.462 1.00 26.62 ? 291 HOH A O   1 
HETATM 1452 O  O   . HOH D 4 .   ? -11.752 2.545   7.931   1.00 28.01 ? 292 HOH A O   1 
HETATM 1453 O  O   . HOH D 4 .   ? 9.028   14.442  -1.661  1.00 22.26 ? 293 HOH A O   1 
HETATM 1454 O  O   . HOH D 4 .   ? -0.330  10.174  15.863  1.00 35.47 ? 294 HOH A O   1 
HETATM 1455 O  O   . HOH D 4 .   ? -13.031 0.984   -10.542 1.00 21.20 ? 295 HOH A O   1 
HETATM 1456 O  O   . HOH D 4 .   ? 21.432  8.168   -3.645  1.00 44.25 ? 296 HOH A O   1 
HETATM 1457 O  O   . HOH D 4 .   ? -9.846  -6.924  8.888   1.00 40.62 ? 297 HOH A O   1 
HETATM 1458 O  O   . HOH D 4 .   ? 4.373   -16.446 -6.660  1.00 28.30 ? 298 HOH A O   1 
HETATM 1459 O  O   . HOH D 4 .   ? -4.615  -16.444 9.153   1.00 19.33 ? 299 HOH A O   1 
HETATM 1460 O  O   . HOH D 4 .   ? -10.265 -10.577 13.106  1.00 41.91 ? 300 HOH A O   1 
HETATM 1461 O  O   . HOH D 4 .   ? -4.840  -14.372 -6.993  1.00 33.14 ? 301 HOH A O   1 
HETATM 1462 O  O   . HOH D 4 .   ? -2.960  -4.608  5.711   1.00 27.44 ? 302 HOH A O   1 
HETATM 1463 O  O   . HOH D 4 .   ? 12.374  -6.137  -6.214  1.00 42.65 ? 303 HOH A O   1 
HETATM 1464 O  O   . HOH D 4 .   ? -2.173  -21.701 7.312   1.00 42.43 ? 304 HOH A O   1 
HETATM 1465 O  O   . HOH D 4 .   ? 12.943  26.250  -8.542  1.00 32.43 ? 305 HOH A O   1 
HETATM 1466 O  O   . HOH D 4 .   ? -25.375 -5.377  0.561   1.00 36.83 ? 306 HOH A O   1 
HETATM 1467 O  O   . HOH D 4 .   ? 4.266   -7.313  14.908  1.00 34.13 ? 307 HOH A O   1 
HETATM 1468 O  O   . HOH D 4 .   ? -8.743  5.272   6.079   1.00 21.11 ? 308 HOH A O   1 
HETATM 1469 O  O   . HOH D 4 .   ? -8.702  1.827   12.964  1.00 25.53 ? 309 HOH A O   1 
HETATM 1470 O  O   . HOH D 4 .   ? 1.014   -16.486 -5.237  1.00 38.20 ? 310 HOH A O   1 
HETATM 1471 O  O   . HOH D 4 .   ? -7.509  -14.804 10.726  1.00 32.54 ? 311 HOH A O   1 
HETATM 1472 O  O   . HOH D 4 .   ? -9.039  -9.507  10.096  1.00 32.58 ? 312 HOH A O   1 
HETATM 1473 O  O   . HOH D 4 .   ? 12.651  13.169  -15.049 1.00 31.78 ? 313 HOH A O   1 
HETATM 1474 O  O   . HOH D 4 .   ? -23.814 -0.377  -2.557  1.00 19.98 ? 314 HOH A O   1 
HETATM 1475 O  O   . HOH D 4 .   ? -6.363  17.028  -12.802 1.00 41.67 ? 315 HOH A O   1 
HETATM 1476 O  O   . HOH D 4 .   ? 0.433   -6.959  -20.931 1.00 50.80 ? 316 HOH A O   1 
HETATM 1477 O  O   . HOH D 4 .   ? 11.374  11.155  -12.730 1.00 43.26 ? 317 HOH A O   1 
HETATM 1478 O  O   . HOH D 4 .   ? 9.302   11.019  5.311   1.00 29.61 ? 318 HOH A O   1 
HETATM 1479 O  O   . HOH D 4 .   ? 5.343   -4.163  -13.019 1.00 44.28 ? 319 HOH A O   1 
HETATM 1480 O  O   . HOH D 4 .   ? 10.222  -18.701 11.806  1.00 34.67 ? 320 HOH A O   1 
HETATM 1481 O  O   . HOH D 4 .   ? 16.136  9.608   -6.669  1.00 51.81 ? 321 HOH A O   1 
HETATM 1482 O  O   . HOH D 4 .   ? 15.269  3.430   2.494   1.00 36.60 ? 322 HOH A O   1 
HETATM 1483 O  O   . HOH D 4 .   ? -2.351  8.831   -13.478 1.00 32.88 ? 323 HOH A O   1 
HETATM 1484 O  O   . HOH D 4 .   ? -13.206 -1.965  12.600  1.00 26.53 ? 324 HOH A O   1 
HETATM 1485 O  O   . HOH D 4 .   ? 6.824   15.237  9.895   1.00 22.69 ? 325 HOH A O   1 
HETATM 1486 O  O   . HOH D 4 .   ? -23.526 13.294  0.684   1.00 43.60 ? 326 HOH A O   1 
HETATM 1487 O  O   . HOH D 4 .   ? -5.865  1.551   -12.687 1.00 47.88 ? 327 HOH A O   1 
HETATM 1488 O  O   . HOH D 4 .   ? -19.630 -1.795  -11.269 1.00 43.87 ? 328 HOH A O   1 
HETATM 1489 O  O   . HOH D 4 .   ? -6.658  8.695   -14.308 1.00 43.35 ? 329 HOH A O   1 
HETATM 1490 O  O   . HOH D 4 .   ? -22.624 10.106  1.118   1.00 38.85 ? 330 HOH A O   1 
HETATM 1491 O  O   . HOH D 4 .   ? -10.572 -5.452  6.551   1.00 48.45 ? 331 HOH A O   1 
HETATM 1492 O  O   . HOH D 4 .   ? -15.521 15.493  -12.825 1.00 44.62 ? 332 HOH A O   1 
HETATM 1493 O  O   . HOH D 4 .   ? -8.973  10.550  -11.030 1.00 25.68 ? 333 HOH A O   1 
HETATM 1494 O  O   . HOH D 4 .   ? 11.353  14.173  5.358   1.00 35.42 ? 334 HOH A O   1 
HETATM 1495 O  O   . HOH D 4 .   ? -14.253 -3.447  -12.379 1.00 36.28 ? 335 HOH A O   1 
HETATM 1496 O  O   . HOH D 4 .   ? -7.594  6.096   -15.205 1.00 30.34 ? 336 HOH A O   1 
HETATM 1497 O  O   . HOH D 4 .   ? 18.078  -14.604 12.917  1.00 19.95 ? 337 HOH A O   1 
HETATM 1498 O  O   . HOH D 4 .   ? -5.690  16.673  4.360   1.00 31.50 ? 338 HOH A O   1 
HETATM 1499 O  O   . HOH D 4 .   ? -21.894 10.715  -2.756  1.00 34.88 ? 339 HOH A O   1 
HETATM 1500 O  O   . HOH D 4 .   ? -3.359  -7.319  -11.816 1.00 31.21 ? 340 HOH A O   1 
HETATM 1501 O  O   . HOH D 4 .   ? -13.149 -4.663  16.377  1.00 38.92 ? 341 HOH A O   1 
HETATM 1502 O  O   . HOH D 4 .   ? 7.315   18.476  -1.098  1.00 38.75 ? 342 HOH A O   1 
HETATM 1503 O  O   . HOH D 4 .   ? 11.387  13.400  -4.887  1.00 16.12 ? 343 HOH A O   1 
HETATM 1504 O  O   . HOH D 4 .   ? -6.729  -1.108  12.705  1.00 37.95 ? 344 HOH A O   1 
HETATM 1505 O  O   . HOH D 4 .   ? -1.730  20.945  -6.596  1.00 37.95 ? 345 HOH A O   1 
HETATM 1506 O  O   . HOH D 4 .   ? 17.895  -3.327  1.477   1.00 34.02 ? 346 HOH A O   1 
HETATM 1507 O  O   . HOH D 4 .   ? -16.177 4.956   -10.929 1.00 33.21 ? 347 HOH A O   1 
HETATM 1508 O  O   . HOH D 4 .   ? 16.052  -4.766  7.320   1.00 42.33 ? 348 HOH A O   1 
HETATM 1509 O  O   . HOH D 4 .   ? 7.481   -12.067 -2.937  1.00 39.28 ? 349 HOH A O   1 
HETATM 1510 O  O   . HOH D 4 .   ? 20.004  -12.574 12.158  1.00 18.19 ? 350 HOH A O   1 
# 
